data_8GEK
#
_entry.id   8GEK
#
_cell.length_a   101.112
_cell.length_b   132.920
_cell.length_c   154.904
_cell.angle_alpha   90.00
_cell.angle_beta   99.79
_cell.angle_gamma   90.00
#
_symmetry.space_group_name_H-M   'C 1 2 1'
#
loop_
_entity.id
_entity.type
_entity.pdbx_description
1 polymer '4-hydroxy-tetrahydrodipicolinate synthase'
2 water water
#
_entity_poly.entity_id   1
_entity_poly.type   'polypeptide(L)'
_entity_poly.pdbx_seq_one_letter_code
;MFQRSIPALITPFTKDNLIDEDSFVDHIEWQISEGSSGLVPAGTTGESSTLSYEEHCRVVELCVKTAAGRVPVMAGAGSN
NTKESIELAQYAQNTGADALLVVVPYYNKPNKKGLLAHFGSIANAVSLPIYIYNNPSRTVIEMDVDTMAELVKTYSNIVG
V(VPV)DATGRIELASGQRIACGSDFIQLSGDDSSALGFNVHGGVGCISVTANVAPRICAEFQKAISEGDYRQALEYQDK
LFPLHQALFIEPSISSVKYALSRLGRNVSLVVRAPMVSILEKETMFAIDQALDHIGLCAG
;
_entity_poly.pdbx_strand_id   A,B,C,D,E,F
#
# COMPACT_ATOMS: atom_id res chain seq x y z
N MET A 1 32.31 -43.37 12.35
N MET A 1 30.97 -44.57 12.41
CA MET A 1 30.82 -43.46 12.37
CA MET A 1 31.55 -43.31 11.91
C MET A 1 30.17 -42.31 11.61
C MET A 1 30.57 -42.34 11.29
N PHE A 2 30.74 -41.10 11.72
CA PHE A 2 30.20 -39.93 11.07
C PHE A 2 31.24 -39.44 10.09
N GLN A 3 30.83 -39.24 8.85
CA GLN A 3 31.75 -38.85 7.79
C GLN A 3 30.93 -38.38 6.60
N ARG A 4 31.59 -37.63 5.72
CA ARG A 4 30.95 -37.09 4.49
C ARG A 4 29.78 -36.18 4.88
N SER A 5 28.65 -36.21 4.16
CA SER A 5 27.64 -35.16 4.26
C SER A 5 26.55 -35.55 5.25
N ILE A 6 26.40 -34.74 6.29
CA ILE A 6 25.47 -34.97 7.41
C ILE A 6 24.59 -33.73 7.57
N PRO A 7 23.33 -33.75 7.16
CA PRO A 7 22.50 -32.54 7.34
C PRO A 7 22.18 -32.29 8.81
N ALA A 8 22.27 -31.03 9.18
CA ALA A 8 21.65 -30.52 10.40
C ALA A 8 20.20 -30.29 10.03
N LEU A 9 19.36 -31.27 10.34
CA LEU A 9 18.00 -31.29 9.82
C LEU A 9 17.15 -30.13 10.29
N ILE A 10 16.39 -29.56 9.35
CA ILE A 10 15.30 -28.65 9.71
C ILE A 10 14.23 -29.44 10.48
N THR A 11 13.47 -28.73 11.28
CA THR A 11 12.27 -29.26 11.91
C THR A 11 11.07 -28.60 11.24
N PRO A 12 10.34 -29.29 10.38
CA PRO A 12 9.17 -28.66 9.74
C PRO A 12 8.00 -28.56 10.70
N PHE A 13 7.20 -27.51 10.49
CA PHE A 13 6.02 -27.25 11.30
C PHE A 13 4.78 -27.18 10.41
N THR A 14 3.62 -27.42 11.01
CA THR A 14 2.35 -27.29 10.30
C THR A 14 1.89 -25.83 10.30
N LYS A 15 0.83 -25.55 9.51
CA LYS A 15 0.20 -24.23 9.57
C LYS A 15 -0.31 -23.92 10.98
N ASP A 16 -0.60 -24.94 11.77
CA ASP A 16 -1.00 -24.74 13.16
C ASP A 16 0.18 -24.71 14.13
N ASN A 17 1.40 -24.72 13.62
CA ASN A 17 2.59 -24.64 14.45
C ASN A 17 2.82 -25.88 15.31
N LEU A 18 2.38 -27.05 14.86
CA LEU A 18 2.80 -28.30 15.45
C LEU A 18 3.94 -28.87 14.61
N ILE A 19 4.68 -29.81 15.20
CA ILE A 19 5.68 -30.54 14.43
C ILE A 19 4.99 -31.29 13.30
N ASP A 20 5.45 -31.08 12.07
CA ASP A 20 4.92 -31.77 10.89
C ASP A 20 5.66 -33.10 10.81
N GLU A 21 5.16 -34.09 11.54
CA GLU A 21 5.86 -35.37 11.64
C GLU A 21 5.99 -36.04 10.29
N ASP A 22 4.95 -35.95 9.45
CA ASP A 22 5.00 -36.58 8.13
C ASP A 22 6.05 -35.92 7.25
N SER A 23 6.11 -34.60 7.28
CA SER A 23 7.11 -33.89 6.49
C SER A 23 8.52 -34.23 6.97
N PHE A 24 8.70 -34.35 8.29
CA PHE A 24 10.00 -34.68 8.86
C PHE A 24 10.45 -36.08 8.43
N VAL A 25 9.55 -37.06 8.53
CA VAL A 25 9.88 -38.41 8.09
C VAL A 25 10.23 -38.41 6.60
N ASP A 26 9.44 -37.73 5.76
CA ASP A 26 9.75 -37.73 4.33
C ASP A 26 11.09 -37.07 4.06
N HIS A 27 11.41 -36.00 4.80
CA HIS A 27 12.70 -35.33 4.63
C HIS A 27 13.85 -36.26 4.95
N ILE A 28 13.76 -37.00 6.06
CA ILE A 28 14.83 -37.92 6.42
C ILE A 28 14.99 -39.00 5.34
N GLU A 29 13.86 -39.61 4.93
CA GLU A 29 13.95 -40.69 3.95
C GLU A 29 14.54 -40.17 2.64
N TRP A 30 14.16 -38.95 2.23
CA TRP A 30 14.74 -38.36 1.03
C TRP A 30 16.23 -38.09 1.23
N GLN A 31 16.62 -37.53 2.38
CA GLN A 31 18.06 -37.32 2.64
C GLN A 31 18.86 -38.61 2.50
N ILE A 32 18.39 -39.69 3.12
CA ILE A 32 19.10 -40.96 3.02
C ILE A 32 19.20 -41.40 1.56
N SER A 33 18.08 -41.37 0.85
CA SER A 33 18.09 -41.86 -0.53
C SER A 33 18.97 -41.02 -1.44
N GLU A 34 19.28 -39.78 -1.06
CA GLU A 34 20.10 -38.92 -1.89
C GLU A 34 21.58 -38.98 -1.54
N GLY A 35 21.96 -39.67 -0.47
CA GLY A 35 23.36 -39.90 -0.15
C GLY A 35 23.86 -39.32 1.19
N SER A 36 23.05 -38.57 1.94
CA SER A 36 23.48 -38.16 3.27
C SER A 36 23.88 -39.37 4.09
N SER A 37 24.97 -39.22 4.85
CA SER A 37 25.64 -40.31 5.54
C SER A 37 25.30 -40.41 7.02
N GLY A 38 24.50 -39.50 7.53
CA GLY A 38 24.21 -39.44 8.93
C GLY A 38 23.24 -38.29 9.10
N LEU A 39 22.68 -38.18 10.31
CA LEU A 39 21.64 -37.17 10.56
C LEU A 39 21.87 -36.49 11.91
N VAL A 40 21.64 -35.19 11.95
CA VAL A 40 21.64 -34.42 13.18
C VAL A 40 20.26 -33.80 13.37
N PRO A 41 19.40 -34.46 14.18
CA PRO A 41 18.11 -33.85 14.52
C PRO A 41 18.21 -32.90 15.71
N ALA A 42 17.33 -31.88 15.70
CA ALA A 42 17.20 -30.94 16.82
C ALA A 42 18.51 -30.21 17.13
N GLY A 43 19.22 -29.79 16.09
CA GLY A 43 20.33 -28.87 16.23
C GLY A 43 19.88 -27.45 16.02
N THR A 44 20.86 -26.59 15.70
CA THR A 44 20.57 -25.18 15.48
C THR A 44 19.64 -24.99 14.30
N THR A 45 20.00 -25.55 13.14
CA THR A 45 19.13 -25.51 11.96
C THR A 45 17.79 -26.18 12.21
N GLY A 46 17.71 -27.08 13.17
CA GLY A 46 16.48 -27.69 13.60
C GLY A 46 15.65 -26.89 14.59
N GLU A 47 16.01 -25.62 14.80
CA GLU A 47 15.27 -24.69 15.66
C GLU A 47 15.13 -25.22 17.07
N SER A 48 16.19 -25.84 17.58
CA SER A 48 16.17 -26.35 18.94
C SER A 48 15.75 -25.30 19.95
N SER A 49 16.11 -24.03 19.72
CA SER A 49 15.86 -22.98 20.71
C SER A 49 14.36 -22.72 20.92
N THR A 50 13.54 -22.99 19.90
CA THR A 50 12.11 -22.76 19.96
C THR A 50 11.29 -24.05 20.08
N LEU A 51 11.95 -25.19 20.29
CA LEU A 51 11.28 -26.44 20.64
C LEU A 51 11.13 -26.55 22.16
N SER A 52 9.98 -27.04 22.62
CA SER A 52 9.85 -27.44 24.01
C SER A 52 10.70 -28.70 24.26
N TYR A 53 10.87 -29.03 25.55
CA TYR A 53 11.60 -30.25 25.89
C TYR A 53 10.95 -31.46 25.23
N GLU A 54 9.62 -31.57 25.31
CA GLU A 54 8.95 -32.74 24.78
C GLU A 54 9.00 -32.78 23.26
N GLU A 55 8.96 -31.62 22.60
CA GLU A 55 9.09 -31.61 21.14
C GLU A 55 10.50 -32.01 20.71
N HIS A 56 11.52 -31.43 21.35
CA HIS A 56 12.90 -31.81 21.07
C HIS A 56 13.06 -33.32 21.17
N CYS A 57 12.64 -33.90 22.30
CA CYS A 57 12.72 -35.34 22.45
C CYS A 57 11.99 -36.06 21.33
N ARG A 58 10.79 -35.58 20.97
CA ARG A 58 10.00 -36.24 19.93
C ARG A 58 10.70 -36.16 18.57
N VAL A 59 11.35 -35.03 18.28
CA VAL A 59 12.10 -34.92 17.03
C VAL A 59 13.25 -35.93 17.01
N VAL A 60 13.95 -36.11 18.13
CA VAL A 60 15.05 -37.07 18.16
C VAL A 60 14.55 -38.50 18.02
N GLU A 61 13.49 -38.85 18.77
CA GLU A 61 12.91 -40.18 18.70
C GLU A 61 12.50 -40.53 17.28
N LEU A 62 11.82 -39.60 16.63
CA LEU A 62 11.33 -39.81 15.27
C LEU A 62 12.48 -40.00 14.29
N CYS A 63 13.55 -39.22 14.45
CA CYS A 63 14.68 -39.34 13.55
C CYS A 63 15.35 -40.70 13.73
N VAL A 64 15.49 -41.16 14.98
CA VAL A 64 16.09 -42.47 15.24
C VAL A 64 15.23 -43.58 14.62
N LYS A 65 13.93 -43.48 14.84
CA LYS A 65 12.95 -44.46 14.34
C LYS A 65 13.01 -44.52 12.82
N THR A 66 13.07 -43.36 12.17
CA THR A 66 13.03 -43.30 10.73
C THR A 66 14.34 -43.76 10.11
N ALA A 67 15.48 -43.46 10.73
CA ALA A 67 16.76 -43.88 10.16
C ALA A 67 16.86 -45.40 10.12
N ALA A 68 16.29 -46.09 11.10
CA ALA A 68 16.18 -47.55 11.08
C ALA A 68 17.54 -48.21 10.87
N GLY A 69 18.57 -47.61 11.49
CA GLY A 69 19.90 -48.15 11.41
C GLY A 69 20.60 -47.98 10.08
N ARG A 70 19.98 -47.34 9.10
CA ARG A 70 20.62 -47.17 7.80
C ARG A 70 21.79 -46.19 7.87
N VAL A 71 21.63 -45.12 8.65
CA VAL A 71 22.66 -44.10 8.86
C VAL A 71 22.65 -43.72 10.32
N PRO A 72 23.79 -43.32 10.87
CA PRO A 72 23.84 -42.96 12.29
C PRO A 72 23.21 -41.60 12.57
N VAL A 73 22.76 -41.46 13.82
CA VAL A 73 22.00 -40.29 14.27
C VAL A 73 22.76 -39.65 15.42
N MET A 74 23.15 -38.39 15.24
CA MET A 74 23.81 -37.58 16.26
C MET A 74 22.78 -36.56 16.76
N ALA A 75 22.24 -36.79 17.94
CA ALA A 75 21.17 -35.97 18.46
C ALA A 75 21.71 -34.66 19.03
N GLY A 76 21.09 -33.55 18.67
CA GLY A 76 21.32 -32.32 19.39
C GLY A 76 20.97 -32.53 20.85
N ALA A 77 21.90 -32.25 21.76
CA ALA A 77 21.69 -32.53 23.17
C ALA A 77 22.45 -31.50 23.99
N GLY A 78 22.26 -30.24 23.67
CA GLY A 78 23.05 -29.20 24.28
C GLY A 78 22.32 -27.89 24.37
N SER A 79 22.32 -27.31 25.56
CA SER A 79 21.86 -25.95 25.78
C SER A 79 22.91 -25.23 26.62
N ASN A 80 22.56 -24.07 27.17
CA ASN A 80 23.44 -23.36 28.07
C ASN A 80 23.11 -23.65 29.52
N ASN A 81 22.33 -24.71 29.76
CA ASN A 81 21.91 -25.22 31.06
C ASN A 81 22.39 -26.66 31.16
N THR A 82 23.39 -26.92 32.01
CA THR A 82 23.99 -28.25 32.06
C THR A 82 22.98 -29.32 32.45
N LYS A 83 22.13 -29.03 33.44
CA LYS A 83 21.16 -30.04 33.86
C LYS A 83 20.21 -30.41 32.73
N GLU A 84 19.77 -29.41 31.97
CA GLU A 84 18.90 -29.66 30.82
C GLU A 84 19.64 -30.43 29.73
N SER A 85 20.93 -30.11 29.55
CA SER A 85 21.75 -30.84 28.59
C SER A 85 21.84 -32.32 28.96
N ILE A 86 22.09 -32.60 30.23
CA ILE A 86 22.11 -33.99 30.69
C ILE A 86 20.78 -34.66 30.41
N GLU A 87 19.68 -33.95 30.61
CA GLU A 87 18.37 -34.56 30.40
C GLU A 87 18.12 -34.83 28.93
N LEU A 88 18.45 -33.90 28.04
CA LEU A 88 18.34 -34.16 26.61
C LEU A 88 19.28 -35.29 26.17
N ALA A 89 20.49 -35.34 26.75
CA ALA A 89 21.45 -36.36 26.37
C ALA A 89 20.97 -37.75 26.77
N GLN A 90 20.46 -37.89 28.00
CA GLN A 90 20.00 -39.18 28.47
C GLN A 90 18.76 -39.64 27.74
N TYR A 91 17.85 -38.72 27.41
CA TYR A 91 16.74 -39.08 26.55
C TYR A 91 17.25 -39.65 25.23
N ALA A 92 18.17 -38.94 24.59
CA ALA A 92 18.69 -39.36 23.29
C ALA A 92 19.28 -40.76 23.38
N GLN A 93 20.03 -41.04 24.43
CA GLN A 93 20.64 -42.37 24.57
C GLN A 93 19.56 -43.44 24.70
N ASN A 94 18.56 -43.20 25.56
CA ASN A 94 17.55 -44.20 25.83
C ASN A 94 16.63 -44.44 24.64
N THR A 95 16.52 -43.51 23.70
CA THR A 95 15.69 -43.73 22.53
C THR A 95 16.49 -44.28 21.35
N GLY A 96 17.81 -44.34 21.45
CA GLY A 96 18.62 -45.06 20.48
C GLY A 96 19.50 -44.22 19.57
N ALA A 97 19.70 -42.95 19.89
CA ALA A 97 20.69 -42.16 19.15
C ALA A 97 22.07 -42.82 19.23
N ASP A 98 22.89 -42.57 18.21
CA ASP A 98 24.23 -43.12 18.12
C ASP A 98 25.28 -42.22 18.73
N ALA A 99 25.00 -40.92 18.85
CA ALA A 99 25.95 -39.97 19.39
C ALA A 99 25.21 -38.69 19.73
N LEU A 100 25.94 -37.76 20.34
CA LEU A 100 25.40 -36.50 20.83
C LEU A 100 26.21 -35.33 20.30
N LEU A 101 25.50 -34.27 19.90
CA LEU A 101 26.10 -32.98 19.55
C LEU A 101 25.80 -32.00 20.68
N VAL A 102 26.86 -31.50 21.31
CA VAL A 102 26.79 -30.65 22.50
C VAL A 102 27.48 -29.32 22.21
N VAL A 103 26.70 -28.26 22.10
CA VAL A 103 27.22 -26.93 21.81
C VAL A 103 27.91 -26.35 23.04
N VAL A 104 28.94 -25.55 22.78
CA VAL A 104 29.54 -24.72 23.84
C VAL A 104 28.44 -23.78 24.35
N PRO A 105 28.24 -23.65 25.66
CA PRO A 105 27.10 -22.83 26.13
C PRO A 105 27.14 -21.41 25.60
N TYR A 106 25.96 -20.92 25.21
CA TYR A 106 25.78 -19.58 24.70
C TYR A 106 25.18 -18.68 25.79
N TYR A 107 25.32 -17.38 25.56
CA TYR A 107 24.71 -16.31 26.36
C TYR A 107 25.37 -16.10 27.73
N ASN A 108 25.46 -17.13 28.56
CA ASN A 108 25.94 -16.94 29.92
C ASN A 108 27.46 -17.04 30.05
N LYS A 109 28.15 -17.33 28.95
CA LYS A 109 29.60 -17.18 28.83
C LYS A 109 30.41 -17.78 29.99
N PRO A 110 30.31 -19.10 30.19
CA PRO A 110 31.21 -19.74 31.16
C PRO A 110 32.66 -19.51 30.78
N ASN A 111 33.54 -19.64 31.77
CA ASN A 111 34.96 -19.62 31.51
C ASN A 111 35.45 -21.04 31.25
N LYS A 112 36.76 -21.22 31.12
CA LYS A 112 37.31 -22.53 30.81
C LYS A 112 36.89 -23.56 31.85
N LYS A 113 36.96 -23.20 33.13
CA LYS A 113 36.55 -24.11 34.19
C LYS A 113 35.10 -24.51 34.02
N GLY A 114 34.26 -23.59 33.55
CA GLY A 114 32.86 -23.91 33.34
C GLY A 114 32.64 -24.86 32.17
N LEU A 115 33.43 -24.69 31.11
CA LEU A 115 33.37 -25.62 29.99
C LEU A 115 33.76 -27.03 30.43
N LEU A 116 34.84 -27.15 31.21
CA LEU A 116 35.22 -28.46 31.73
C LEU A 116 34.10 -29.06 32.57
N ALA A 117 33.45 -28.23 33.40
CA ALA A 117 32.34 -28.73 34.21
C ALA A 117 31.15 -29.13 33.34
N HIS A 118 30.81 -28.31 32.35
CA HIS A 118 29.69 -28.61 31.48
C HIS A 118 29.92 -29.91 30.72
N PHE A 119 31.00 -29.97 29.95
CA PHE A 119 31.19 -31.15 29.08
C PHE A 119 31.53 -32.37 29.93
N GLY A 120 32.22 -32.18 31.04
CA GLY A 120 32.52 -33.30 31.92
C GLY A 120 31.29 -33.90 32.56
N SER A 121 30.35 -33.05 32.99
CA SER A 121 29.13 -33.57 33.61
C SER A 121 28.29 -34.35 32.62
N ILE A 122 28.22 -33.87 31.37
CA ILE A 122 27.47 -34.57 30.34
C ILE A 122 28.16 -35.90 29.99
N ALA A 123 29.49 -35.89 29.88
CA ALA A 123 30.21 -37.11 29.52
C ALA A 123 30.06 -38.18 30.59
N ASN A 124 30.01 -37.78 31.87
CA ASN A 124 29.84 -38.75 32.94
C ASN A 124 28.41 -39.26 33.07
N ALA A 125 27.44 -38.56 32.48
CA ALA A 125 26.05 -38.92 32.61
C ALA A 125 25.55 -39.84 31.50
N VAL A 126 26.30 -39.97 30.41
CA VAL A 126 25.93 -40.88 29.33
C VAL A 126 27.17 -41.68 28.94
N SER A 127 26.94 -42.75 28.20
CA SER A 127 28.04 -43.52 27.64
C SER A 127 28.20 -43.30 26.14
N LEU A 128 27.28 -42.54 25.52
CA LEU A 128 27.35 -42.27 24.09
C LEU A 128 28.55 -41.41 23.71
N PRO A 129 29.04 -41.55 22.47
CA PRO A 129 30.02 -40.60 21.93
C PRO A 129 29.48 -39.19 21.88
N ILE A 130 30.34 -38.22 22.21
CA ILE A 130 29.97 -36.81 22.25
C ILE A 130 30.86 -36.02 21.30
N TYR A 131 30.24 -35.14 20.54
CA TYR A 131 30.89 -34.20 19.63
C TYR A 131 30.68 -32.78 20.15
N ILE A 132 31.76 -32.09 20.38
CA ILE A 132 31.76 -30.70 20.83
C ILE A 132 31.43 -29.82 19.65
N TYR A 133 30.45 -28.96 19.81
CA TYR A 133 30.02 -28.05 18.75
C TYR A 133 30.51 -26.66 19.13
N ASN A 134 31.53 -26.21 18.42
CA ASN A 134 32.22 -24.93 18.66
C ASN A 134 31.73 -23.98 17.59
N ASN A 135 30.95 -22.96 18.00
CA ASN A 135 30.37 -22.00 17.07
C ASN A 135 30.38 -20.62 17.72
N PRO A 136 31.56 -20.01 17.84
CA PRO A 136 31.64 -18.70 18.51
C PRO A 136 30.83 -17.60 17.83
N SER A 137 30.54 -17.72 16.52
CA SER A 137 29.71 -16.71 15.88
C SER A 137 28.31 -16.66 16.49
N ARG A 138 27.92 -17.70 17.23
CA ARG A 138 26.68 -17.71 17.98
C ARG A 138 26.87 -17.71 19.49
N THR A 139 27.97 -18.28 20.01
CA THR A 139 28.15 -18.43 21.44
C THR A 139 29.01 -17.33 22.07
N VAL A 140 29.67 -16.51 21.23
CA VAL A 140 30.69 -15.52 21.61
C VAL A 140 31.94 -16.20 22.13
N ILE A 141 31.85 -16.98 23.20
CA ILE A 141 33.05 -17.68 23.68
C ILE A 141 33.43 -18.79 22.70
N GLU A 142 34.70 -19.13 22.68
CA GLU A 142 35.25 -20.18 21.81
C GLU A 142 36.05 -21.15 22.66
N MET A 143 35.76 -22.44 22.55
CA MET A 143 36.57 -23.43 23.23
C MET A 143 37.96 -23.42 22.59
N ASP A 144 39.00 -23.30 23.40
CA ASP A 144 40.34 -23.29 22.84
C ASP A 144 40.89 -24.71 22.75
N VAL A 145 42.04 -24.83 22.07
CA VAL A 145 42.54 -26.15 21.76
C VAL A 145 43.00 -26.88 23.03
N ASP A 146 43.60 -26.15 23.98
CA ASP A 146 44.00 -26.77 25.23
C ASP A 146 42.81 -27.37 25.97
N THR A 147 41.68 -26.66 26.01
CA THR A 147 40.51 -27.20 26.69
C THR A 147 39.98 -28.42 25.96
N MET A 148 39.86 -28.33 24.64
CA MET A 148 39.39 -29.47 23.86
C MET A 148 40.26 -30.70 24.09
N ALA A 149 41.57 -30.51 24.10
CA ALA A 149 42.47 -31.65 24.32
C ALA A 149 42.31 -32.21 25.71
N GLU A 150 42.24 -31.35 26.73
CA GLU A 150 42.00 -31.84 28.08
C GLU A 150 40.74 -32.68 28.15
N LEU A 151 39.66 -32.25 27.50
CA LEU A 151 38.43 -33.04 27.54
C LEU A 151 38.62 -34.40 26.87
N VAL A 152 39.26 -34.42 25.69
CA VAL A 152 39.51 -35.68 24.99
C VAL A 152 40.36 -36.60 25.85
N LYS A 153 41.38 -36.04 26.52
CA LYS A 153 42.27 -36.84 27.35
C LYS A 153 41.56 -37.37 28.60
N THR A 154 40.55 -36.65 29.09
CA THR A 154 39.91 -37.00 30.36
C THR A 154 38.70 -37.90 30.20
N TYR A 155 37.96 -37.80 29.09
CA TYR A 155 36.68 -38.47 28.92
C TYR A 155 36.71 -39.27 27.63
N SER A 156 36.68 -40.60 27.74
CA SER A 156 36.88 -41.44 26.57
C SER A 156 35.76 -41.28 25.54
N ASN A 157 34.57 -40.87 25.97
CA ASN A 157 33.44 -40.68 25.06
C ASN A 157 33.29 -39.27 24.53
N ILE A 158 34.25 -38.38 24.78
CA ILE A 158 34.35 -37.12 24.04
C ILE A 158 35.27 -37.38 22.84
N VAL A 159 34.69 -37.47 21.64
CA VAL A 159 35.35 -38.16 20.54
C VAL A 159 35.58 -37.29 19.33
N GLY A 160 34.98 -36.11 19.27
CA GLY A 160 35.11 -35.32 18.05
C GLY A 160 34.63 -33.90 18.27
N VAL A 161 34.72 -33.14 17.18
CA VAL A 161 34.30 -31.74 17.17
C VAL A 161 33.53 -31.48 15.89
N ASP A 163 33.19 -28.17 14.10
CA ASP A 163 33.97 -26.93 14.17
C ASP A 163 33.38 -25.95 13.16
N ALA A 164 32.56 -25.02 13.67
CA ALA A 164 31.89 -24.06 12.82
C ALA A 164 32.62 -22.71 12.75
N THR A 165 33.89 -22.65 13.15
CA THR A 165 34.59 -21.37 13.15
C THR A 165 34.84 -20.86 11.73
N GLY A 166 35.04 -21.75 10.76
CA GLY A 166 35.51 -21.32 9.46
C GLY A 166 36.96 -20.90 9.41
N ARG A 167 37.72 -21.10 10.48
CA ARG A 167 39.14 -20.77 10.53
C ARG A 167 39.91 -22.09 10.54
N ILE A 168 40.30 -22.56 9.35
CA ILE A 168 40.72 -23.96 9.25
C ILE A 168 42.08 -24.21 9.89
N GLU A 169 42.89 -23.18 10.17
CA GLU A 169 44.07 -23.40 10.99
C GLU A 169 43.73 -24.13 12.27
N LEU A 170 42.51 -23.94 12.81
CA LEU A 170 42.13 -24.62 14.04
C LEU A 170 42.02 -26.13 13.82
N ALA A 171 41.68 -26.54 12.60
CA ALA A 171 41.67 -27.97 12.28
C ALA A 171 43.05 -28.58 12.46
N SER A 172 44.10 -27.87 12.03
CA SER A 172 45.46 -28.40 12.23
C SER A 172 45.83 -28.42 13.70
N GLY A 173 45.44 -27.38 14.46
CA GLY A 173 45.77 -27.35 15.87
C GLY A 173 45.07 -28.44 16.64
N GLN A 174 43.79 -28.68 16.34
CA GLN A 174 43.03 -29.71 17.03
C GLN A 174 43.54 -31.10 16.67
N ARG A 175 43.91 -31.31 15.41
CA ARG A 175 44.47 -32.58 14.99
C ARG A 175 45.76 -32.90 15.75
N ILE A 176 46.60 -31.90 15.98
CA ILE A 176 47.86 -32.15 16.66
C ILE A 176 47.64 -32.33 18.16
N ALA A 177 46.80 -31.48 18.76
CA ALA A 177 46.63 -31.50 20.21
C ALA A 177 45.81 -32.70 20.67
N CYS A 178 44.81 -33.09 19.89
CA CYS A 178 43.85 -34.11 20.31
C CYS A 178 44.12 -35.49 19.70
N GLY A 179 44.96 -35.58 18.69
CA GLY A 179 45.25 -36.83 18.03
C GLY A 179 44.56 -36.93 16.68
N SER A 180 45.19 -37.65 15.74
CA SER A 180 44.55 -37.88 14.45
C SER A 180 43.34 -38.80 14.55
N ASP A 181 43.15 -39.46 15.69
CA ASP A 181 41.95 -40.26 15.94
C ASP A 181 40.73 -39.43 16.34
N PHE A 182 40.95 -38.21 16.82
CA PHE A 182 39.86 -37.25 17.07
C PHE A 182 39.13 -36.94 15.78
N ILE A 183 37.80 -37.08 15.82
CA ILE A 183 36.98 -36.95 14.62
C ILE A 183 36.57 -35.50 14.48
N GLN A 184 37.01 -34.88 13.38
CA GLN A 184 36.73 -33.48 13.09
C GLN A 184 35.73 -33.38 11.95
N LEU A 185 34.63 -32.68 12.19
CA LEU A 185 33.60 -32.43 11.21
C LEU A 185 33.45 -30.92 11.04
N SER A 186 33.40 -30.46 9.80
CA SER A 186 33.14 -29.06 9.56
C SER A 186 31.72 -28.69 9.96
N GLY A 187 31.58 -27.53 10.61
CA GLY A 187 30.30 -26.91 10.82
C GLY A 187 30.05 -25.71 9.93
N ASP A 188 30.87 -25.52 8.90
CA ASP A 188 30.81 -24.35 8.01
C ASP A 188 30.88 -24.85 6.57
N ASP A 189 29.73 -24.80 5.87
CA ASP A 189 29.64 -25.41 4.55
C ASP A 189 30.65 -24.81 3.59
N SER A 190 30.88 -23.51 3.67
CA SER A 190 31.69 -22.81 2.69
C SER A 190 33.17 -23.10 2.81
N SER A 191 33.64 -23.59 3.95
CA SER A 191 35.04 -23.92 4.14
C SER A 191 35.25 -25.42 4.38
N ALA A 192 34.20 -26.22 4.21
CA ALA A 192 34.28 -27.67 4.45
C ALA A 192 35.36 -28.35 3.61
N LEU A 193 35.61 -27.85 2.40
CA LEU A 193 36.60 -28.46 1.53
C LEU A 193 37.98 -28.36 2.14
N GLY A 194 38.42 -27.15 2.48
CA GLY A 194 39.72 -27.00 3.12
C GLY A 194 39.79 -27.67 4.48
N PHE A 195 38.69 -27.64 5.22
CA PHE A 195 38.66 -28.28 6.52
C PHE A 195 39.06 -29.74 6.42
N ASN A 196 38.53 -30.44 5.42
CA ASN A 196 38.83 -31.86 5.28
C ASN A 196 40.30 -32.09 4.91
N VAL A 197 40.89 -31.25 4.04
CA VAL A 197 42.29 -31.49 3.69
C VAL A 197 43.19 -31.26 4.89
N HIS A 198 42.77 -30.40 5.84
CA HIS A 198 43.49 -30.20 7.09
C HIS A 198 43.24 -31.29 8.10
N GLY A 199 42.39 -32.26 7.82
CA GLY A 199 42.16 -33.33 8.78
C GLY A 199 40.72 -33.73 9.01
N GLY A 200 39.76 -32.92 8.57
CA GLY A 200 38.37 -33.27 8.76
C GLY A 200 37.95 -34.44 7.90
N VAL A 201 36.81 -35.04 8.25
CA VAL A 201 36.30 -36.21 7.53
C VAL A 201 34.83 -36.06 7.13
N GLY A 202 34.29 -34.86 7.26
CA GLY A 202 32.92 -34.63 6.84
C GLY A 202 32.44 -33.26 7.27
N CYS A 203 31.15 -33.03 7.04
CA CYS A 203 30.52 -31.74 7.31
C CYS A 203 29.10 -31.95 7.81
N ILE A 204 28.81 -31.39 8.99
CA ILE A 204 27.44 -31.23 9.45
C ILE A 204 26.92 -29.93 8.83
N SER A 205 25.96 -30.09 7.92
CA SER A 205 25.71 -29.16 6.83
C SER A 205 24.33 -28.54 6.91
N VAL A 206 24.27 -27.25 6.57
CA VAL A 206 23.00 -26.57 6.36
C VAL A 206 22.50 -26.87 4.94
N THR A 207 23.37 -26.68 3.95
CA THR A 207 22.98 -26.79 2.55
C THR A 207 22.52 -28.20 2.19
N ALA A 208 23.00 -29.23 2.89
CA ALA A 208 22.59 -30.59 2.57
C ALA A 208 21.09 -30.79 2.70
N ASN A 209 20.42 -29.96 3.54
CA ASN A 209 18.96 -30.02 3.59
C ASN A 209 18.34 -29.74 2.23
N VAL A 210 18.92 -28.84 1.48
CA VAL A 210 18.40 -28.36 0.22
C VAL A 210 18.91 -29.18 -0.96
N ALA A 211 20.19 -29.52 -0.95
CA ALA A 211 20.87 -30.15 -2.08
C ALA A 211 21.64 -31.38 -1.62
N PRO A 212 20.94 -32.38 -1.08
CA PRO A 212 21.67 -33.46 -0.42
C PRO A 212 22.51 -34.32 -1.37
N ARG A 213 22.10 -34.46 -2.64
CA ARG A 213 22.85 -35.36 -3.52
C ARG A 213 24.19 -34.75 -3.93
N ILE A 214 24.17 -33.50 -4.40
CA ILE A 214 25.41 -32.84 -4.79
C ILE A 214 26.33 -32.65 -3.59
N CYS A 215 25.75 -32.37 -2.41
CA CYS A 215 26.62 -32.26 -1.23
C CYS A 215 27.26 -33.62 -0.95
N ALA A 216 26.50 -34.72 -1.10
CA ALA A 216 27.08 -36.05 -0.88
C ALA A 216 28.14 -36.34 -1.94
N GLU A 217 27.87 -35.98 -3.20
CA GLU A 217 28.87 -36.17 -4.24
C GLU A 217 30.15 -35.38 -3.95
N PHE A 218 29.98 -34.13 -3.51
CA PHE A 218 31.12 -33.30 -3.14
C PHE A 218 31.97 -34.02 -2.08
N GLN A 219 31.33 -34.47 -1.02
CA GLN A 219 32.08 -35.13 0.05
C GLN A 219 32.67 -36.46 -0.42
N LYS A 220 31.98 -37.18 -1.30
CA LYS A 220 32.54 -38.43 -1.81
C LYS A 220 33.82 -38.18 -2.58
N ALA A 221 33.81 -37.15 -3.45
CA ALA A 221 35.03 -36.83 -4.20
C ALA A 221 36.17 -36.53 -3.26
N ILE A 222 35.90 -35.82 -2.15
CA ILE A 222 36.96 -35.52 -1.20
C ILE A 222 37.52 -36.80 -0.59
N SER A 223 36.62 -37.70 -0.17
CA SER A 223 37.12 -38.92 0.48
C SER A 223 37.84 -39.83 -0.51
N GLU A 224 37.55 -39.71 -1.80
CA GLU A 224 38.30 -40.42 -2.83
C GLU A 224 39.60 -39.72 -3.18
N GLY A 225 39.86 -38.55 -2.61
CA GLY A 225 41.04 -37.80 -2.97
C GLY A 225 40.98 -37.17 -4.34
N ASP A 226 39.81 -37.09 -4.93
CA ASP A 226 39.63 -36.36 -6.19
C ASP A 226 39.35 -34.90 -5.86
N TYR A 227 40.44 -34.20 -5.46
CA TYR A 227 40.32 -32.82 -5.02
C TYR A 227 40.06 -31.88 -6.20
N ARG A 228 40.54 -32.24 -7.39
CA ARG A 228 40.17 -31.47 -8.58
C ARG A 228 38.67 -31.51 -8.80
N GLN A 229 38.07 -32.69 -8.65
CA GLN A 229 36.62 -32.81 -8.82
C GLN A 229 35.89 -32.13 -7.67
N ALA A 230 36.42 -32.22 -6.46
CA ALA A 230 35.80 -31.57 -5.31
C ALA A 230 35.75 -30.07 -5.51
N LEU A 231 36.77 -29.50 -6.16
CA LEU A 231 36.76 -28.06 -6.40
C LEU A 231 35.72 -27.65 -7.43
N GLU A 232 35.40 -28.54 -8.39
CA GLU A 232 34.34 -28.21 -9.32
C GLU A 232 32.98 -28.17 -8.62
N TYR A 233 32.74 -29.10 -7.70
CA TYR A 233 31.51 -29.06 -6.92
C TYR A 233 31.46 -27.82 -6.03
N GLN A 234 32.57 -27.49 -5.36
CA GLN A 234 32.67 -26.27 -4.56
C GLN A 234 32.19 -25.06 -5.35
N ASP A 235 32.65 -24.93 -6.58
CA ASP A 235 32.33 -23.75 -7.38
C ASP A 235 30.83 -23.71 -7.70
N LYS A 236 30.19 -24.87 -7.81
CA LYS A 236 28.75 -24.92 -8.07
C LYS A 236 27.95 -24.67 -6.81
N LEU A 237 28.45 -25.18 -5.67
CA LEU A 237 27.72 -25.10 -4.42
C LEU A 237 27.94 -23.79 -3.66
N PHE A 238 29.11 -23.18 -3.78
CA PHE A 238 29.43 -22.03 -2.93
C PHE A 238 28.38 -20.93 -3.04
N PRO A 239 27.87 -20.57 -4.22
CA PRO A 239 26.82 -19.53 -4.27
C PRO A 239 25.57 -19.91 -3.52
N LEU A 240 25.22 -21.19 -3.49
CA LEU A 240 24.08 -21.61 -2.69
C LEU A 240 24.41 -21.58 -1.20
N HIS A 241 25.59 -22.07 -0.80
CA HIS A 241 25.96 -21.97 0.60
C HIS A 241 25.77 -20.54 1.07
N GLN A 242 26.25 -19.60 0.26
CA GLN A 242 26.28 -18.19 0.65
C GLN A 242 24.87 -17.60 0.64
N ALA A 243 24.07 -17.93 -0.37
CA ALA A 243 22.74 -17.36 -0.48
C ALA A 243 21.83 -17.81 0.66
N LEU A 244 22.09 -18.98 1.23
CA LEU A 244 21.23 -19.48 2.28
C LEU A 244 21.45 -18.82 3.65
N PHE A 245 22.50 -17.99 3.82
CA PHE A 245 22.58 -17.25 5.07
C PHE A 245 22.66 -15.73 4.87
N ILE A 246 22.19 -15.23 3.72
CA ILE A 246 21.91 -13.79 3.61
C ILE A 246 20.97 -13.36 4.73
N GLU A 247 19.93 -14.13 4.95
CA GLU A 247 19.00 -14.01 6.06
C GLU A 247 19.11 -15.33 6.80
N PRO A 248 18.52 -15.47 7.99
CA PRO A 248 18.73 -16.69 8.77
C PRO A 248 18.43 -17.95 7.96
N SER A 249 19.36 -18.90 8.05
CA SER A 249 19.30 -20.06 7.17
C SER A 249 18.06 -20.93 7.42
N ILE A 250 17.51 -20.93 8.64
CA ILE A 250 16.30 -21.71 8.90
C ILE A 250 15.18 -21.30 7.95
N SER A 251 14.95 -20.00 7.83
CA SER A 251 13.91 -19.48 6.95
C SER A 251 14.26 -19.72 5.49
N SER A 252 15.54 -19.58 5.15
CA SER A 252 15.98 -19.69 3.77
C SER A 252 15.93 -21.14 3.29
N VAL A 253 16.33 -22.07 4.14
CA VAL A 253 16.25 -23.48 3.78
C VAL A 253 14.82 -23.92 3.50
N LYS A 254 13.88 -23.53 4.37
CA LYS A 254 12.48 -23.93 4.16
C LYS A 254 11.90 -23.26 2.92
N TYR A 255 12.27 -22.01 2.67
CA TYR A 255 11.87 -21.36 1.43
C TYR A 255 12.34 -22.18 0.22
N ALA A 256 13.59 -22.62 0.26
CA ALA A 256 14.15 -23.35 -0.87
C ALA A 256 13.47 -24.71 -1.05
N LEU A 257 13.27 -25.45 0.03
CA LEU A 257 12.61 -26.74 -0.04
C LEU A 257 11.20 -26.61 -0.58
N SER A 258 10.44 -25.62 -0.10
CA SER A 258 9.12 -25.35 -0.64
C SER A 258 9.16 -25.07 -2.12
N ARG A 259 10.13 -24.27 -2.57
CA ARG A 259 10.22 -23.96 -3.99
C ARG A 259 10.51 -25.21 -4.80
N LEU A 260 11.37 -26.12 -4.27
CA LEU A 260 11.71 -27.33 -5.00
C LEU A 260 10.58 -28.37 -5.03
N GLY A 261 9.45 -28.11 -4.39
CA GLY A 261 8.35 -29.04 -4.39
C GLY A 261 8.34 -30.02 -3.25
N ARG A 262 9.22 -29.86 -2.27
CA ARG A 262 9.22 -30.71 -1.11
C ARG A 262 8.03 -30.35 -0.22
N ASN A 263 7.51 -31.34 0.52
CA ASN A 263 6.35 -31.07 1.38
C ASN A 263 6.83 -30.53 2.73
N VAL A 264 7.28 -29.28 2.68
CA VAL A 264 7.81 -28.54 3.83
C VAL A 264 7.17 -27.18 3.83
N SER A 265 6.42 -26.85 4.89
CA SER A 265 5.84 -25.51 4.98
C SER A 265 6.93 -24.47 5.29
N LEU A 266 6.59 -23.23 5.03
CA LEU A 266 7.48 -22.09 5.30
C LEU A 266 7.54 -21.76 6.78
N VAL A 267 6.62 -22.30 7.59
CA VAL A 267 6.44 -21.87 8.97
C VAL A 267 7.75 -22.02 9.75
N VAL A 268 8.07 -20.98 10.52
CA VAL A 268 9.16 -20.99 11.49
C VAL A 268 8.62 -20.38 12.78
N ARG A 269 9.36 -20.57 13.86
CA ARG A 269 8.96 -20.04 15.17
C ARG A 269 9.75 -18.78 15.51
N ALA A 270 9.02 -17.76 15.97
CA ALA A 270 9.63 -16.50 16.36
C ALA A 270 10.69 -16.74 17.44
N PRO A 271 11.81 -16.02 17.40
CA PRO A 271 12.09 -14.82 16.59
C PRO A 271 12.56 -15.09 15.17
N MET A 272 12.52 -16.31 14.65
CA MET A 272 12.68 -16.48 13.21
C MET A 272 11.39 -16.04 12.54
N VAL A 273 11.51 -15.52 11.30
CA VAL A 273 10.34 -15.18 10.49
C VAL A 273 10.49 -15.81 9.12
N SER A 274 9.38 -16.15 8.50
CA SER A 274 9.42 -16.79 7.20
C SER A 274 9.50 -15.80 6.04
N ILE A 275 9.20 -14.53 6.29
CA ILE A 275 9.25 -13.52 5.23
C ILE A 275 10.70 -13.22 4.90
N LEU A 276 11.06 -13.39 3.62
CA LEU A 276 12.38 -13.06 3.11
C LEU A 276 12.27 -11.88 2.15
N GLU A 277 13.31 -11.06 2.11
CA GLU A 277 13.37 -10.01 1.10
C GLU A 277 13.42 -10.62 -0.29
N LYS A 278 12.88 -9.88 -1.27
CA LYS A 278 12.86 -10.39 -2.64
C LYS A 278 14.28 -10.59 -3.16
N GLU A 279 15.21 -9.70 -2.80
CA GLU A 279 16.59 -9.88 -3.22
C GLU A 279 17.20 -11.15 -2.66
N THR A 280 16.78 -11.56 -1.45
CA THR A 280 17.25 -12.83 -0.90
C THR A 280 16.68 -14.02 -1.66
N MET A 281 15.36 -14.03 -1.90
CA MET A 281 14.78 -15.14 -2.64
C MET A 281 15.37 -15.22 -4.05
N PHE A 282 15.62 -14.06 -4.68
CA PHE A 282 16.21 -14.08 -6.00
C PHE A 282 17.60 -14.70 -5.98
N ALA A 283 18.41 -14.37 -4.96
CA ALA A 283 19.75 -14.96 -4.89
C ALA A 283 19.67 -16.47 -4.67
N ILE A 284 18.73 -16.91 -3.82
CA ILE A 284 18.58 -18.35 -3.61
C ILE A 284 18.13 -19.04 -4.89
N ASP A 285 17.14 -18.46 -5.59
CA ASP A 285 16.65 -19.12 -6.79
C ASP A 285 17.73 -19.24 -7.86
N GLN A 286 18.56 -18.19 -8.00
CA GLN A 286 19.63 -18.21 -8.98
C GLN A 286 20.65 -19.29 -8.67
N ALA A 287 20.99 -19.44 -7.39
CA ALA A 287 21.95 -20.46 -6.98
C ALA A 287 21.39 -21.87 -7.15
N LEU A 288 20.09 -22.03 -6.91
CA LEU A 288 19.44 -23.33 -7.09
C LEU A 288 19.42 -23.71 -8.57
N ASP A 289 19.14 -22.73 -9.43
CA ASP A 289 19.07 -22.99 -10.86
C ASP A 289 20.44 -23.20 -11.47
N HIS A 290 21.46 -22.51 -10.96
CA HIS A 290 22.83 -22.76 -11.42
C HIS A 290 23.22 -24.21 -11.20
N ILE A 291 22.75 -24.81 -10.11
CA ILE A 291 23.05 -26.20 -9.82
C ILE A 291 22.16 -27.12 -10.63
N GLY A 292 20.93 -26.69 -10.91
CA GLY A 292 19.99 -27.39 -11.74
C GLY A 292 18.96 -28.20 -10.97
N LEU A 293 18.47 -27.66 -9.85
CA LEU A 293 17.76 -28.49 -8.89
C LEU A 293 16.24 -28.54 -9.09
N CYS A 294 15.67 -27.62 -9.87
CA CYS A 294 14.24 -27.63 -10.13
C CYS A 294 13.88 -28.79 -11.06
N ALA A 295 13.05 -29.70 -10.56
CA ALA A 295 12.65 -30.85 -11.37
C ALA A 295 11.85 -30.45 -12.59
N GLY A 296 11.23 -29.27 -12.60
CA GLY A 296 10.28 -28.89 -13.63
C GLY A 296 10.80 -27.94 -14.69
N MET B 1 9.77 6.10 36.64
CA MET B 1 9.47 4.89 37.48
C MET B 1 10.78 4.20 37.90
N PHE B 2 11.66 3.96 36.93
CA PHE B 2 12.97 3.32 37.18
C PHE B 2 14.08 4.35 37.02
N GLN B 3 14.91 4.48 38.05
CA GLN B 3 15.94 5.50 38.05
C GLN B 3 16.99 5.09 39.07
N ARG B 4 18.13 5.74 39.01
CA ARG B 4 19.23 5.60 39.97
C ARG B 4 19.66 4.13 39.96
N SER B 5 19.88 3.52 41.12
CA SER B 5 20.64 2.27 41.22
C SER B 5 19.66 1.12 41.42
N ILE B 6 19.70 0.18 40.46
CA ILE B 6 18.76 -0.93 40.33
C ILE B 6 19.58 -2.20 40.21
N PRO B 7 19.66 -3.04 41.24
CA PRO B 7 20.43 -4.28 41.10
C PRO B 7 19.75 -5.28 40.19
N ALA B 8 20.56 -5.87 39.31
CA ALA B 8 20.23 -7.14 38.66
C ALA B 8 20.49 -8.21 39.71
N LEU B 9 19.46 -8.62 40.41
CA LEU B 9 19.62 -9.45 41.59
C LEU B 9 20.22 -10.82 41.26
N ILE B 10 21.18 -11.24 42.09
CA ILE B 10 21.55 -12.64 42.11
C ILE B 10 20.38 -13.50 42.57
N THR B 11 20.43 -14.77 42.19
CA THR B 11 19.55 -15.81 42.72
C THR B 11 20.38 -16.75 43.59
N PRO B 12 20.25 -16.67 44.90
CA PRO B 12 21.00 -17.58 45.77
C PRO B 12 20.42 -18.99 45.75
N PHE B 13 21.30 -19.98 45.95
CA PHE B 13 20.92 -21.39 45.97
C PHE B 13 21.40 -22.01 47.28
N THR B 14 20.69 -23.04 47.73
CA THR B 14 21.15 -23.80 48.90
C THR B 14 22.23 -24.81 48.51
N LYS B 15 22.90 -25.37 49.53
CA LYS B 15 23.82 -26.49 49.37
C LYS B 15 23.21 -27.54 48.45
N ASP B 16 21.92 -27.80 48.62
CA ASP B 16 21.18 -28.82 47.89
C ASP B 16 20.69 -28.34 46.54
N ASN B 17 21.08 -27.13 46.14
CA ASN B 17 20.80 -26.58 44.82
C ASN B 17 19.32 -26.22 44.62
N LEU B 18 18.61 -25.87 45.68
CA LEU B 18 17.30 -25.27 45.54
C LEU B 18 17.43 -23.75 45.67
N ILE B 19 16.39 -23.04 45.25
CA ILE B 19 16.37 -21.61 45.48
C ILE B 19 16.37 -21.37 46.98
N ASP B 20 17.33 -20.56 47.45
CA ASP B 20 17.41 -20.22 48.87
C ASP B 20 16.51 -19.01 49.07
N GLU B 21 15.24 -19.28 49.36
CA GLU B 21 14.23 -18.22 49.39
C GLU B 21 14.51 -17.22 50.51
N ASP B 22 14.92 -17.70 51.69
CA ASP B 22 15.20 -16.79 52.79
C ASP B 22 16.38 -15.87 52.48
N SER B 23 17.42 -16.41 51.84
CA SER B 23 18.54 -15.57 51.39
C SER B 23 18.07 -14.51 50.41
N PHE B 24 17.26 -14.91 49.44
CA PHE B 24 16.77 -13.97 48.42
C PHE B 24 15.96 -12.84 49.07
N VAL B 25 15.03 -13.19 49.96
CA VAL B 25 14.22 -12.19 50.66
C VAL B 25 15.13 -11.24 51.43
N ASP B 26 16.10 -11.78 52.17
CA ASP B 26 17.01 -10.95 52.94
C ASP B 26 17.80 -10.01 52.04
N HIS B 27 18.29 -10.52 50.90
CA HIS B 27 19.05 -9.68 49.98
C HIS B 27 18.19 -8.54 49.45
N ILE B 28 16.94 -8.82 49.14
CA ILE B 28 16.02 -7.78 48.67
C ILE B 28 15.79 -6.74 49.77
N GLU B 29 15.48 -7.20 50.98
CA GLU B 29 15.26 -6.26 52.10
C GLU B 29 16.46 -5.34 52.27
N TRP B 30 17.66 -5.94 52.29
CA TRP B 30 18.90 -5.19 52.44
C TRP B 30 19.10 -4.21 51.29
N GLN B 31 18.83 -4.64 50.06
CA GLN B 31 18.95 -3.73 48.92
C GLN B 31 18.06 -2.51 49.11
N ILE B 32 16.79 -2.72 49.47
CA ILE B 32 15.86 -1.61 49.63
C ILE B 32 16.34 -0.68 50.75
N SER B 33 16.74 -1.26 51.88
CA SER B 33 17.11 -0.41 53.01
C SER B 33 18.43 0.32 52.78
N GLU B 34 19.29 -0.15 51.87
CA GLU B 34 20.53 0.56 51.58
C GLU B 34 20.39 1.61 50.48
N GLY B 35 19.23 1.73 49.85
CA GLY B 35 19.00 2.80 48.89
C GLY B 35 18.78 2.38 47.45
N SER B 36 18.73 1.09 47.13
CA SER B 36 18.39 0.71 45.76
C SER B 36 16.97 1.15 45.44
N SER B 37 16.78 1.68 44.21
CA SER B 37 15.54 2.29 43.78
C SER B 37 14.63 1.38 42.98
N GLY B 38 15.07 0.16 42.68
CA GLY B 38 14.28 -0.77 41.89
C GLY B 38 14.94 -2.13 41.95
N LEU B 39 14.27 -3.13 41.37
CA LEU B 39 14.78 -4.50 41.41
C LEU B 39 14.55 -5.18 40.07
N VAL B 40 15.57 -5.88 39.59
CA VAL B 40 15.43 -6.74 38.42
C VAL B 40 15.71 -8.17 38.86
N PRO B 41 14.68 -8.96 39.10
CA PRO B 41 14.88 -10.39 39.40
C PRO B 41 14.92 -11.22 38.12
N ALA B 42 15.67 -12.32 38.20
CA ALA B 42 15.75 -13.31 37.11
C ALA B 42 16.23 -12.71 35.80
N GLY B 43 17.21 -11.82 35.87
CA GLY B 43 17.97 -11.39 34.72
C GLY B 43 19.19 -12.28 34.51
N THR B 44 20.18 -11.74 33.78
CA THR B 44 21.42 -12.49 33.53
C THR B 44 22.17 -12.77 34.83
N THR B 45 22.36 -11.73 35.65
CA THR B 45 23.05 -11.90 36.92
C THR B 45 22.26 -12.82 37.85
N GLY B 46 20.95 -12.97 37.60
CA GLY B 46 20.07 -13.85 38.32
C GLY B 46 20.12 -15.30 37.88
N GLU B 47 21.02 -15.61 36.94
CA GLU B 47 21.18 -16.96 36.40
C GLU B 47 19.92 -17.47 35.72
N SER B 48 19.28 -16.58 34.94
CA SER B 48 18.03 -16.96 34.28
C SER B 48 18.23 -18.22 33.43
N SER B 49 19.40 -18.35 32.80
CA SER B 49 19.62 -19.46 31.87
C SER B 49 19.50 -20.83 32.56
N THR B 50 19.83 -20.92 33.84
CA THR B 50 19.85 -22.20 34.53
C THR B 50 18.70 -22.35 35.52
N LEU B 51 17.71 -21.46 35.49
CA LEU B 51 16.47 -21.65 36.20
C LEU B 51 15.46 -22.37 35.30
N SER B 52 14.73 -23.32 35.88
CA SER B 52 13.55 -23.87 35.21
C SER B 52 12.51 -22.79 35.02
N TYR B 53 11.57 -23.03 34.09
CA TYR B 53 10.44 -22.12 33.95
C TYR B 53 9.77 -21.89 35.30
N GLU B 54 9.55 -22.96 36.07
CA GLU B 54 8.87 -22.83 37.34
C GLU B 54 9.68 -21.96 38.30
N GLU B 55 10.98 -22.25 38.42
CA GLU B 55 11.83 -21.49 39.32
C GLU B 55 11.94 -20.03 38.90
N HIS B 56 12.00 -19.76 37.59
CA HIS B 56 12.04 -18.37 37.13
C HIS B 56 10.81 -17.63 37.64
N CYS B 57 9.62 -18.23 37.45
CA CYS B 57 8.38 -17.60 37.92
C CYS B 57 8.39 -17.46 39.45
N ARG B 58 8.88 -18.45 40.18
CA ARG B 58 8.98 -18.33 41.62
C ARG B 58 9.88 -17.18 42.03
N VAL B 59 11.01 -16.99 41.34
CA VAL B 59 11.93 -15.91 41.69
C VAL B 59 11.25 -14.56 41.51
N VAL B 60 10.49 -14.41 40.42
CA VAL B 60 9.80 -13.15 40.16
C VAL B 60 8.68 -12.92 41.18
N GLU B 61 7.82 -13.92 41.38
CA GLU B 61 6.77 -13.84 42.39
C GLU B 61 7.32 -13.43 43.74
N LEU B 62 8.41 -14.09 44.18
CA LEU B 62 8.98 -13.84 45.49
C LEU B 62 9.62 -12.46 45.57
N CYS B 63 10.16 -11.94 44.46
CA CYS B 63 10.68 -10.58 44.46
C CYS B 63 9.55 -9.56 44.53
N VAL B 64 8.47 -9.79 43.76
CA VAL B 64 7.30 -8.91 43.78
C VAL B 64 6.69 -8.87 45.18
N LYS B 65 6.50 -10.06 45.79
CA LYS B 65 5.86 -10.12 47.10
C LYS B 65 6.73 -9.44 48.16
N THR B 66 8.03 -9.70 48.14
CA THR B 66 8.91 -9.10 49.13
C THR B 66 8.94 -7.60 48.97
N ALA B 67 9.09 -7.11 47.75
CA ALA B 67 9.18 -5.67 47.55
C ALA B 67 7.91 -4.96 48.01
N ALA B 68 6.75 -5.58 47.79
CA ALA B 68 5.48 -5.09 48.35
C ALA B 68 5.23 -3.61 48.01
N GLY B 69 5.51 -3.23 46.77
CA GLY B 69 5.26 -1.88 46.33
C GLY B 69 6.24 -0.82 46.81
N ARG B 70 7.26 -1.19 47.59
CA ARG B 70 8.18 -0.17 48.10
C ARG B 70 9.05 0.40 46.98
N VAL B 71 9.59 -0.48 46.12
CA VAL B 71 10.32 -0.08 44.93
C VAL B 71 9.71 -0.84 43.76
N PRO B 72 9.84 -0.31 42.55
CA PRO B 72 9.30 -1.04 41.39
C PRO B 72 10.16 -2.24 41.01
N VAL B 73 9.50 -3.25 40.43
CA VAL B 73 10.11 -4.53 40.07
C VAL B 73 10.00 -4.71 38.56
N MET B 74 11.16 -4.80 37.90
CA MET B 74 11.26 -5.04 36.47
C MET B 74 11.68 -6.51 36.29
N ALA B 75 10.72 -7.37 36.00
CA ALA B 75 10.98 -8.79 35.93
C ALA B 75 11.72 -9.16 34.64
N GLY B 76 12.74 -10.00 34.78
CA GLY B 76 13.33 -10.63 33.63
C GLY B 76 12.30 -11.50 32.92
N ALA B 77 12.04 -11.22 31.65
CA ALA B 77 11.24 -12.07 30.78
C ALA B 77 12.01 -12.40 29.49
N GLY B 78 13.30 -12.65 29.60
CA GLY B 78 14.15 -12.82 28.45
C GLY B 78 14.30 -14.28 28.08
N SER B 79 14.17 -14.57 26.80
CA SER B 79 14.74 -15.78 26.23
C SER B 79 14.88 -15.54 24.74
N ASN B 80 15.47 -16.52 24.05
CA ASN B 80 15.54 -16.49 22.61
C ASN B 80 14.38 -17.25 21.95
N ASN B 81 13.37 -17.60 22.73
CA ASN B 81 12.15 -18.28 22.28
C ASN B 81 10.99 -17.34 22.56
N THR B 82 10.41 -16.77 21.50
CA THR B 82 9.37 -15.76 21.67
C THR B 82 8.17 -16.28 22.47
N LYS B 83 7.74 -17.50 22.19
CA LYS B 83 6.57 -18.00 22.90
C LYS B 83 6.86 -18.08 24.39
N GLU B 84 8.06 -18.54 24.75
CA GLU B 84 8.41 -18.63 26.16
C GLU B 84 8.52 -17.25 26.77
N SER B 85 9.00 -16.26 26.01
CA SER B 85 9.10 -14.90 26.55
C SER B 85 7.71 -14.36 26.87
N ILE B 86 6.76 -14.60 25.98
CA ILE B 86 5.38 -14.20 26.23
C ILE B 86 4.89 -14.80 27.54
N GLU B 87 5.13 -16.10 27.72
CA GLU B 87 4.65 -16.78 28.91
C GLU B 87 5.30 -16.23 30.18
N LEU B 88 6.60 -15.94 30.14
CA LEU B 88 7.26 -15.33 31.29
C LEU B 88 6.71 -13.93 31.55
N ALA B 89 6.48 -13.17 30.47
CA ALA B 89 5.99 -11.81 30.63
C ALA B 89 4.58 -11.81 31.22
N GLN B 90 3.73 -12.73 30.77
CA GLN B 90 2.35 -12.77 31.27
C GLN B 90 2.31 -13.26 32.70
N TYR B 91 3.19 -14.20 33.07
CA TYR B 91 3.30 -14.56 34.48
C TYR B 91 3.72 -13.36 35.32
N ALA B 92 4.69 -12.57 34.85
CA ALA B 92 5.17 -11.43 35.62
C ALA B 92 4.05 -10.40 35.82
N GLN B 93 3.32 -10.10 34.75
CA GLN B 93 2.19 -9.18 34.86
C GLN B 93 1.18 -9.69 35.89
N ASN B 94 0.78 -10.95 35.77
CA ASN B 94 -0.26 -11.49 36.62
C ASN B 94 0.18 -11.60 38.07
N THR B 95 1.47 -11.73 38.34
CA THR B 95 1.92 -11.82 39.73
C THR B 95 2.17 -10.45 40.35
N GLY B 96 2.11 -9.38 39.57
CA GLY B 96 2.24 -8.03 40.09
C GLY B 96 3.53 -7.27 39.78
N ALA B 97 4.35 -7.74 38.85
CA ALA B 97 5.54 -6.98 38.46
C ALA B 97 5.12 -5.65 37.83
N ASP B 98 6.02 -4.68 37.89
CA ASP B 98 5.74 -3.33 37.41
C ASP B 98 6.21 -3.08 35.99
N ALA B 99 7.15 -3.89 35.49
CA ALA B 99 7.71 -3.69 34.16
C ALA B 99 8.44 -4.98 33.79
N LEU B 100 8.88 -5.04 32.53
CA LEU B 100 9.53 -6.23 31.98
C LEU B 100 10.87 -5.87 31.36
N LEU B 101 11.87 -6.73 31.59
CA LEU B 101 13.19 -6.63 30.95
C LEU B 101 13.27 -7.76 29.92
N VAL B 102 13.44 -7.39 28.64
CA VAL B 102 13.38 -8.34 27.53
C VAL B 102 14.67 -8.25 26.72
N VAL B 103 15.51 -9.29 26.83
CA VAL B 103 16.79 -9.30 26.12
C VAL B 103 16.58 -9.54 24.64
N VAL B 104 17.38 -8.88 23.82
CA VAL B 104 17.53 -9.24 22.41
C VAL B 104 17.84 -10.74 22.35
N PRO B 105 17.14 -11.52 21.54
CA PRO B 105 17.42 -12.96 21.52
C PRO B 105 18.87 -13.28 21.22
N TYR B 106 19.40 -14.24 21.96
CA TYR B 106 20.76 -14.75 21.85
C TYR B 106 20.76 -16.07 21.08
N TYR B 107 21.93 -16.37 20.54
CA TYR B 107 22.31 -17.66 19.95
C TYR B 107 21.69 -17.90 18.58
N ASN B 108 20.37 -17.69 18.43
CA ASN B 108 19.76 -17.98 17.14
C ASN B 108 19.76 -16.79 16.19
N LYS B 109 20.21 -15.62 16.64
CA LYS B 109 20.56 -14.50 15.79
C LYS B 109 19.48 -14.09 14.78
N PRO B 110 18.30 -13.71 15.27
CA PRO B 110 17.28 -13.14 14.38
C PRO B 110 17.81 -11.89 13.69
N ASN B 111 17.23 -11.59 12.53
CA ASN B 111 17.53 -10.35 11.84
C ASN B 111 16.54 -9.28 12.31
N LYS B 112 16.58 -8.10 11.70
CA LYS B 112 15.75 -6.98 12.13
C LYS B 112 14.26 -7.34 12.11
N LYS B 113 13.81 -8.05 11.08
CA LYS B 113 12.41 -8.45 11.07
C LYS B 113 12.09 -9.38 12.23
N GLY B 114 13.03 -10.24 12.59
CA GLY B 114 12.81 -11.12 13.73
C GLY B 114 12.74 -10.38 15.05
N LEU B 115 13.54 -9.31 15.19
CA LEU B 115 13.46 -8.49 16.40
C LEU B 115 12.11 -7.78 16.50
N LEU B 116 11.64 -7.21 15.40
CA LEU B 116 10.32 -6.60 15.37
C LEU B 116 9.23 -7.60 15.75
N ALA B 117 9.34 -8.84 15.26
CA ALA B 117 8.34 -9.86 15.57
C ALA B 117 8.42 -10.29 17.04
N HIS B 118 9.63 -10.45 17.56
CA HIS B 118 9.81 -10.85 18.96
C HIS B 118 9.26 -9.79 19.90
N PHE B 119 9.76 -8.55 19.77
CA PHE B 119 9.36 -7.50 20.69
C PHE B 119 7.91 -7.08 20.46
N GLY B 120 7.48 -7.06 19.21
CA GLY B 120 6.07 -6.79 18.93
C GLY B 120 5.14 -7.85 19.50
N SER B 121 5.50 -9.12 19.35
CA SER B 121 4.68 -10.19 19.90
C SER B 121 4.53 -10.05 21.41
N ILE B 122 5.61 -9.69 22.10
CA ILE B 122 5.54 -9.49 23.54
C ILE B 122 4.71 -8.25 23.88
N ALA B 123 4.96 -7.15 23.16
CA ALA B 123 4.22 -5.92 23.42
C ALA B 123 2.72 -6.14 23.24
N ASN B 124 2.32 -7.00 22.30
CA ASN B 124 0.90 -7.28 22.11
C ASN B 124 0.30 -8.15 23.20
N ALA B 125 1.12 -8.92 23.92
CA ALA B 125 0.60 -9.92 24.84
C ALA B 125 0.53 -9.46 26.29
N VAL B 126 0.99 -8.25 26.60
CA VAL B 126 0.99 -7.74 27.96
C VAL B 126 0.68 -6.25 27.89
N SER B 127 0.27 -5.69 29.01
CA SER B 127 0.12 -4.25 29.11
C SER B 127 1.19 -3.58 29.96
N LEU B 128 2.11 -4.35 30.54
CA LEU B 128 3.22 -3.76 31.29
C LEU B 128 4.18 -3.00 30.40
N PRO B 129 4.89 -2.01 30.94
CA PRO B 129 5.99 -1.38 30.20
C PRO B 129 7.15 -2.36 29.96
N ILE B 130 7.78 -2.24 28.79
CA ILE B 130 8.87 -3.15 28.40
C ILE B 130 10.15 -2.35 28.21
N TYR B 131 11.24 -2.87 28.75
CA TYR B 131 12.56 -2.32 28.55
C TYR B 131 13.37 -3.27 27.67
N ILE B 132 13.90 -2.75 26.59
CA ILE B 132 14.75 -3.51 25.69
C ILE B 132 16.11 -3.66 26.34
N TYR B 133 16.61 -4.89 26.43
CA TYR B 133 17.93 -5.19 27.00
C TYR B 133 18.89 -5.53 25.86
N ASN B 134 19.76 -4.58 25.54
CA ASN B 134 20.72 -4.68 24.44
C ASN B 134 22.09 -5.03 25.02
N ASN B 135 22.58 -6.25 24.73
CA ASN B 135 23.85 -6.72 25.29
C ASN B 135 24.56 -7.59 24.26
N PRO B 136 25.12 -7.01 23.21
CA PRO B 136 25.73 -7.83 22.15
C PRO B 136 26.96 -8.58 22.59
N SER B 137 27.61 -8.20 23.70
CA SER B 137 28.71 -9.01 24.20
C SER B 137 28.23 -10.42 24.60
N ARG B 138 26.93 -10.61 24.77
CA ARG B 138 26.34 -11.92 25.05
C ARG B 138 25.44 -12.42 23.93
N THR B 139 24.77 -11.53 23.18
CA THR B 139 23.81 -11.93 22.15
C THR B 139 24.40 -11.98 20.73
N VAL B 140 25.59 -11.45 20.54
CA VAL B 140 26.24 -11.25 19.25
C VAL B 140 25.55 -10.15 18.47
N ILE B 141 24.28 -10.35 18.13
CA ILE B 141 23.54 -9.29 17.43
C ILE B 141 23.30 -8.11 18.36
N GLU B 142 23.16 -6.93 17.76
CA GLU B 142 22.88 -5.68 18.49
C GLU B 142 21.67 -5.02 17.83
N MET B 143 20.67 -4.68 18.63
CA MET B 143 19.55 -3.90 18.09
C MET B 143 20.06 -2.51 17.71
N ASP B 144 19.83 -2.10 16.47
CA ASP B 144 20.29 -0.78 16.07
C ASP B 144 19.25 0.29 16.42
N VAL B 145 19.67 1.55 16.29
CA VAL B 145 18.85 2.66 16.77
C VAL B 145 17.58 2.79 15.95
N ASP B 146 17.64 2.52 14.63
CA ASP B 146 16.44 2.60 13.80
C ASP B 146 15.38 1.60 14.27
N THR B 147 15.82 0.38 14.56
CA THR B 147 14.90 -0.64 15.05
C THR B 147 14.33 -0.25 16.41
N MET B 148 15.17 0.25 17.31
CA MET B 148 14.70 0.66 18.62
C MET B 148 13.66 1.75 18.48
N ALA B 149 13.93 2.76 17.66
CA ALA B 149 13.01 3.88 17.50
C ALA B 149 11.69 3.41 16.89
N GLU B 150 11.75 2.49 15.94
CA GLU B 150 10.53 1.96 15.32
C GLU B 150 9.67 1.24 16.35
N LEU B 151 10.28 0.39 17.17
CA LEU B 151 9.53 -0.28 18.24
C LEU B 151 8.90 0.74 19.19
N VAL B 152 9.65 1.76 19.58
CA VAL B 152 9.14 2.79 20.51
C VAL B 152 7.96 3.54 19.89
N LYS B 153 8.03 3.83 18.59
CA LYS B 153 6.94 4.55 17.92
C LYS B 153 5.71 3.67 17.75
N THR B 154 5.90 2.38 17.47
CA THR B 154 4.81 1.47 17.16
C THR B 154 4.04 1.05 18.39
N TYR B 155 4.72 0.81 19.51
CA TYR B 155 4.13 0.23 20.70
C TYR B 155 4.31 1.15 21.90
N SER B 156 3.17 1.59 22.47
CA SER B 156 3.13 2.48 23.62
C SER B 156 3.84 1.89 24.82
N ASN B 157 3.85 0.58 24.96
CA ASN B 157 4.37 -0.05 26.17
C ASN B 157 5.83 -0.50 26.02
N ILE B 158 6.50 -0.14 24.92
CA ILE B 158 7.97 -0.23 24.85
C ILE B 158 8.52 1.15 25.20
N VAL B 159 9.07 1.27 26.41
CA VAL B 159 9.31 2.56 27.04
C VAL B 159 10.77 2.86 27.29
N GLY B 160 11.66 1.87 27.21
CA GLY B 160 13.03 2.11 27.64
C GLY B 160 14.00 1.06 27.15
N VAL B 161 15.27 1.26 27.53
CA VAL B 161 16.35 0.39 27.14
C VAL B 161 17.32 0.29 28.32
N ASP B 163 20.92 -0.56 28.34
CA ASP B 163 21.96 -0.48 27.32
C ASP B 163 23.29 -0.92 27.91
N ALA B 164 23.66 -2.18 27.62
CA ALA B 164 24.86 -2.79 28.18
C ALA B 164 26.03 -2.77 27.21
N THR B 165 25.99 -1.93 26.18
CA THR B 165 27.07 -1.92 25.20
C THR B 165 28.33 -1.30 25.75
N GLY B 166 28.21 -0.35 26.68
CA GLY B 166 29.35 0.44 27.11
C GLY B 166 29.87 1.42 26.08
N ARG B 167 29.15 1.64 24.99
CA ARG B 167 29.54 2.61 23.96
C ARG B 167 28.55 3.78 24.09
N ILE B 168 28.96 4.84 24.78
CA ILE B 168 27.90 5.77 25.19
C ILE B 168 27.45 6.70 24.08
N GLU B 169 28.19 6.79 22.97
CA GLU B 169 27.67 7.50 21.82
C GLU B 169 26.27 6.97 21.46
N LEU B 170 25.99 5.70 21.79
CA LEU B 170 24.68 5.15 21.50
C LEU B 170 23.60 5.78 22.37
N ALA B 171 23.94 6.18 23.59
CA ALA B 171 22.98 6.88 24.43
C ALA B 171 22.51 8.16 23.76
N SER B 172 23.42 8.89 23.12
CA SER B 172 23.01 10.10 22.39
C SER B 172 22.14 9.74 21.20
N GLY B 173 22.53 8.71 20.44
CA GLY B 173 21.73 8.34 19.27
C GLY B 173 20.33 7.91 19.65
N GLN B 174 20.21 7.16 20.75
CA GLN B 174 18.93 6.64 21.21
C GLN B 174 18.06 7.76 21.77
N ARG B 175 18.70 8.75 22.43
CA ARG B 175 17.99 9.92 22.90
C ARG B 175 17.39 10.73 21.77
N ILE B 176 18.14 10.92 20.69
CA ILE B 176 17.63 11.72 19.57
C ILE B 176 16.59 10.95 18.76
N ALA B 177 16.82 9.65 18.52
CA ALA B 177 15.92 8.90 17.64
C ALA B 177 14.62 8.52 18.35
N CYS B 178 14.68 8.21 19.65
CA CYS B 178 13.53 7.74 20.39
C CYS B 178 12.88 8.82 21.26
N GLY B 179 13.53 9.96 21.45
CA GLY B 179 13.00 11.04 22.26
C GLY B 179 13.54 11.02 23.68
N SER B 180 13.53 12.21 24.31
CA SER B 180 14.03 12.31 25.69
C SER B 180 13.07 11.71 26.71
N ASP B 181 11.83 11.37 26.30
CA ASP B 181 10.91 10.60 27.14
C ASP B 181 11.32 9.14 27.26
N PHE B 182 12.09 8.64 26.31
CA PHE B 182 12.58 7.26 26.35
C PHE B 182 13.50 7.07 27.55
N ILE B 183 13.22 6.06 28.37
CA ILE B 183 13.97 5.81 29.60
C ILE B 183 15.20 4.97 29.27
N GLN B 184 16.38 5.54 29.43
CA GLN B 184 17.64 4.83 29.19
C GLN B 184 18.31 4.54 30.51
N LEU B 185 18.59 3.26 30.75
CA LEU B 185 19.31 2.76 31.89
C LEU B 185 20.61 2.12 31.42
N SER B 186 21.72 2.47 32.04
CA SER B 186 22.97 1.79 31.75
C SER B 186 22.90 0.33 32.19
N GLY B 187 23.47 -0.56 31.40
CA GLY B 187 23.64 -1.93 31.82
C GLY B 187 25.11 -2.26 31.94
N ASP B 188 25.95 -1.22 32.02
CA ASP B 188 27.41 -1.36 32.15
C ASP B 188 27.90 -0.48 33.30
N ASP B 189 28.22 -1.11 34.43
CA ASP B 189 28.55 -0.34 35.64
C ASP B 189 29.67 0.65 35.41
N SER B 190 30.72 0.24 34.67
CA SER B 190 31.93 1.06 34.59
C SER B 190 31.75 2.31 33.74
N SER B 191 30.72 2.38 32.89
CA SER B 191 30.45 3.56 32.06
C SER B 191 29.12 4.22 32.43
N ALA B 192 28.51 3.80 33.54
CA ALA B 192 27.23 4.34 33.98
C ALA B 192 27.27 5.86 34.16
N LEU B 193 28.38 6.37 34.66
CA LEU B 193 28.52 7.81 34.90
C LEU B 193 28.38 8.60 33.61
N GLY B 194 29.21 8.29 32.60
CA GLY B 194 29.07 8.96 31.32
C GLY B 194 27.74 8.69 30.63
N PHE B 195 27.18 7.51 30.84
CA PHE B 195 25.91 7.17 30.22
C PHE B 195 24.79 8.10 30.71
N ASN B 196 24.82 8.47 31.98
CA ASN B 196 23.79 9.36 32.50
C ASN B 196 23.98 10.80 32.01
N VAL B 197 25.21 11.27 31.88
CA VAL B 197 25.40 12.63 31.39
C VAL B 197 24.99 12.73 29.92
N HIS B 198 24.96 11.61 29.19
CA HIS B 198 24.48 11.60 27.81
C HIS B 198 22.97 11.43 27.71
N GLY B 199 22.26 11.19 28.82
CA GLY B 199 20.82 11.12 28.77
C GLY B 199 20.21 10.03 29.64
N GLY B 200 21.04 9.11 30.16
CA GLY B 200 20.55 8.07 31.04
C GLY B 200 20.04 8.61 32.37
N VAL B 201 19.24 7.79 33.05
CA VAL B 201 18.68 8.19 34.34
C VAL B 201 18.91 7.12 35.40
N GLY B 202 19.69 6.09 35.09
CA GLY B 202 19.97 5.07 36.09
C GLY B 202 20.80 3.94 35.50
N CYS B 203 21.03 2.92 36.32
CA CYS B 203 21.88 1.81 35.97
C CYS B 203 21.29 0.54 36.56
N ILE B 204 21.03 -0.45 35.72
CA ILE B 204 20.74 -1.81 36.17
C ILE B 204 22.07 -2.51 36.34
N SER B 205 22.42 -2.81 37.59
CA SER B 205 23.80 -2.92 38.05
C SER B 205 24.15 -4.30 38.60
N VAL B 206 25.34 -4.77 38.26
CA VAL B 206 25.93 -5.91 38.94
C VAL B 206 26.48 -5.50 40.31
N THR B 207 27.30 -4.44 40.34
CA THR B 207 27.99 -4.07 41.57
C THR B 207 27.02 -3.71 42.68
N ALA B 208 25.83 -3.22 42.34
CA ALA B 208 24.87 -2.85 43.39
C ALA B 208 24.49 -4.04 44.27
N ASN B 209 24.61 -5.26 43.76
CA ASN B 209 24.38 -6.41 44.61
C ASN B 209 25.31 -6.40 45.80
N VAL B 210 26.53 -5.89 45.61
CA VAL B 210 27.60 -6.00 46.58
C VAL B 210 27.75 -4.74 47.42
N ALA B 211 27.59 -3.57 46.80
CA ALA B 211 27.80 -2.28 47.45
C ALA B 211 26.61 -1.36 47.19
N PRO B 212 25.42 -1.76 47.65
CA PRO B 212 24.21 -1.01 47.28
C PRO B 212 24.21 0.42 47.77
N ARG B 213 24.75 0.68 48.98
CA ARG B 213 24.68 2.03 49.52
C ARG B 213 25.54 2.99 48.69
N ILE B 214 26.80 2.62 48.44
CA ILE B 214 27.67 3.50 47.70
C ILE B 214 27.18 3.67 46.26
N CYS B 215 26.67 2.58 45.65
CA CYS B 215 26.09 2.72 44.33
C CYS B 215 24.89 3.66 44.35
N ALA B 216 24.07 3.59 45.41
CA ALA B 216 22.94 4.51 45.50
C ALA B 216 23.42 5.95 45.70
N GLU B 217 24.44 6.14 46.53
CA GLU B 217 24.98 7.49 46.74
C GLU B 217 25.60 8.04 45.46
N PHE B 218 26.28 7.16 44.69
CA PHE B 218 26.81 7.54 43.38
C PHE B 218 25.69 8.03 42.47
N GLN B 219 24.63 7.24 42.32
CA GLN B 219 23.55 7.67 41.44
C GLN B 219 22.82 8.90 41.98
N LYS B 220 22.68 9.03 43.31
CA LYS B 220 22.05 10.25 43.85
C LYS B 220 22.85 11.49 43.46
N ALA B 221 24.18 11.42 43.55
CA ALA B 221 25.00 12.58 43.23
C ALA B 221 24.84 12.99 41.76
N ILE B 222 24.74 12.00 40.86
CA ILE B 222 24.51 12.30 39.45
C ILE B 222 23.17 13.00 39.27
N SER B 223 22.13 12.46 39.93
CA SER B 223 20.80 13.05 39.74
C SER B 223 20.74 14.48 40.29
N GLU B 224 21.57 14.81 41.26
CA GLU B 224 21.62 16.16 41.79
C GLU B 224 22.60 17.05 41.04
N GLY B 225 23.24 16.53 39.99
CA GLY B 225 24.19 17.31 39.23
C GLY B 225 25.51 17.57 39.93
N ASP B 226 25.81 16.85 40.99
CA ASP B 226 27.11 16.96 41.65
C ASP B 226 28.08 15.97 41.00
N TYR B 227 28.48 16.32 39.78
CA TYR B 227 29.30 15.42 38.96
C TYR B 227 30.73 15.36 39.47
N ARG B 228 31.17 16.38 40.23
CA ARG B 228 32.44 16.27 40.94
C ARG B 228 32.41 15.15 41.96
N GLN B 229 31.35 15.10 42.78
CA GLN B 229 31.26 14.03 43.76
C GLN B 229 31.06 12.68 43.09
N ALA B 230 30.30 12.65 41.99
CA ALA B 230 30.06 11.40 41.29
C ALA B 230 31.37 10.80 40.80
N LEU B 231 32.29 11.64 40.28
CA LEU B 231 33.60 11.17 39.86
C LEU B 231 34.41 10.63 41.03
N GLU B 232 34.30 11.26 42.19
CA GLU B 232 34.92 10.75 43.40
C GLU B 232 34.41 9.35 43.74
N TYR B 233 33.11 9.14 43.61
CA TYR B 233 32.53 7.81 43.80
C TYR B 233 32.96 6.85 42.70
N GLN B 234 33.01 7.33 41.46
CA GLN B 234 33.46 6.49 40.34
C GLN B 234 34.86 5.93 40.62
N ASP B 235 35.79 6.78 41.06
CA ASP B 235 37.16 6.33 41.28
C ASP B 235 37.24 5.32 42.43
N LYS B 236 36.34 5.38 43.39
CA LYS B 236 36.30 4.41 44.47
C LYS B 236 35.63 3.09 44.04
N LEU B 237 34.64 3.16 43.17
CA LEU B 237 33.90 1.97 42.76
C LEU B 237 34.52 1.25 41.56
N PHE B 238 35.19 1.98 40.68
CA PHE B 238 35.69 1.37 39.44
C PHE B 238 36.51 0.10 39.68
N PRO B 239 37.43 0.04 40.64
CA PRO B 239 38.19 -1.21 40.82
C PRO B 239 37.33 -2.38 41.23
N LEU B 240 36.23 -2.12 41.95
CA LEU B 240 35.28 -3.18 42.27
C LEU B 240 34.45 -3.56 41.04
N HIS B 241 34.01 -2.57 40.25
CA HIS B 241 33.28 -2.91 39.01
C HIS B 241 34.12 -3.87 38.17
N GLN B 242 35.41 -3.58 38.06
CA GLN B 242 36.31 -4.33 37.17
C GLN B 242 36.68 -5.68 37.76
N ALA B 243 36.86 -5.75 39.07
CA ALA B 243 37.26 -7.00 39.70
C ALA B 243 36.14 -8.03 39.64
N LEU B 244 34.90 -7.59 39.62
CA LEU B 244 33.76 -8.50 39.61
C LEU B 244 33.55 -9.18 38.26
N PHE B 245 34.24 -8.77 37.19
CA PHE B 245 34.11 -9.50 35.93
C PHE B 245 35.45 -9.94 35.36
N ILE B 246 36.48 -10.07 36.21
CA ILE B 246 37.66 -10.87 35.84
C ILE B 246 37.23 -12.28 35.46
N GLU B 247 36.46 -12.92 36.34
CA GLU B 247 35.79 -14.18 36.05
C GLU B 247 34.29 -13.89 36.01
N PRO B 248 33.45 -14.87 35.69
CA PRO B 248 32.02 -14.57 35.54
C PRO B 248 31.43 -13.88 36.76
N SER B 249 30.66 -12.82 36.51
CA SER B 249 30.20 -11.96 37.60
C SER B 249 29.28 -12.69 38.59
N ILE B 250 28.51 -13.67 38.16
CA ILE B 250 27.60 -14.31 39.11
C ILE B 250 28.38 -15.02 40.21
N SER B 251 29.47 -15.69 39.85
CA SER B 251 30.33 -16.30 40.86
C SER B 251 31.05 -15.24 41.68
N SER B 252 31.52 -14.19 41.02
CA SER B 252 32.30 -13.17 41.71
C SER B 252 31.46 -12.42 42.73
N VAL B 253 30.21 -12.12 42.37
CA VAL B 253 29.33 -11.38 43.26
C VAL B 253 29.02 -12.20 44.51
N LYS B 254 28.71 -13.49 44.33
CA LYS B 254 28.40 -14.31 45.48
C LYS B 254 29.60 -14.48 46.40
N TYR B 255 30.81 -14.58 45.82
CA TYR B 255 32.01 -14.61 46.64
C TYR B 255 32.13 -13.33 47.47
N ALA B 256 31.97 -12.17 46.81
CA ALA B 256 32.06 -10.88 47.50
C ALA B 256 31.04 -10.77 48.64
N LEU B 257 29.82 -11.22 48.40
CA LEU B 257 28.80 -11.17 49.42
C LEU B 257 29.20 -12.01 50.64
N SER B 258 29.69 -13.24 50.44
CA SER B 258 30.08 -14.04 51.59
C SER B 258 31.25 -13.40 52.33
N ARG B 259 32.18 -12.77 51.60
CA ARG B 259 33.28 -12.07 52.26
C ARG B 259 32.81 -10.84 53.02
N LEU B 260 31.63 -10.32 52.70
CA LEU B 260 31.00 -9.27 53.48
C LEU B 260 30.23 -9.81 54.68
N GLY B 261 30.10 -11.13 54.79
CA GLY B 261 29.35 -11.73 55.87
C GLY B 261 27.87 -11.86 55.65
N ARG B 262 27.39 -11.69 54.42
CA ARG B 262 25.98 -11.85 54.11
C ARG B 262 25.64 -13.34 54.05
N ASN B 263 24.35 -13.65 54.22
CA ASN B 263 23.90 -15.04 54.18
C ASN B 263 23.61 -15.41 52.72
N VAL B 264 24.69 -15.63 51.98
CA VAL B 264 24.63 -16.02 50.58
C VAL B 264 25.64 -17.14 50.38
N SER B 265 25.15 -18.28 49.89
CA SER B 265 26.05 -19.39 49.58
C SER B 265 26.78 -19.10 48.26
N LEU B 266 27.89 -19.80 48.08
CA LEU B 266 28.72 -19.65 46.89
C LEU B 266 28.16 -20.42 45.70
N VAL B 267 27.11 -21.20 45.91
CA VAL B 267 26.63 -22.16 44.93
C VAL B 267 26.10 -21.45 43.70
N VAL B 268 26.59 -21.87 42.54
CA VAL B 268 26.08 -21.45 41.24
C VAL B 268 25.77 -22.72 40.44
N ARG B 269 25.10 -22.55 39.32
CA ARG B 269 24.65 -23.69 38.53
C ARG B 269 25.49 -23.83 37.26
N ALA B 270 25.88 -25.06 36.97
CA ALA B 270 26.63 -25.36 35.77
C ALA B 270 25.87 -24.84 34.54
N PRO B 271 26.57 -24.25 33.56
CA PRO B 271 28.03 -24.25 33.36
C PRO B 271 28.81 -23.19 34.11
N MET B 272 28.19 -22.41 34.98
CA MET B 272 28.96 -21.57 35.89
C MET B 272 29.57 -22.43 36.98
N VAL B 273 30.70 -21.99 37.53
CA VAL B 273 31.36 -22.66 38.65
C VAL B 273 31.65 -21.62 39.71
N SER B 274 31.69 -22.06 40.97
CA SER B 274 31.96 -21.17 42.08
C SER B 274 33.45 -20.97 42.35
N ILE B 275 34.31 -21.88 41.89
CA ILE B 275 35.74 -21.77 42.14
C ILE B 275 36.31 -20.57 41.39
N LEU B 276 36.99 -19.68 42.13
CA LEU B 276 37.69 -18.53 41.57
C LEU B 276 39.20 -18.71 41.75
N GLU B 277 39.97 -18.18 40.80
CA GLU B 277 41.42 -18.16 40.97
C GLU B 277 41.83 -17.29 42.16
N LYS B 278 42.92 -17.70 42.81
CA LYS B 278 43.49 -16.94 43.91
C LYS B 278 43.63 -15.47 43.56
N GLU B 279 44.14 -15.17 42.36
CA GLU B 279 44.36 -13.78 41.99
C GLU B 279 43.03 -13.04 41.84
N THR B 280 41.98 -13.74 41.41
CA THR B 280 40.67 -13.12 41.28
C THR B 280 40.09 -12.75 42.64
N MET B 281 40.12 -13.70 43.58
CA MET B 281 39.60 -13.41 44.90
C MET B 281 40.36 -12.26 45.55
N PHE B 282 41.68 -12.20 45.34
CA PHE B 282 42.45 -11.11 45.94
C PHE B 282 42.12 -9.78 45.31
N ALA B 283 41.88 -9.75 43.98
CA ALA B 283 41.49 -8.51 43.33
C ALA B 283 40.17 -8.00 43.90
N ILE B 284 39.23 -8.91 44.15
CA ILE B 284 37.95 -8.52 44.74
C ILE B 284 38.14 -8.04 46.18
N ASP B 285 38.90 -8.79 46.99
CA ASP B 285 39.13 -8.41 48.38
C ASP B 285 39.77 -7.03 48.48
N GLN B 286 40.75 -6.72 47.62
CA GLN B 286 41.36 -5.40 47.70
C GLN B 286 40.40 -4.30 47.26
N ALA B 287 39.57 -4.58 46.24
CA ALA B 287 38.60 -3.58 45.82
C ALA B 287 37.55 -3.31 46.90
N LEU B 288 37.18 -4.34 47.66
CA LEU B 288 36.26 -4.15 48.78
C LEU B 288 36.94 -3.38 49.91
N ASP B 289 38.18 -3.73 50.23
CA ASP B 289 38.94 -2.95 51.21
C ASP B 289 39.01 -1.47 50.82
N HIS B 290 39.19 -1.21 49.53
CA HIS B 290 39.33 0.17 49.06
C HIS B 290 38.05 0.98 49.27
N ILE B 291 36.90 0.33 49.30
CA ILE B 291 35.67 1.01 49.69
C ILE B 291 35.34 0.78 51.18
N GLY B 292 36.35 0.49 51.99
CA GLY B 292 36.20 0.44 53.43
C GLY B 292 35.34 -0.71 53.88
N LEU B 293 34.17 -0.81 53.26
CA LEU B 293 33.22 -1.92 53.35
C LEU B 293 33.73 -3.23 53.94
N CYS B 294 35.03 -3.46 53.92
CA CYS B 294 35.59 -4.66 54.55
C CYS B 294 36.51 -4.30 55.71
N ALA B 295 37.71 -3.79 55.45
CA ALA B 295 38.77 -3.82 56.45
C ALA B 295 38.65 -2.68 57.45
N GLY B 296 38.60 -1.43 56.97
CA GLY B 296 38.61 -0.26 57.82
C GLY B 296 37.67 -0.29 59.00
N MET C 1 -22.31 -23.39 -26.80
CA MET C 1 -21.69 -22.05 -26.82
CA MET C 1 -22.10 -22.06 -26.28
C MET C 1 -20.75 -21.87 -25.60
N PHE C 2 -20.60 -20.67 -25.07
CA PHE C 2 -19.38 -20.26 -24.38
C PHE C 2 -19.57 -20.27 -22.88
N GLN C 3 -18.68 -20.97 -22.18
CA GLN C 3 -18.73 -21.05 -20.74
C GLN C 3 -17.35 -21.48 -20.23
N ARG C 4 -17.19 -21.42 -18.91
CA ARG C 4 -15.98 -21.87 -18.22
C ARG C 4 -14.79 -21.06 -18.78
N SER C 5 -13.63 -21.67 -19.02
CA SER C 5 -12.41 -20.92 -19.22
C SER C 5 -12.09 -20.80 -20.72
N ILE C 6 -11.99 -19.56 -21.20
CA ILE C 6 -11.83 -19.24 -22.61
C ILE C 6 -10.60 -18.33 -22.74
N PRO C 7 -9.47 -18.80 -23.25
CA PRO C 7 -8.33 -17.91 -23.41
C PRO C 7 -8.58 -16.85 -24.48
N ALA C 8 -8.19 -15.62 -24.16
CA ALA C 8 -7.95 -14.59 -25.16
C ALA C 8 -6.55 -14.85 -25.70
N LEU C 9 -6.47 -15.51 -26.85
CA LEU C 9 -5.20 -16.08 -27.29
C LEU C 9 -4.19 -15.00 -27.63
N ILE C 10 -2.94 -15.22 -27.18
CA ILE C 10 -1.82 -14.44 -27.69
C ILE C 10 -1.66 -14.77 -29.17
N THR C 11 -1.05 -13.83 -29.90
CA THR C 11 -0.64 -14.07 -31.28
C THR C 11 0.89 -14.16 -31.31
N PRO C 12 1.47 -15.36 -31.35
CA PRO C 12 2.93 -15.46 -31.38
C PRO C 12 3.52 -14.97 -32.69
N PHE C 13 4.66 -14.30 -32.58
CA PHE C 13 5.42 -13.84 -33.75
C PHE C 13 6.78 -14.53 -33.82
N THR C 14 7.31 -14.65 -35.04
CA THR C 14 8.64 -15.19 -35.26
C THR C 14 9.68 -14.12 -34.93
N LYS C 15 10.94 -14.57 -34.83
CA LYS C 15 12.07 -13.65 -34.75
C LYS C 15 12.03 -12.64 -35.89
N ASP C 16 11.48 -13.02 -37.04
CA ASP C 16 11.36 -12.14 -38.20
C ASP C 16 10.16 -11.19 -38.14
N ASN C 17 9.31 -11.32 -37.12
CA ASN C 17 8.09 -10.51 -36.97
C ASN C 17 7.00 -10.91 -37.98
N LEU C 18 6.88 -12.20 -38.23
CA LEU C 18 5.77 -12.80 -38.95
C LEU C 18 4.95 -13.59 -37.94
N ILE C 19 3.67 -13.82 -38.25
CA ILE C 19 2.90 -14.71 -37.40
C ILE C 19 3.63 -16.06 -37.34
N ASP C 20 3.84 -16.56 -36.13
CA ASP C 20 4.42 -17.89 -35.91
C ASP C 20 3.27 -18.89 -35.93
N GLU C 21 2.90 -19.31 -37.14
CA GLU C 21 1.75 -20.19 -37.29
C GLU C 21 1.93 -21.50 -36.55
N ASP C 22 3.13 -22.08 -36.61
CA ASP C 22 3.39 -23.32 -35.90
C ASP C 22 3.11 -23.15 -34.41
N SER C 23 3.64 -22.07 -33.82
CA SER C 23 3.48 -21.81 -32.40
C SER C 23 2.02 -21.55 -32.04
N PHE C 24 1.32 -20.80 -32.88
CA PHE C 24 -0.11 -20.55 -32.66
C PHE C 24 -0.88 -21.88 -32.62
N VAL C 25 -0.70 -22.72 -33.65
CA VAL C 25 -1.41 -24.01 -33.69
C VAL C 25 -1.09 -24.83 -32.45
N ASP C 26 0.20 -24.94 -32.11
CA ASP C 26 0.59 -25.71 -30.92
C ASP C 26 -0.07 -25.15 -29.67
N HIS C 27 -0.12 -23.82 -29.56
CA HIS C 27 -0.71 -23.19 -28.38
C HIS C 27 -2.19 -23.51 -28.29
N ILE C 28 -2.90 -23.47 -29.42
CA ILE C 28 -4.32 -23.85 -29.43
C ILE C 28 -4.48 -25.32 -29.07
N GLU C 29 -3.69 -26.20 -29.69
CA GLU C 29 -3.83 -27.62 -29.37
C GLU C 29 -3.62 -27.87 -27.88
N TRP C 30 -2.63 -27.18 -27.28
CA TRP C 30 -2.35 -27.37 -25.86
C TRP C 30 -3.49 -26.83 -25.01
N GLN C 31 -4.03 -25.66 -25.36
CA GLN C 31 -5.18 -25.12 -24.64
C GLN C 31 -6.33 -26.12 -24.62
N ILE C 32 -6.60 -26.77 -25.76
CA ILE C 32 -7.70 -27.73 -25.81
C ILE C 32 -7.39 -28.98 -24.96
N SER C 33 -6.17 -29.52 -25.07
CA SER C 33 -5.84 -30.67 -24.22
C SER C 33 -6.03 -30.34 -22.74
N GLU C 34 -5.66 -29.14 -22.34
CA GLU C 34 -5.58 -28.78 -20.92
C GLU C 34 -6.93 -28.40 -20.33
N GLY C 35 -7.93 -28.17 -21.16
CA GLY C 35 -9.30 -28.10 -20.68
C GLY C 35 -10.02 -26.81 -20.99
N SER C 36 -9.46 -26.01 -21.89
CA SER C 36 -10.12 -24.78 -22.26
C SER C 36 -11.40 -25.11 -23.02
N SER C 37 -12.46 -24.36 -22.73
CA SER C 37 -13.78 -24.62 -23.27
C SER C 37 -14.09 -23.83 -24.53
N GLY C 38 -13.19 -22.93 -24.94
CA GLY C 38 -13.47 -22.01 -26.03
C GLY C 38 -12.24 -21.20 -26.32
N LEU C 39 -12.29 -20.43 -27.40
CA LEU C 39 -11.11 -19.72 -27.86
C LEU C 39 -11.51 -18.36 -28.42
N VAL C 40 -10.71 -17.35 -28.10
CA VAL C 40 -10.86 -16.01 -28.68
C VAL C 40 -9.56 -15.63 -29.37
N PRO C 41 -9.49 -15.76 -30.69
CA PRO C 41 -8.35 -15.24 -31.43
C PRO C 41 -8.51 -13.77 -31.80
N ALA C 42 -7.36 -13.09 -31.88
CA ALA C 42 -7.25 -11.70 -32.31
C ALA C 42 -8.09 -10.76 -31.46
N GLY C 43 -8.16 -11.03 -30.16
CA GLY C 43 -8.62 -10.06 -29.19
C GLY C 43 -7.49 -9.15 -28.75
N THR C 44 -7.73 -8.42 -27.65
CA THR C 44 -6.74 -7.48 -27.15
C THR C 44 -5.43 -8.20 -26.84
N THR C 45 -5.52 -9.33 -26.15
CA THR C 45 -4.33 -10.10 -25.78
C THR C 45 -3.67 -10.71 -27.00
N GLY C 46 -4.41 -10.82 -28.11
CA GLY C 46 -3.91 -11.23 -29.40
C GLY C 46 -3.27 -10.12 -30.22
N GLU C 47 -3.04 -8.95 -29.63
CA GLU C 47 -2.38 -7.84 -30.30
C GLU C 47 -3.09 -7.44 -31.58
N SER C 48 -4.43 -7.43 -31.53
CA SER C 48 -5.23 -7.04 -32.68
C SER C 48 -4.80 -5.67 -33.20
N SER C 49 -4.49 -4.76 -32.28
CA SER C 49 -4.15 -3.39 -32.68
C SER C 49 -2.98 -3.36 -33.66
N THR C 50 -2.03 -4.28 -33.54
CA THR C 50 -0.82 -4.23 -34.34
C THR C 50 -0.79 -5.29 -35.44
N LEU C 51 -1.88 -6.01 -35.63
CA LEU C 51 -2.05 -6.89 -36.78
C LEU C 51 -2.65 -6.12 -37.94
N SER C 52 -2.15 -6.39 -39.15
CA SER C 52 -2.82 -5.91 -40.35
C SER C 52 -4.18 -6.60 -40.50
N TYR C 53 -4.97 -6.13 -41.47
CA TYR C 53 -6.26 -6.76 -41.73
C TYR C 53 -6.07 -8.22 -42.13
N GLU C 54 -5.12 -8.49 -43.00
CA GLU C 54 -4.89 -9.85 -43.49
C GLU C 54 -4.35 -10.75 -42.38
N GLU C 55 -3.41 -10.23 -41.57
CA GLU C 55 -2.93 -11.01 -40.43
C GLU C 55 -4.07 -11.31 -39.47
N HIS C 56 -4.91 -10.32 -39.19
CA HIS C 56 -6.06 -10.55 -38.31
C HIS C 56 -6.93 -11.67 -38.87
N CYS C 57 -7.27 -11.60 -40.16
CA CYS C 57 -8.08 -12.65 -40.76
C CYS C 57 -7.36 -14.00 -40.73
N ARG C 58 -6.07 -14.01 -41.08
CA ARG C 58 -5.30 -15.25 -41.00
C ARG C 58 -5.35 -15.84 -39.60
N VAL C 59 -5.16 -15.02 -38.56
CA VAL C 59 -5.20 -15.54 -37.20
C VAL C 59 -6.56 -16.16 -36.91
N VAL C 60 -7.63 -15.51 -37.36
CA VAL C 60 -8.96 -16.05 -37.12
C VAL C 60 -9.14 -17.36 -37.88
N GLU C 61 -8.78 -17.35 -39.17
CA GLU C 61 -8.96 -18.55 -39.99
C GLU C 61 -8.19 -19.72 -39.39
N LEU C 62 -6.93 -19.48 -38.99
CA LEU C 62 -6.09 -20.55 -38.50
C LEU C 62 -6.66 -21.12 -37.20
N CYS C 63 -7.24 -20.26 -36.36
CA CYS C 63 -7.80 -20.74 -35.10
C CYS C 63 -9.06 -21.56 -35.34
N VAL C 64 -9.89 -21.16 -36.30
CA VAL C 64 -11.06 -21.96 -36.64
C VAL C 64 -10.65 -23.32 -37.19
N LYS C 65 -9.64 -23.35 -38.07
CA LYS C 65 -9.14 -24.62 -38.62
C LYS C 65 -8.65 -25.54 -37.51
N THR C 66 -7.66 -25.07 -36.73
CA THR C 66 -7.08 -25.89 -35.68
C THR C 66 -8.14 -26.40 -34.72
N ALA C 67 -9.04 -25.52 -34.26
CA ALA C 67 -10.11 -25.97 -33.37
C ALA C 67 -10.92 -27.10 -34.01
N ALA C 68 -11.21 -26.98 -35.31
CA ALA C 68 -11.94 -28.00 -36.06
C ALA C 68 -13.14 -28.54 -35.28
N GLY C 69 -13.93 -27.60 -34.75
CA GLY C 69 -15.21 -27.92 -34.12
C GLY C 69 -15.12 -28.50 -32.72
N ARG C 70 -13.93 -28.72 -32.19
CA ARG C 70 -13.84 -29.33 -30.87
C ARG C 70 -14.33 -28.37 -29.79
N VAL C 71 -14.01 -27.09 -29.96
CA VAL C 71 -14.47 -26.04 -29.05
C VAL C 71 -14.90 -24.84 -29.88
N PRO C 72 -15.81 -24.03 -29.34
CA PRO C 72 -16.28 -22.88 -30.12
C PRO C 72 -15.25 -21.76 -30.16
N VAL C 73 -15.23 -21.06 -31.28
CA VAL C 73 -14.27 -19.99 -31.56
C VAL C 73 -15.05 -18.68 -31.64
N MET C 74 -14.66 -17.69 -30.82
CA MET C 74 -15.31 -16.38 -30.81
C MET C 74 -14.29 -15.39 -31.35
N ALA C 75 -14.42 -15.05 -32.64
CA ALA C 75 -13.43 -14.23 -33.31
C ALA C 75 -13.49 -12.78 -32.84
N GLY C 76 -12.33 -12.23 -32.52
CA GLY C 76 -12.20 -10.80 -32.34
C GLY C 76 -12.54 -10.06 -33.62
N ALA C 77 -13.51 -9.15 -33.52
CA ALA C 77 -13.99 -8.35 -34.64
C ALA C 77 -14.08 -6.89 -34.23
N GLY C 78 -13.20 -6.48 -33.34
CA GLY C 78 -13.31 -5.20 -32.70
C GLY C 78 -12.53 -4.13 -33.45
N SER C 79 -13.06 -2.91 -33.37
CA SER C 79 -12.36 -1.75 -33.90
C SER C 79 -13.21 -0.55 -33.55
N ASN C 80 -12.58 0.62 -33.55
CA ASN C 80 -13.30 1.86 -33.40
C ASN C 80 -13.79 2.42 -34.74
N ASN C 81 -13.76 1.59 -35.79
CA ASN C 81 -14.18 1.94 -37.14
C ASN C 81 -15.25 0.93 -37.57
N THR C 82 -16.51 1.37 -37.63
CA THR C 82 -17.61 0.43 -37.81
C THR C 82 -17.47 -0.37 -39.10
N LYS C 83 -17.14 0.29 -40.22
CA LYS C 83 -17.07 -0.45 -41.47
C LYS C 83 -15.98 -1.52 -41.41
N GLU C 84 -14.84 -1.19 -40.79
CA GLU C 84 -13.80 -2.21 -40.62
C GLU C 84 -14.30 -3.35 -39.73
N SER C 85 -15.04 -3.03 -38.67
CA SER C 85 -15.60 -4.08 -37.83
C SER C 85 -16.54 -4.99 -38.62
N ILE C 86 -17.41 -4.41 -39.45
CA ILE C 86 -18.27 -5.24 -40.29
C ILE C 86 -17.43 -6.18 -41.14
N GLU C 87 -16.38 -5.65 -41.78
CA GLU C 87 -15.52 -6.48 -42.64
C GLU C 87 -14.91 -7.64 -41.85
N LEU C 88 -14.22 -7.32 -40.75
CA LEU C 88 -13.69 -8.35 -39.87
C LEU C 88 -14.76 -9.34 -39.44
N ALA C 89 -15.96 -8.85 -39.16
CA ALA C 89 -17.04 -9.70 -38.67
C ALA C 89 -17.50 -10.67 -39.75
N GLN C 90 -17.61 -10.19 -40.99
CA GLN C 90 -18.08 -11.03 -42.08
C GLN C 90 -17.04 -12.06 -42.49
N TYR C 91 -15.75 -11.71 -42.41
CA TYR C 91 -14.75 -12.72 -42.71
C TYR C 91 -14.83 -13.84 -41.67
N ALA C 92 -14.89 -13.47 -40.39
CA ALA C 92 -14.99 -14.48 -39.35
C ALA C 92 -16.15 -15.40 -39.61
N GLN C 93 -17.30 -14.84 -39.99
CA GLN C 93 -18.47 -15.64 -40.32
C GLN C 93 -18.19 -16.57 -41.49
N ASN C 94 -17.66 -16.02 -42.59
CA ASN C 94 -17.41 -16.82 -43.77
C ASN C 94 -16.34 -17.88 -43.56
N THR C 95 -15.34 -17.63 -42.71
CA THR C 95 -14.32 -18.66 -42.49
C THR C 95 -14.73 -19.68 -41.43
N GLY C 96 -15.84 -19.49 -40.75
CA GLY C 96 -16.43 -20.51 -39.90
C GLY C 96 -16.38 -20.29 -38.38
N ALA C 97 -16.15 -19.07 -37.92
CA ALA C 97 -16.22 -18.80 -36.49
C ALA C 97 -17.62 -19.03 -35.96
N ASP C 98 -17.71 -19.27 -34.66
CA ASP C 98 -18.97 -19.58 -34.01
C ASP C 98 -19.64 -18.36 -33.40
N ALA C 99 -18.88 -17.31 -33.09
CA ALA C 99 -19.45 -16.10 -32.52
C ALA C 99 -18.47 -14.96 -32.74
N LEU C 100 -18.89 -13.75 -32.34
CA LEU C 100 -18.10 -12.55 -32.56
C LEU C 100 -17.95 -11.76 -31.26
N LEU C 101 -16.73 -11.28 -31.01
CA LEU C 101 -16.42 -10.42 -29.88
C LEU C 101 -16.17 -9.02 -30.43
N VAL C 102 -16.95 -8.05 -29.95
CA VAL C 102 -16.96 -6.69 -30.52
C VAL C 102 -16.77 -5.70 -29.39
N VAL C 103 -15.60 -5.05 -29.37
CA VAL C 103 -15.31 -4.10 -28.30
C VAL C 103 -16.09 -2.80 -28.53
N VAL C 104 -16.53 -2.20 -27.43
CA VAL C 104 -16.98 -0.81 -27.41
C VAL C 104 -15.88 0.04 -28.03
N PRO C 105 -16.19 0.85 -29.06
CA PRO C 105 -15.15 1.64 -29.71
C PRO C 105 -14.32 2.46 -28.74
N TYR C 106 -13.01 2.48 -28.99
CA TYR C 106 -12.02 3.20 -28.21
C TYR C 106 -11.60 4.47 -28.94
N TYR C 107 -11.03 5.39 -28.16
CA TYR C 107 -10.42 6.63 -28.63
C TYR C 107 -11.38 7.68 -29.19
N ASN C 108 -12.25 7.34 -30.15
CA ASN C 108 -13.11 8.38 -30.72
C ASN C 108 -14.39 8.62 -29.91
N LYS C 109 -14.59 7.90 -28.81
CA LYS C 109 -15.62 8.13 -27.81
C LYS C 109 -16.98 8.50 -28.39
N PRO C 110 -17.67 7.57 -29.02
CA PRO C 110 -19.07 7.79 -29.42
C PRO C 110 -19.99 7.87 -28.21
N ASN C 111 -21.10 8.60 -28.39
CA ASN C 111 -22.14 8.62 -27.37
C ASN C 111 -23.03 7.39 -27.54
N LYS C 112 -24.09 7.32 -26.71
CA LYS C 112 -25.02 6.20 -26.76
C LYS C 112 -25.57 5.96 -28.16
N LYS C 113 -25.96 7.04 -28.85
CA LYS C 113 -26.48 6.86 -30.20
C LYS C 113 -25.44 6.20 -31.10
N GLY C 114 -24.17 6.58 -30.93
CA GLY C 114 -23.12 5.97 -31.72
C GLY C 114 -22.91 4.51 -31.38
N LEU C 115 -23.06 4.14 -30.11
CA LEU C 115 -22.96 2.73 -29.75
C LEU C 115 -24.09 1.93 -30.40
N LEU C 116 -25.32 2.46 -30.36
CA LEU C 116 -26.42 1.79 -31.04
C LEU C 116 -26.14 1.66 -32.52
N ALA C 117 -25.60 2.72 -33.14
CA ALA C 117 -25.28 2.67 -34.56
C ALA C 117 -24.20 1.63 -34.85
N HIS C 118 -23.17 1.59 -34.00
CA HIS C 118 -22.05 0.68 -34.23
C HIS C 118 -22.49 -0.77 -34.11
N PHE C 119 -23.07 -1.13 -32.97
CA PHE C 119 -23.45 -2.51 -32.73
C PHE C 119 -24.65 -2.92 -33.58
N GLY C 120 -25.48 -1.96 -33.98
CA GLY C 120 -26.60 -2.29 -34.86
C GLY C 120 -26.16 -2.58 -36.28
N SER C 121 -25.21 -1.80 -36.80
CA SER C 121 -24.70 -2.05 -38.14
C SER C 121 -24.03 -3.41 -38.22
N ILE C 122 -23.33 -3.82 -37.16
CA ILE C 122 -22.70 -5.13 -37.18
C ILE C 122 -23.75 -6.23 -37.10
N ALA C 123 -24.70 -6.09 -36.16
CA ALA C 123 -25.74 -7.11 -36.03
C ALA C 123 -26.55 -7.25 -37.32
N ASN C 124 -26.72 -6.17 -38.08
CA ASN C 124 -27.40 -6.25 -39.36
C ASN C 124 -26.57 -6.98 -40.41
N ALA C 125 -25.24 -6.94 -40.31
CA ALA C 125 -24.40 -7.45 -41.38
C ALA C 125 -23.98 -8.91 -41.22
N VAL C 126 -24.39 -9.59 -40.14
CA VAL C 126 -23.97 -10.96 -39.92
C VAL C 126 -25.09 -11.70 -39.19
N SER C 127 -25.05 -13.03 -39.26
CA SER C 127 -26.00 -13.87 -38.54
C SER C 127 -25.41 -14.47 -37.27
N LEU C 128 -24.10 -14.39 -37.09
CA LEU C 128 -23.45 -15.00 -35.93
C LEU C 128 -23.90 -14.31 -34.63
N PRO C 129 -23.86 -15.04 -33.51
CA PRO C 129 -24.02 -14.39 -32.20
C PRO C 129 -22.92 -13.37 -31.92
N ILE C 130 -23.29 -12.31 -31.22
CA ILE C 130 -22.39 -11.19 -30.96
C ILE C 130 -22.28 -11.00 -29.45
N TYR C 131 -21.04 -10.87 -28.97
CA TYR C 131 -20.74 -10.58 -27.57
C TYR C 131 -20.15 -9.17 -27.46
N ILE C 132 -20.80 -8.32 -26.66
CA ILE C 132 -20.32 -6.97 -26.40
C ILE C 132 -19.13 -7.05 -25.46
N TYR C 133 -18.03 -6.41 -25.85
CA TYR C 133 -16.80 -6.38 -25.03
C TYR C 133 -16.72 -4.99 -24.39
N ASN C 134 -17.09 -4.92 -23.12
CA ASN C 134 -17.11 -3.69 -22.33
C ASN C 134 -15.81 -3.62 -21.50
N ASN C 135 -14.98 -2.61 -21.78
CA ASN C 135 -13.67 -2.48 -21.12
C ASN C 135 -13.26 -1.02 -21.05
N PRO C 136 -13.89 -0.24 -20.16
CA PRO C 136 -13.61 1.19 -20.12
C PRO C 136 -12.20 1.55 -19.63
N SER C 137 -11.49 0.65 -18.94
CA SER C 137 -10.11 0.94 -18.59
C SER C 137 -9.24 1.11 -19.84
N ARG C 138 -9.71 0.64 -20.99
CA ARG C 138 -9.05 0.83 -22.27
C ARG C 138 -9.81 1.72 -23.24
N THR C 139 -11.15 1.76 -23.17
CA THR C 139 -11.97 2.52 -24.11
C THR C 139 -12.41 3.87 -23.57
N VAL C 140 -12.25 4.12 -22.27
CA VAL C 140 -12.75 5.31 -21.58
C VAL C 140 -14.26 5.20 -21.40
N ILE C 141 -15.02 5.25 -22.49
CA ILE C 141 -16.47 5.16 -22.36
C ILE C 141 -16.89 3.75 -21.95
N GLU C 142 -17.95 3.69 -21.16
CA GLU C 142 -18.57 2.43 -20.71
C GLU C 142 -19.97 2.32 -21.31
N MET C 143 -20.31 1.15 -21.86
CA MET C 143 -21.70 0.93 -22.23
C MET C 143 -22.51 0.72 -20.97
N ASP C 144 -23.53 1.54 -20.76
CA ASP C 144 -24.38 1.39 -19.59
C ASP C 144 -25.43 0.30 -19.82
N VAL C 145 -26.09 -0.09 -18.73
CA VAL C 145 -26.96 -1.25 -18.74
C VAL C 145 -28.20 -1.02 -19.61
N ASP C 146 -28.68 0.23 -19.67
CA ASP C 146 -29.84 0.52 -20.52
C ASP C 146 -29.49 0.30 -21.99
N THR C 147 -28.32 0.81 -22.41
CA THR C 147 -27.87 0.61 -23.79
C THR C 147 -27.73 -0.88 -24.10
N MET C 148 -27.19 -1.64 -23.17
CA MET C 148 -27.00 -3.08 -23.39
C MET C 148 -28.35 -3.79 -23.51
N ALA C 149 -29.26 -3.50 -22.58
CA ALA C 149 -30.61 -4.07 -22.62
C ALA C 149 -31.33 -3.73 -23.92
N GLU C 150 -31.15 -2.50 -24.40
CA GLU C 150 -31.81 -2.10 -25.64
C GLU C 150 -31.29 -2.90 -26.81
N LEU C 151 -29.96 -3.08 -26.89
CA LEU C 151 -29.39 -3.87 -27.97
C LEU C 151 -29.83 -5.32 -27.91
N VAL C 152 -29.93 -5.88 -26.69
CA VAL C 152 -30.35 -7.27 -26.55
C VAL C 152 -31.77 -7.44 -27.08
N LYS C 153 -32.64 -6.49 -26.75
CA LYS C 153 -34.05 -6.56 -27.16
C LYS C 153 -34.20 -6.27 -28.65
N THR C 154 -33.42 -5.31 -29.18
CA THR C 154 -33.57 -4.91 -30.57
C THR C 154 -33.01 -5.94 -31.54
N TYR C 155 -31.95 -6.65 -31.16
CA TYR C 155 -31.25 -7.55 -32.08
C TYR C 155 -31.05 -8.89 -31.39
N SER C 156 -31.64 -9.95 -31.96
CA SER C 156 -31.61 -11.23 -31.25
C SER C 156 -30.29 -11.96 -31.43
N ASN C 157 -29.40 -11.48 -32.30
CA ASN C 157 -28.06 -12.02 -32.43
C ASN C 157 -27.03 -11.25 -31.58
N ILE C 158 -27.46 -10.29 -30.77
CA ILE C 158 -26.64 -9.77 -29.68
C ILE C 158 -27.01 -10.56 -28.44
N VAL C 159 -26.11 -11.45 -28.01
CA VAL C 159 -26.48 -12.52 -27.08
C VAL C 159 -25.76 -12.45 -25.74
N GLY C 160 -24.69 -11.66 -25.61
CA GLY C 160 -23.89 -11.76 -24.41
C GLY C 160 -22.93 -10.61 -24.25
N VAL C 161 -22.23 -10.62 -23.11
CA VAL C 161 -21.26 -9.58 -22.77
C VAL C 161 -19.95 -10.26 -22.32
N ASP C 163 -17.49 -8.74 -19.88
CA ASP C 163 -17.52 -7.64 -18.94
C ASP C 163 -16.16 -7.55 -18.22
N ALA C 164 -15.31 -6.66 -18.71
CA ALA C 164 -13.98 -6.46 -18.16
C ALA C 164 -13.91 -5.27 -17.19
N THR C 165 -15.05 -4.87 -16.60
CA THR C 165 -15.03 -3.74 -15.67
C THR C 165 -14.39 -4.11 -14.33
N GLY C 166 -14.56 -5.34 -13.88
CA GLY C 166 -14.20 -5.72 -12.53
C GLY C 166 -15.17 -5.28 -11.45
N ARG C 167 -16.29 -4.66 -11.84
CA ARG C 167 -17.29 -4.17 -10.89
C ARG C 167 -18.51 -5.09 -10.95
N ILE C 168 -18.52 -6.10 -10.09
CA ILE C 168 -19.48 -7.19 -10.29
C ILE C 168 -20.91 -6.79 -9.94
N GLU C 169 -21.13 -5.63 -9.31
CA GLU C 169 -22.50 -5.13 -9.23
C GLU C 169 -23.11 -5.01 -10.63
N LEU C 170 -22.29 -4.77 -11.66
CA LEU C 170 -22.83 -4.63 -13.01
C LEU C 170 -23.33 -5.96 -13.54
N ALA C 171 -22.77 -7.08 -13.05
CA ALA C 171 -23.28 -8.39 -13.46
C ALA C 171 -24.74 -8.56 -13.01
N SER C 172 -25.05 -8.11 -11.80
CA SER C 172 -26.44 -8.14 -11.34
C SER C 172 -27.31 -7.21 -12.18
N GLY C 173 -26.85 -5.97 -12.37
CA GLY C 173 -27.60 -5.04 -13.20
C GLY C 173 -27.95 -5.62 -14.56
N GLN C 174 -26.97 -6.26 -15.20
CA GLN C 174 -27.08 -6.74 -16.56
C GLN C 174 -27.94 -8.01 -16.64
N ARG C 175 -27.84 -8.86 -15.62
CA ARG C 175 -28.71 -10.01 -15.52
C ARG C 175 -30.17 -9.59 -15.48
N ILE C 176 -30.49 -8.57 -14.67
CA ILE C 176 -31.87 -8.18 -14.45
C ILE C 176 -32.41 -7.44 -15.67
N ALA C 177 -31.61 -6.53 -16.25
CA ALA C 177 -32.09 -5.73 -17.37
C ALA C 177 -32.18 -6.55 -18.65
N CYS C 178 -31.19 -7.40 -18.91
CA CYS C 178 -31.12 -8.18 -20.14
C CYS C 178 -31.70 -9.57 -20.01
N GLY C 179 -32.10 -9.96 -18.81
CA GLY C 179 -32.63 -11.29 -18.59
C GLY C 179 -31.54 -12.32 -18.28
N SER C 180 -31.99 -13.44 -17.73
CA SER C 180 -31.09 -14.48 -17.25
C SER C 180 -30.55 -15.38 -18.36
N ASP C 181 -31.07 -15.29 -19.58
CA ASP C 181 -30.54 -16.03 -20.72
C ASP C 181 -29.50 -15.25 -21.51
N PHE C 182 -29.28 -13.99 -21.16
CA PHE C 182 -28.14 -13.20 -21.63
C PHE C 182 -26.85 -13.78 -21.06
N ILE C 183 -25.88 -14.05 -21.93
CA ILE C 183 -24.68 -14.81 -21.57
C ILE C 183 -23.61 -13.83 -21.08
N GLN C 184 -23.27 -13.91 -19.80
CA GLN C 184 -22.28 -13.02 -19.20
C GLN C 184 -20.97 -13.78 -18.99
N LEU C 185 -19.89 -13.23 -19.52
CA LEU C 185 -18.54 -13.75 -19.36
C LEU C 185 -17.65 -12.68 -18.73
N SER C 186 -16.83 -13.09 -17.75
CA SER C 186 -15.84 -12.20 -17.17
C SER C 186 -14.73 -11.89 -18.15
N GLY C 187 -14.30 -10.63 -18.17
CA GLY C 187 -13.08 -10.25 -18.85
C GLY C 187 -12.04 -9.74 -17.87
N ASP C 188 -12.18 -10.13 -16.60
CA ASP C 188 -11.23 -9.74 -15.54
C ASP C 188 -10.94 -10.98 -14.70
N ASP C 189 -9.77 -11.60 -14.92
CA ASP C 189 -9.43 -12.85 -14.25
C ASP C 189 -9.60 -12.77 -12.75
N SER C 190 -9.16 -11.66 -12.14
CA SER C 190 -9.08 -11.58 -10.68
C SER C 190 -10.43 -11.46 -9.99
N SER C 191 -11.50 -11.12 -10.72
CA SER C 191 -12.85 -11.09 -10.17
C SER C 191 -13.79 -12.08 -10.84
N ALA C 192 -13.25 -12.98 -11.66
CA ALA C 192 -14.07 -13.96 -12.36
C ALA C 192 -14.91 -14.80 -11.40
N LEU C 193 -14.35 -15.13 -10.24
CA LEU C 193 -15.07 -15.98 -9.28
C LEU C 193 -16.36 -15.32 -8.82
N GLY C 194 -16.28 -14.06 -8.36
CA GLY C 194 -17.47 -13.37 -7.91
C GLY C 194 -18.42 -13.04 -9.06
N PHE C 195 -17.86 -12.78 -10.24
CA PHE C 195 -18.68 -12.54 -11.43
C PHE C 195 -19.61 -13.70 -11.69
N ASN C 196 -19.10 -14.92 -11.62
CA ASN C 196 -19.93 -16.08 -11.92
C ASN C 196 -21.01 -16.29 -10.87
N VAL C 197 -20.76 -15.97 -9.60
CA VAL C 197 -21.82 -16.19 -8.62
C VAL C 197 -22.92 -15.13 -8.76
N HIS C 198 -22.60 -13.96 -9.32
CA HIS C 198 -23.62 -12.96 -9.65
C HIS C 198 -24.39 -13.26 -10.93
N GLY C 199 -23.99 -14.31 -11.66
CA GLY C 199 -24.76 -14.78 -12.80
C GLY C 199 -23.91 -15.10 -14.01
N GLY C 200 -22.62 -14.77 -14.00
CA GLY C 200 -21.77 -15.12 -15.12
C GLY C 200 -21.57 -16.63 -15.22
N VAL C 201 -21.14 -17.07 -16.41
CA VAL C 201 -20.95 -18.49 -16.67
C VAL C 201 -19.55 -18.82 -17.19
N GLY C 202 -18.65 -17.83 -17.27
CA GLY C 202 -17.28 -18.13 -17.61
C GLY C 202 -16.42 -16.89 -17.63
N CYS C 203 -15.19 -17.06 -18.12
CA CYS C 203 -14.23 -15.97 -18.19
C CYS C 203 -13.47 -16.07 -19.51
N ILE C 204 -13.38 -14.94 -20.21
CA ILE C 204 -12.45 -14.79 -21.32
C ILE C 204 -11.16 -14.21 -20.72
N SER C 205 -10.10 -15.03 -20.70
CA SER C 205 -9.07 -14.96 -19.67
C SER C 205 -7.69 -14.74 -20.27
N VAL C 206 -6.93 -13.81 -19.67
CA VAL C 206 -5.53 -13.68 -20.02
C VAL C 206 -4.71 -14.81 -19.41
N THR C 207 -4.92 -15.06 -18.11
CA THR C 207 -4.09 -16.02 -17.39
C THR C 207 -4.18 -17.42 -17.99
N ALA C 208 -5.31 -17.76 -18.61
CA ALA C 208 -5.46 -19.11 -19.13
C ALA C 208 -4.51 -19.39 -20.29
N ASN C 209 -3.93 -18.36 -20.91
CA ASN C 209 -2.84 -18.59 -21.84
C ASN C 209 -1.70 -19.34 -21.16
N VAL C 210 -1.40 -18.97 -19.91
CA VAL C 210 -0.23 -19.45 -19.20
C VAL C 210 -0.53 -20.72 -18.39
N ALA C 211 -1.69 -20.76 -17.75
CA ALA C 211 -2.05 -21.83 -16.83
C ALA C 211 -3.41 -22.42 -17.21
N PRO C 212 -3.53 -22.98 -18.42
CA PRO C 212 -4.87 -23.41 -18.88
C PRO C 212 -5.53 -24.44 -17.99
N ARG C 213 -4.78 -25.41 -17.49
CA ARG C 213 -5.42 -26.51 -16.78
C ARG C 213 -6.00 -26.04 -15.45
N ILE C 214 -5.26 -25.22 -14.71
CA ILE C 214 -5.76 -24.79 -13.41
C ILE C 214 -6.93 -23.83 -13.59
N CYS C 215 -6.85 -22.94 -14.60
CA CYS C 215 -7.99 -22.08 -14.90
C CYS C 215 -9.22 -22.91 -15.28
N ALA C 216 -9.02 -23.97 -16.07
CA ALA C 216 -10.11 -24.89 -16.38
C ALA C 216 -10.69 -25.51 -15.11
N GLU C 217 -9.83 -26.04 -14.26
CA GLU C 217 -10.31 -26.67 -13.02
C GLU C 217 -10.99 -25.66 -12.11
N PHE C 218 -10.48 -24.42 -12.09
CA PHE C 218 -11.12 -23.34 -11.36
C PHE C 218 -12.56 -23.16 -11.82
N GLN C 219 -12.76 -22.99 -13.13
CA GLN C 219 -14.09 -22.79 -13.66
C GLN C 219 -14.97 -24.04 -13.50
N LYS C 220 -14.37 -25.24 -13.57
CA LYS C 220 -15.14 -26.47 -13.36
C LYS C 220 -15.65 -26.53 -11.92
N ALA C 221 -14.80 -26.15 -10.96
CA ALA C 221 -15.25 -26.05 -9.58
C ALA C 221 -16.47 -25.13 -9.44
N ILE C 222 -16.43 -23.97 -10.09
CA ILE C 222 -17.51 -23.00 -9.92
C ILE C 222 -18.81 -23.57 -10.48
N SER C 223 -18.74 -24.22 -11.64
CA SER C 223 -19.95 -24.73 -12.28
C SER C 223 -20.57 -25.87 -11.50
N GLU C 224 -19.74 -26.67 -10.81
CA GLU C 224 -20.28 -27.70 -9.92
C GLU C 224 -20.71 -27.15 -8.57
N GLY C 225 -20.70 -25.83 -8.40
CA GLY C 225 -21.09 -25.25 -7.12
C GLY C 225 -20.17 -25.56 -5.96
N ASP C 226 -18.94 -25.98 -6.23
CA ASP C 226 -17.96 -26.24 -5.16
C ASP C 226 -17.18 -24.94 -4.94
N TYR C 227 -17.79 -24.04 -4.17
CA TYR C 227 -17.23 -22.70 -4.04
C TYR C 227 -16.14 -22.62 -2.99
N ARG C 228 -16.06 -23.61 -2.08
CA ARG C 228 -14.88 -23.78 -1.25
C ARG C 228 -13.66 -24.12 -2.10
N GLN C 229 -13.78 -25.09 -3.00
CA GLN C 229 -12.63 -25.48 -3.80
C GLN C 229 -12.27 -24.42 -4.81
N ALA C 230 -13.27 -23.72 -5.36
CA ALA C 230 -12.99 -22.59 -6.23
C ALA C 230 -12.18 -21.52 -5.50
N LEU C 231 -12.49 -21.29 -4.21
CA LEU C 231 -11.75 -20.31 -3.44
C LEU C 231 -10.29 -20.74 -3.26
N GLU C 232 -10.03 -22.04 -3.09
CA GLU C 232 -8.65 -22.49 -3.02
C GLU C 232 -7.90 -22.19 -4.31
N TYR C 233 -8.54 -22.44 -5.46
CA TYR C 233 -7.90 -22.14 -6.74
C TYR C 233 -7.65 -20.64 -6.89
N GLN C 234 -8.61 -19.81 -6.46
CA GLN C 234 -8.43 -18.36 -6.52
C GLN C 234 -7.16 -17.93 -5.80
N ASP C 235 -6.90 -18.49 -4.62
CA ASP C 235 -5.71 -18.10 -3.88
C ASP C 235 -4.43 -18.59 -4.55
N LYS C 236 -4.48 -19.72 -5.27
CA LYS C 236 -3.29 -20.15 -6.02
C LYS C 236 -3.04 -19.25 -7.24
N LEU C 237 -4.13 -18.82 -7.89
CA LEU C 237 -4.05 -18.14 -9.18
C LEU C 237 -3.90 -16.64 -9.05
N PHE C 238 -4.41 -16.07 -7.97
CA PHE C 238 -4.47 -14.62 -7.86
C PHE C 238 -3.11 -13.95 -8.01
N PRO C 239 -2.03 -14.47 -7.42
CA PRO C 239 -0.72 -13.84 -7.62
C PRO C 239 -0.29 -13.83 -9.06
N LEU C 240 -0.58 -14.91 -9.80
CA LEU C 240 -0.29 -14.94 -11.23
C LEU C 240 -1.18 -13.96 -11.99
N HIS C 241 -2.50 -13.93 -11.68
CA HIS C 241 -3.36 -12.93 -12.32
C HIS C 241 -2.73 -11.54 -12.21
N GLN C 242 -2.30 -11.21 -10.99
CA GLN C 242 -1.82 -9.86 -10.70
C GLN C 242 -0.44 -9.61 -11.29
N ALA C 243 0.44 -10.62 -11.20
CA ALA C 243 1.79 -10.47 -11.73
C ALA C 243 1.78 -10.25 -13.24
N LEU C 244 0.79 -10.82 -13.95
CA LEU C 244 0.80 -10.72 -15.40
C LEU C 244 0.40 -9.34 -15.91
N PHE C 245 -0.04 -8.42 -15.06
CA PHE C 245 -0.33 -7.07 -15.55
C PHE C 245 0.37 -5.99 -14.73
N ILE C 246 1.49 -6.33 -14.06
CA ILE C 246 2.38 -5.27 -13.56
C ILE C 246 2.80 -4.38 -14.72
N GLU C 247 3.28 -5.00 -15.78
CA GLU C 247 3.52 -4.41 -17.09
C GLU C 247 2.52 -5.03 -18.06
N PRO C 248 2.44 -4.51 -19.29
CA PRO C 248 1.41 -5.02 -20.21
C PRO C 248 1.35 -6.54 -20.26
N SER C 249 0.12 -7.07 -20.27
CA SER C 249 -0.07 -8.51 -20.15
C SER C 249 0.50 -9.26 -21.35
N ILE C 250 0.49 -8.63 -22.53
CA ILE C 250 0.90 -9.32 -23.74
C ILE C 250 2.37 -9.72 -23.63
N SER C 251 3.23 -8.76 -23.30
CA SER C 251 4.63 -9.07 -23.03
C SER C 251 4.78 -10.05 -21.87
N SER C 252 3.94 -9.88 -20.84
CA SER C 252 4.09 -10.69 -19.63
C SER C 252 3.71 -12.14 -19.87
N VAL C 253 2.68 -12.38 -20.69
CA VAL C 253 2.22 -13.73 -20.95
C VAL C 253 3.23 -14.48 -21.82
N LYS C 254 3.84 -13.77 -22.78
CA LYS C 254 4.84 -14.41 -23.63
C LYS C 254 6.09 -14.73 -22.82
N TYR C 255 6.50 -13.83 -21.92
CA TYR C 255 7.61 -14.15 -21.03
C TYR C 255 7.29 -15.37 -20.17
N ALA C 256 6.07 -15.44 -19.64
CA ALA C 256 5.72 -16.58 -18.79
C ALA C 256 5.72 -17.88 -19.58
N LEU C 257 5.14 -17.88 -20.78
CA LEU C 257 5.13 -19.07 -21.61
C LEU C 257 6.56 -19.53 -21.93
N SER C 258 7.43 -18.59 -22.28
CA SER C 258 8.85 -18.89 -22.45
C SER C 258 9.41 -19.61 -21.23
N ARG C 259 9.23 -19.02 -20.05
CA ARG C 259 9.73 -19.62 -18.83
C ARG C 259 9.19 -21.03 -18.62
N LEU C 260 8.00 -21.32 -19.14
CA LEU C 260 7.43 -22.65 -19.00
C LEU C 260 8.00 -23.66 -20.00
N GLY C 261 8.83 -23.21 -20.93
CA GLY C 261 9.37 -24.10 -21.94
C GLY C 261 8.60 -24.16 -23.23
N ARG C 262 7.46 -23.48 -23.32
CA ARG C 262 6.66 -23.53 -24.53
C ARG C 262 7.40 -22.86 -25.69
N ASN C 263 7.08 -23.30 -26.91
CA ASN C 263 7.67 -22.75 -28.12
C ASN C 263 6.96 -21.44 -28.48
N VAL C 264 7.27 -20.40 -27.71
CA VAL C 264 6.67 -19.10 -27.93
C VAL C 264 7.74 -18.03 -27.81
N SER C 265 8.00 -17.34 -28.91
CA SER C 265 8.91 -16.20 -28.95
C SER C 265 8.47 -15.08 -28.01
N LEU C 266 9.46 -14.34 -27.49
CA LEU C 266 9.17 -13.15 -26.70
C LEU C 266 8.76 -11.95 -27.56
N VAL C 267 8.84 -12.07 -28.88
CA VAL C 267 8.59 -10.92 -29.76
C VAL C 267 7.17 -10.40 -29.57
N VAL C 268 7.05 -9.09 -29.45
CA VAL C 268 5.78 -8.36 -29.45
C VAL C 268 5.98 -7.17 -30.38
N ARG C 269 4.88 -6.50 -30.75
CA ARG C 269 4.98 -5.39 -31.69
C ARG C 269 4.82 -4.03 -31.02
N ALA C 270 5.66 -3.09 -31.40
CA ALA C 270 5.56 -1.75 -30.85
C ALA C 270 4.15 -1.21 -31.09
N PRO C 271 3.59 -0.45 -30.15
CA PRO C 271 4.25 0.10 -28.95
C PRO C 271 4.36 -0.83 -27.74
N MET C 272 4.01 -2.11 -27.85
CA MET C 272 4.42 -3.07 -26.84
C MET C 272 5.92 -3.34 -26.95
N VAL C 273 6.57 -3.63 -25.82
CA VAL C 273 7.99 -4.00 -25.80
C VAL C 273 8.16 -5.31 -25.06
N SER C 274 9.20 -6.07 -25.43
CA SER C 274 9.45 -7.38 -24.82
C SER C 274 10.14 -7.25 -23.46
N ILE C 275 10.98 -6.22 -23.31
CA ILE C 275 11.84 -6.10 -22.14
C ILE C 275 10.99 -5.80 -20.92
N LEU C 276 11.15 -6.63 -19.88
CA LEU C 276 10.47 -6.49 -18.61
C LEU C 276 11.48 -6.13 -17.53
N GLU C 277 11.05 -5.37 -16.52
CA GLU C 277 11.92 -5.08 -15.40
C GLU C 277 12.31 -6.35 -14.67
N LYS C 278 13.52 -6.36 -14.07
CA LYS C 278 13.93 -7.46 -13.21
C LYS C 278 12.84 -7.83 -12.22
N GLU C 279 12.24 -6.81 -11.58
CA GLU C 279 11.26 -7.07 -10.53
C GLU C 279 9.99 -7.70 -11.10
N THR C 280 9.57 -7.27 -12.29
CA THR C 280 8.40 -7.85 -12.93
C THR C 280 8.63 -9.32 -13.27
N MET C 281 9.77 -9.61 -13.92
CA MET C 281 10.10 -10.99 -14.24
C MET C 281 10.10 -11.86 -12.99
N PHE C 282 10.71 -11.38 -11.90
CA PHE C 282 10.78 -12.19 -10.70
C PHE C 282 9.38 -12.41 -10.11
N ALA C 283 8.54 -11.38 -10.11
CA ALA C 283 7.19 -11.57 -9.58
C ALA C 283 6.42 -12.63 -10.38
N ILE C 284 6.60 -12.65 -11.71
CA ILE C 284 5.98 -13.70 -12.53
C ILE C 284 6.57 -15.07 -12.20
N ASP C 285 7.91 -15.17 -12.15
CA ASP C 285 8.56 -16.42 -11.79
C ASP C 285 8.02 -16.95 -10.46
N GLN C 286 7.89 -16.08 -9.47
CA GLN C 286 7.44 -16.53 -8.16
C GLN C 286 5.99 -17.01 -8.20
N ALA C 287 5.15 -16.33 -8.99
CA ALA C 287 3.76 -16.76 -9.12
C ALA C 287 3.66 -18.10 -9.84
N LEU C 288 4.54 -18.34 -10.81
CA LEU C 288 4.59 -19.64 -11.49
C LEU C 288 5.06 -20.73 -10.53
N ASP C 289 6.10 -20.46 -9.74
CA ASP C 289 6.54 -21.44 -8.75
C ASP C 289 5.44 -21.75 -7.74
N HIS C 290 4.60 -20.77 -7.41
CA HIS C 290 3.51 -21.02 -6.46
C HIS C 290 2.48 -21.99 -7.00
N ILE C 291 2.30 -22.07 -8.33
CA ILE C 291 1.38 -23.04 -8.90
C ILE C 291 2.12 -24.30 -9.37
N GLY C 292 3.27 -24.59 -8.78
CA GLY C 292 3.94 -25.87 -8.97
C GLY C 292 4.60 -25.99 -10.32
N LEU C 293 3.87 -25.55 -11.35
CA LEU C 293 4.47 -25.20 -12.63
C LEU C 293 5.81 -24.52 -12.38
N CYS C 294 6.64 -24.42 -13.40
CA CYS C 294 8.06 -24.24 -13.19
C CYS C 294 8.60 -25.24 -12.16
N ALA C 295 8.90 -24.78 -10.95
CA ALA C 295 10.02 -25.36 -10.19
C ALA C 295 9.74 -26.77 -9.68
N GLY C 296 8.65 -26.94 -8.92
CA GLY C 296 8.37 -28.20 -8.24
C GLY C 296 8.50 -29.45 -9.12
N MET D 1 -17.24 -13.68 15.17
CA MET D 1 -18.04 -12.79 16.08
C MET D 1 -19.02 -11.98 15.23
N PHE D 2 -18.51 -11.39 14.16
CA PHE D 2 -19.31 -10.63 13.22
C PHE D 2 -19.42 -11.39 11.91
N GLN D 3 -20.66 -11.66 11.50
CA GLN D 3 -20.91 -12.41 10.28
C GLN D 3 -22.33 -12.10 9.81
N ARG D 4 -22.58 -12.43 8.56
CA ARG D 4 -23.90 -12.30 7.90
C ARG D 4 -24.32 -10.84 7.89
N SER D 5 -25.59 -10.54 8.18
CA SER D 5 -26.17 -9.24 7.89
C SER D 5 -26.08 -8.34 9.12
N ILE D 6 -25.39 -7.22 8.96
CA ILE D 6 -25.10 -6.29 10.04
C ILE D 6 -25.55 -4.90 9.61
N PRO D 7 -26.66 -4.37 10.14
CA PRO D 7 -27.09 -3.02 9.75
C PRO D 7 -26.12 -1.96 10.24
N ALA D 8 -25.77 -1.05 9.35
CA ALA D 8 -25.24 0.27 9.75
C ALA D 8 -26.45 1.12 10.11
N LEU D 9 -26.80 1.10 11.38
CA LEU D 9 -28.04 1.70 11.87
C LEU D 9 -28.14 3.18 11.55
N ILE D 10 -29.29 3.57 10.98
CA ILE D 10 -29.68 4.97 10.97
C ILE D 10 -29.80 5.49 12.40
N THR D 11 -29.66 6.80 12.55
CA THR D 11 -29.93 7.49 13.82
C THR D 11 -31.22 8.31 13.66
N PRO D 12 -32.34 7.89 14.23
CA PRO D 12 -33.59 8.64 14.05
C PRO D 12 -33.62 9.90 14.89
N PHE D 13 -34.25 10.93 14.32
CA PHE D 13 -34.37 12.25 14.95
C PHE D 13 -35.83 12.64 15.12
N THR D 14 -36.09 13.52 16.09
CA THR D 14 -37.40 14.14 16.28
C THR D 14 -37.51 15.43 15.44
N LYS D 15 -38.75 15.92 15.31
CA LYS D 15 -38.96 17.24 14.69
C LYS D 15 -38.11 18.30 15.37
N ASP D 16 -38.02 18.26 16.70
CA ASP D 16 -37.19 19.21 17.42
C ASP D 16 -35.69 18.94 17.27
N ASN D 17 -35.33 17.98 16.42
CA ASN D 17 -33.92 17.68 16.12
C ASN D 17 -33.18 17.15 17.36
N LEU D 18 -33.82 16.23 18.05
CA LEU D 18 -33.25 15.49 19.15
C LEU D 18 -33.19 14.03 18.71
N ILE D 19 -32.33 13.25 19.36
CA ILE D 19 -32.30 11.83 19.05
C ILE D 19 -33.61 11.20 19.50
N ASP D 20 -34.32 10.55 18.58
CA ASP D 20 -35.53 9.83 18.92
C ASP D 20 -35.12 8.47 19.48
N GLU D 21 -34.84 8.46 20.78
CA GLU D 21 -34.37 7.27 21.46
C GLU D 21 -35.41 6.15 21.38
N ASP D 22 -36.69 6.49 21.50
CA ASP D 22 -37.73 5.48 21.38
C ASP D 22 -37.68 4.80 20.02
N SER D 23 -37.58 5.61 18.96
CA SER D 23 -37.49 5.06 17.61
C SER D 23 -36.23 4.23 17.43
N PHE D 24 -35.09 4.75 17.88
CA PHE D 24 -33.82 4.02 17.77
C PHE D 24 -33.91 2.65 18.45
N VAL D 25 -34.44 2.63 19.68
CA VAL D 25 -34.59 1.36 20.40
C VAL D 25 -35.50 0.41 19.63
N ASP D 26 -36.68 0.91 19.21
CA ASP D 26 -37.61 0.04 18.48
C ASP D 26 -36.96 -0.52 17.22
N HIS D 27 -36.18 0.30 16.52
CA HIS D 27 -35.49 -0.17 15.31
C HIS D 27 -34.51 -1.29 15.62
N ILE D 28 -33.71 -1.12 16.70
CA ILE D 28 -32.77 -2.17 17.10
C ILE D 28 -33.52 -3.46 17.42
N GLU D 29 -34.57 -3.38 18.26
CA GLU D 29 -35.34 -4.58 18.59
C GLU D 29 -35.84 -5.25 17.34
N TRP D 30 -36.39 -4.45 16.41
CA TRP D 30 -36.89 -4.96 15.15
C TRP D 30 -35.78 -5.64 14.35
N GLN D 31 -34.64 -4.95 14.22
CA GLN D 31 -33.50 -5.55 13.51
C GLN D 31 -33.13 -6.91 14.09
N ILE D 32 -33.12 -7.02 15.41
CA ILE D 32 -32.76 -8.28 16.04
C ILE D 32 -33.86 -9.32 15.84
N SER D 33 -35.12 -8.94 16.03
CA SER D 33 -36.21 -9.87 15.78
C SER D 33 -36.18 -10.38 14.34
N GLU D 34 -35.85 -9.51 13.39
CA GLU D 34 -35.90 -9.88 11.98
C GLU D 34 -34.69 -10.66 11.49
N GLY D 35 -33.66 -10.83 12.31
CA GLY D 35 -32.57 -11.73 11.96
C GLY D 35 -31.17 -11.15 11.80
N SER D 36 -31.02 -9.86 12.09
CA SER D 36 -29.71 -9.25 11.95
C SER D 36 -28.78 -9.77 13.04
N SER D 37 -27.53 -10.06 12.67
CA SER D 37 -26.61 -10.80 13.54
C SER D 37 -25.64 -9.91 14.31
N GLY D 38 -25.62 -8.62 14.03
CA GLY D 38 -24.78 -7.67 14.73
C GLY D 38 -25.29 -6.29 14.37
N LEU D 39 -24.70 -5.28 14.99
CA LEU D 39 -25.18 -3.91 14.82
C LEU D 39 -24.00 -2.97 14.75
N VAL D 40 -24.12 -1.93 13.92
CA VAL D 40 -23.14 -0.86 13.84
C VAL D 40 -23.83 0.46 14.16
N PRO D 41 -23.74 0.93 15.40
CA PRO D 41 -24.28 2.26 15.71
C PRO D 41 -23.30 3.37 15.37
N ALA D 42 -23.84 4.48 14.87
CA ALA D 42 -23.10 5.73 14.69
C ALA D 42 -21.99 5.61 13.64
N GLY D 43 -22.24 4.86 12.59
CA GLY D 43 -21.44 4.92 11.38
C GLY D 43 -21.93 5.98 10.42
N THR D 44 -21.52 5.83 9.16
CA THR D 44 -21.90 6.78 8.11
C THR D 44 -23.42 6.86 7.97
N THR D 45 -24.07 5.71 7.85
CA THR D 45 -25.53 5.67 7.72
C THR D 45 -26.21 6.23 8.96
N GLY D 46 -25.54 6.16 10.12
CA GLY D 46 -25.97 6.77 11.35
C GLY D 46 -25.72 8.26 11.47
N GLU D 47 -25.23 8.90 10.42
CA GLU D 47 -25.03 10.35 10.42
C GLU D 47 -24.03 10.81 11.47
N SER D 48 -22.95 10.03 11.68
CA SER D 48 -22.02 10.38 12.75
C SER D 48 -21.47 11.79 12.54
N SER D 49 -21.38 12.23 11.28
CA SER D 49 -20.81 13.53 10.99
C SER D 49 -21.62 14.68 11.55
N THR D 50 -22.92 14.49 11.80
CA THR D 50 -23.77 15.55 12.32
C THR D 50 -24.19 15.30 13.77
N LEU D 51 -23.61 14.30 14.42
CA LEU D 51 -23.80 14.06 15.83
C LEU D 51 -22.72 14.82 16.61
N SER D 52 -23.12 15.48 17.69
CA SER D 52 -22.12 15.98 18.64
C SER D 52 -21.39 14.80 19.25
N TYR D 53 -20.23 15.08 19.88
CA TYR D 53 -19.51 14.02 20.56
C TYR D 53 -20.40 13.32 21.57
N GLU D 54 -21.19 14.10 22.32
CA GLU D 54 -22.02 13.51 23.37
C GLU D 54 -23.16 12.69 22.79
N GLU D 55 -23.74 13.11 21.66
CA GLU D 55 -24.79 12.32 21.03
C GLU D 55 -24.24 11.00 20.48
N HIS D 56 -23.12 11.07 19.77
CA HIS D 56 -22.40 9.87 19.31
C HIS D 56 -22.31 8.85 20.43
N CYS D 57 -21.75 9.27 21.57
CA CYS D 57 -21.63 8.39 22.73
C CYS D 57 -22.99 7.87 23.16
N ARG D 58 -23.99 8.76 23.26
CA ARG D 58 -25.34 8.34 23.61
C ARG D 58 -25.85 7.24 22.67
N VAL D 59 -25.68 7.45 21.36
CA VAL D 59 -26.14 6.46 20.39
C VAL D 59 -25.48 5.11 20.65
N VAL D 60 -24.16 5.12 20.91
CA VAL D 60 -23.47 3.86 21.17
C VAL D 60 -23.99 3.22 22.45
N GLU D 61 -24.03 3.99 23.55
CA GLU D 61 -24.55 3.48 24.82
C GLU D 61 -25.91 2.85 24.64
N LEU D 62 -26.81 3.60 23.98
CA LEU D 62 -28.18 3.12 23.79
C LEU D 62 -28.19 1.83 22.97
N CYS D 63 -27.36 1.75 21.93
CA CYS D 63 -27.32 0.53 21.14
C CYS D 63 -26.78 -0.64 21.95
N VAL D 64 -25.74 -0.40 22.77
CA VAL D 64 -25.19 -1.48 23.59
C VAL D 64 -26.21 -1.94 24.63
N LYS D 65 -26.82 -0.98 25.35
CA LYS D 65 -27.82 -1.38 26.34
C LYS D 65 -28.97 -2.14 25.69
N THR D 66 -29.49 -1.64 24.57
CA THR D 66 -30.64 -2.26 23.93
C THR D 66 -30.31 -3.67 23.46
N ALA D 67 -29.13 -3.85 22.85
CA ALA D 67 -28.76 -5.18 22.37
C ALA D 67 -28.64 -6.18 23.51
N ALA D 68 -28.21 -5.73 24.68
CA ALA D 68 -28.10 -6.58 25.86
C ALA D 68 -27.38 -7.88 25.55
N GLY D 69 -26.31 -7.79 24.76
CA GLY D 69 -25.50 -8.95 24.46
C GLY D 69 -26.18 -10.03 23.64
N ARG D 70 -27.33 -9.75 23.05
CA ARG D 70 -27.98 -10.76 22.22
C ARG D 70 -27.25 -10.90 20.89
N VAL D 71 -26.81 -9.78 20.32
CA VAL D 71 -25.98 -9.73 19.12
C VAL D 71 -24.83 -8.79 19.42
N PRO D 72 -23.66 -8.97 18.80
CA PRO D 72 -22.52 -8.08 19.09
C PRO D 72 -22.70 -6.70 18.46
N VAL D 73 -22.05 -5.73 19.08
CA VAL D 73 -22.16 -4.33 18.68
C VAL D 73 -20.76 -3.85 18.28
N MET D 74 -20.64 -3.34 17.05
CA MET D 74 -19.40 -2.76 16.55
C MET D 74 -19.63 -1.26 16.43
N ALA D 75 -19.15 -0.52 17.43
CA ALA D 75 -19.41 0.91 17.51
C ALA D 75 -18.58 1.70 16.50
N GLY D 76 -19.24 2.63 15.82
CA GLY D 76 -18.54 3.66 15.08
C GLY D 76 -17.61 4.43 16.00
N ALA D 77 -16.33 4.49 15.66
CA ALA D 77 -15.35 5.12 16.54
C ALA D 77 -14.26 5.78 15.70
N GLY D 78 -14.66 6.50 14.67
CA GLY D 78 -13.69 7.00 13.74
C GLY D 78 -14.01 8.35 13.15
N SER D 79 -13.04 9.26 13.21
CA SER D 79 -13.12 10.51 12.47
C SER D 79 -11.81 10.72 11.71
N ASN D 80 -11.58 11.94 11.22
CA ASN D 80 -10.31 12.29 10.62
C ASN D 80 -9.40 13.00 11.63
N ASN D 81 -9.71 12.89 12.92
CA ASN D 81 -8.96 13.50 14.02
C ASN D 81 -8.60 12.37 14.97
N THR D 82 -7.30 12.01 15.00
CA THR D 82 -6.89 10.83 15.76
C THR D 82 -7.27 10.91 17.24
N LYS D 83 -7.06 12.07 17.86
CA LYS D 83 -7.42 12.21 19.27
C LYS D 83 -8.91 11.99 19.51
N GLU D 84 -9.75 12.55 18.63
CA GLU D 84 -11.20 12.31 18.75
C GLU D 84 -11.52 10.83 18.60
N SER D 85 -10.89 10.15 17.63
CA SER D 85 -11.16 8.73 17.43
C SER D 85 -10.81 7.92 18.66
N ILE D 86 -9.70 8.26 19.31
CA ILE D 86 -9.29 7.57 20.52
C ILE D 86 -10.36 7.74 21.59
N GLU D 87 -10.80 8.99 21.80
CA GLU D 87 -11.85 9.27 22.78
C GLU D 87 -13.14 8.50 22.48
N LEU D 88 -13.57 8.49 21.21
CA LEU D 88 -14.75 7.71 20.84
C LEU D 88 -14.55 6.22 21.09
N ALA D 89 -13.38 5.69 20.70
CA ALA D 89 -13.11 4.27 20.89
C ALA D 89 -13.09 3.90 22.38
N GLN D 90 -12.47 4.75 23.20
CA GLN D 90 -12.39 4.46 24.62
C GLN D 90 -13.77 4.53 25.27
N TYR D 91 -14.59 5.51 24.86
CA TYR D 91 -15.96 5.53 25.36
C TYR D 91 -16.69 4.25 24.98
N ALA D 92 -16.58 3.81 23.71
CA ALA D 92 -17.31 2.62 23.31
C ALA D 92 -16.85 1.40 24.09
N GLN D 93 -15.55 1.33 24.40
CA GLN D 93 -15.05 0.21 25.17
C GLN D 93 -15.58 0.27 26.60
N ASN D 94 -15.59 1.46 27.18
CA ASN D 94 -16.05 1.64 28.55
C ASN D 94 -17.54 1.39 28.69
N THR D 95 -18.35 1.67 27.67
CA THR D 95 -19.79 1.39 27.76
C THR D 95 -20.12 -0.08 27.48
N GLY D 96 -19.22 -0.82 26.86
CA GLY D 96 -19.44 -2.24 26.63
C GLY D 96 -19.60 -2.68 25.19
N ALA D 97 -19.24 -1.84 24.23
CA ALA D 97 -19.17 -2.29 22.84
C ALA D 97 -18.27 -3.51 22.71
N ASP D 98 -18.55 -4.31 21.69
CA ASP D 98 -17.81 -5.55 21.44
C ASP D 98 -16.66 -5.37 20.46
N ALA D 99 -16.63 -4.28 19.72
CA ALA D 99 -15.63 -4.04 18.70
C ALA D 99 -15.79 -2.60 18.24
N LEU D 100 -14.89 -2.17 17.36
CA LEU D 100 -14.85 -0.80 16.87
C LEU D 100 -14.77 -0.80 15.36
N LEU D 101 -15.37 0.22 14.76
CA LEU D 101 -15.34 0.45 13.32
C LEU D 101 -14.65 1.78 13.13
N VAL D 102 -13.51 1.80 12.41
CA VAL D 102 -12.66 2.96 12.33
C VAL D 102 -12.42 3.29 10.88
N VAL D 103 -12.95 4.42 10.42
CA VAL D 103 -12.83 4.80 9.02
C VAL D 103 -11.42 5.33 8.75
N VAL D 104 -10.91 5.03 7.56
CA VAL D 104 -9.75 5.69 6.99
C VAL D 104 -10.03 7.19 7.02
N PRO D 105 -9.13 8.01 7.57
CA PRO D 105 -9.36 9.45 7.63
C PRO D 105 -9.76 10.07 6.31
N TYR D 106 -10.80 10.91 6.36
CA TYR D 106 -11.31 11.65 5.21
C TYR D 106 -10.85 13.10 5.26
N TYR D 107 -10.92 13.75 4.09
CA TYR D 107 -10.67 15.16 3.88
C TYR D 107 -9.19 15.55 4.01
N ASN D 108 -8.54 15.23 5.11
CA ASN D 108 -7.17 15.69 5.31
C ASN D 108 -6.11 14.77 4.69
N LYS D 109 -6.53 13.63 4.13
CA LYS D 109 -5.71 12.85 3.20
C LYS D 109 -4.30 12.54 3.73
N PRO D 110 -4.20 11.83 4.85
CA PRO D 110 -2.89 11.38 5.33
C PRO D 110 -2.25 10.40 4.35
N ASN D 111 -0.91 10.31 4.41
CA ASN D 111 -0.21 9.34 3.59
C ASN D 111 -0.15 8.02 4.35
N LYS D 112 0.60 7.04 3.81
CA LYS D 112 0.66 5.73 4.46
C LYS D 112 1.22 5.85 5.88
N LYS D 113 2.20 6.73 6.10
CA LYS D 113 2.70 6.89 7.46
C LYS D 113 1.63 7.43 8.39
N GLY D 114 0.77 8.31 7.87
CA GLY D 114 -0.35 8.80 8.68
C GLY D 114 -1.35 7.72 9.03
N LEU D 115 -1.64 6.83 8.08
CA LEU D 115 -2.54 5.73 8.36
C LEU D 115 -1.99 4.85 9.46
N LEU D 116 -0.68 4.54 9.38
CA LEU D 116 -0.07 3.71 10.40
C LEU D 116 -0.17 4.39 11.75
N ALA D 117 0.10 5.70 11.79
CA ALA D 117 0.00 6.46 13.04
C ALA D 117 -1.44 6.50 13.56
N HIS D 118 -2.39 6.74 12.67
CA HIS D 118 -3.79 6.84 13.09
C HIS D 118 -4.27 5.53 13.69
N PHE D 119 -4.14 4.44 12.92
CA PHE D 119 -4.66 3.16 13.39
C PHE D 119 -3.79 2.57 14.50
N GLY D 120 -2.49 2.81 14.46
CA GLY D 120 -1.64 2.37 15.56
C GLY D 120 -1.96 3.08 16.87
N SER D 121 -2.19 4.39 16.82
CA SER D 121 -2.58 5.12 18.02
C SER D 121 -3.86 4.56 18.62
N ILE D 122 -4.84 4.23 17.78
CA ILE D 122 -6.09 3.70 18.30
C ILE D 122 -5.88 2.30 18.84
N ALA D 123 -5.11 1.47 18.10
CA ALA D 123 -4.85 0.12 18.58
C ALA D 123 -4.11 0.11 19.91
N ASN D 124 -3.27 1.12 20.15
CA ASN D 124 -2.56 1.20 21.42
C ASN D 124 -3.45 1.69 22.56
N ALA D 125 -4.57 2.34 22.26
CA ALA D 125 -5.39 3.00 23.29
C ALA D 125 -6.58 2.18 23.76
N VAL D 126 -6.88 1.05 23.12
CA VAL D 126 -8.00 0.21 23.50
C VAL D 126 -7.58 -1.25 23.40
N SER D 127 -8.35 -2.12 24.04
CA SER D 127 -8.17 -3.55 23.95
C SER D 127 -9.22 -4.23 23.08
N LEU D 128 -10.24 -3.51 22.62
CA LEU D 128 -11.26 -4.05 21.74
C LEU D 128 -10.73 -4.36 20.34
N PRO D 129 -11.33 -5.33 19.65
CA PRO D 129 -11.04 -5.51 18.22
C PRO D 129 -11.44 -4.31 17.38
N ILE D 130 -10.63 -4.07 16.34
CA ILE D 130 -10.76 -2.93 15.44
C ILE D 130 -10.95 -3.44 14.02
N TYR D 131 -11.99 -2.94 13.33
CA TYR D 131 -12.20 -3.19 11.91
C TYR D 131 -11.86 -1.91 11.15
N ILE D 132 -10.97 -2.04 10.17
CA ILE D 132 -10.60 -0.94 9.29
C ILE D 132 -11.74 -0.75 8.29
N TYR D 133 -12.21 0.47 8.13
CA TYR D 133 -13.34 0.77 7.25
C TYR D 133 -12.76 1.59 6.09
N ASN D 134 -12.61 0.92 4.96
CA ASN D 134 -12.01 1.45 3.73
C ASN D 134 -13.15 1.83 2.81
N ASN D 135 -13.22 3.11 2.44
CA ASN D 135 -14.35 3.64 1.67
C ASN D 135 -13.85 4.85 0.89
N PRO D 136 -13.02 4.61 -0.14
CA PRO D 136 -12.43 5.73 -0.90
C PRO D 136 -13.44 6.61 -1.61
N SER D 137 -14.59 6.06 -2.03
CA SER D 137 -15.61 6.91 -2.62
C SER D 137 -16.03 8.04 -1.69
N ARG D 138 -15.79 7.92 -0.38
CA ARG D 138 -15.97 9.03 0.56
C ARG D 138 -14.68 9.64 1.08
N THR D 139 -13.66 8.84 1.35
CA THR D 139 -12.40 9.31 1.93
C THR D 139 -11.37 9.76 0.91
N VAL D 140 -11.58 9.46 -0.37
CA VAL D 140 -10.65 9.74 -1.46
C VAL D 140 -9.47 8.76 -1.44
N ILE D 141 -8.73 8.75 -0.32
CA ILE D 141 -7.58 7.85 -0.22
C ILE D 141 -8.07 6.45 0.11
N GLU D 142 -7.29 5.48 -0.31
CA GLU D 142 -7.57 4.07 -0.13
C GLU D 142 -6.40 3.42 0.60
N MET D 143 -6.69 2.73 1.70
CA MET D 143 -5.67 1.91 2.33
C MET D 143 -5.31 0.78 1.38
N ASP D 144 -4.03 0.63 1.04
CA ASP D 144 -3.66 -0.47 0.15
C ASP D 144 -3.41 -1.73 0.98
N VAL D 145 -3.25 -2.85 0.27
CA VAL D 145 -3.18 -4.14 0.95
C VAL D 145 -1.90 -4.26 1.77
N ASP D 146 -0.81 -3.63 1.32
CA ASP D 146 0.44 -3.67 2.08
C ASP D 146 0.28 -2.99 3.43
N THR D 147 -0.36 -1.82 3.45
CA THR D 147 -0.62 -1.13 4.70
C THR D 147 -1.55 -1.92 5.59
N MET D 148 -2.61 -2.46 5.03
CA MET D 148 -3.55 -3.25 5.83
C MET D 148 -2.85 -4.45 6.44
N ALA D 149 -2.08 -5.18 5.62
CA ALA D 149 -1.36 -6.34 6.14
C ALA D 149 -0.34 -5.96 7.21
N GLU D 150 0.29 -4.79 7.09
CA GLU D 150 1.25 -4.39 8.10
C GLU D 150 0.55 -4.09 9.43
N LEU D 151 -0.62 -3.45 9.38
CA LEU D 151 -1.37 -3.17 10.59
C LEU D 151 -1.80 -4.48 11.26
N VAL D 152 -2.27 -5.45 10.46
CA VAL D 152 -2.66 -6.76 11.01
C VAL D 152 -1.47 -7.46 11.64
N LYS D 153 -0.31 -7.45 10.95
CA LYS D 153 0.89 -8.07 11.50
C LYS D 153 1.31 -7.40 12.81
N THR D 154 1.22 -6.07 12.86
CA THR D 154 1.82 -5.31 13.96
C THR D 154 0.94 -5.32 15.20
N TYR D 155 -0.38 -5.27 15.05
CA TYR D 155 -1.32 -5.07 16.15
C TYR D 155 -2.32 -6.20 16.17
N SER D 156 -2.33 -6.98 17.26
CA SER D 156 -3.19 -8.15 17.31
C SER D 156 -4.67 -7.78 17.43
N ASN D 157 -4.99 -6.56 17.81
CA ASN D 157 -6.40 -6.15 17.95
C ASN D 157 -6.94 -5.45 16.70
N ILE D 158 -6.18 -5.40 15.60
CA ILE D 158 -6.71 -5.05 14.28
C ILE D 158 -7.05 -6.36 13.58
N VAL D 159 -8.36 -6.65 13.49
CA VAL D 159 -8.82 -8.00 13.22
C VAL D 159 -9.55 -8.14 11.88
N GLY D 160 -9.97 -7.05 11.26
CA GLY D 160 -10.76 -7.19 10.07
C GLY D 160 -10.91 -5.89 9.32
N VAL D 161 -11.71 -5.96 8.27
CA VAL D 161 -11.96 -4.80 7.41
C VAL D 161 -13.47 -4.77 7.13
N ASP D 163 -14.92 -3.44 3.84
CA ASP D 163 -14.40 -3.07 2.52
C ASP D 163 -15.58 -2.58 1.65
N ALA D 164 -15.72 -1.26 1.54
CA ALA D 164 -16.77 -0.64 0.76
C ALA D 164 -16.31 -0.21 -0.64
N THR D 165 -15.23 -0.80 -1.16
CA THR D 165 -14.78 -0.40 -2.49
C THR D 165 -15.70 -0.93 -3.58
N GLY D 166 -16.32 -2.08 -3.36
CA GLY D 166 -17.05 -2.77 -4.41
C GLY D 166 -16.19 -3.42 -5.46
N ARG D 167 -14.87 -3.46 -5.25
CA ARG D 167 -13.91 -4.09 -6.16
C ARG D 167 -13.42 -5.36 -5.48
N ILE D 168 -14.02 -6.48 -5.85
CA ILE D 168 -13.87 -7.69 -5.03
C ILE D 168 -12.56 -8.40 -5.22
N GLU D 169 -11.79 -8.07 -6.26
CA GLU D 169 -10.43 -8.56 -6.31
C GLU D 169 -9.68 -8.20 -5.04
N LEU D 170 -9.99 -7.03 -4.45
CA LEU D 170 -9.31 -6.60 -3.23
C LEU D 170 -9.55 -7.57 -2.09
N ALA D 171 -10.71 -8.23 -2.07
CA ALA D 171 -10.96 -9.24 -1.05
C ALA D 171 -10.02 -10.42 -1.22
N SER D 172 -9.67 -10.77 -2.46
CA SER D 172 -8.68 -11.82 -2.70
C SER D 172 -7.30 -11.36 -2.24
N GLY D 173 -6.93 -10.13 -2.54
CA GLY D 173 -5.62 -9.63 -2.15
C GLY D 173 -5.48 -9.51 -0.65
N GLN D 174 -6.53 -9.01 0.00
CA GLN D 174 -6.55 -8.86 1.44
C GLN D 174 -6.56 -10.19 2.16
N ARG D 175 -7.19 -11.21 1.55
CA ARG D 175 -7.19 -12.54 2.15
C ARG D 175 -5.82 -13.20 2.11
N ILE D 176 -5.11 -13.05 0.99
CA ILE D 176 -3.77 -13.64 0.87
C ILE D 176 -2.78 -12.89 1.75
N ALA D 177 -2.85 -11.56 1.76
CA ALA D 177 -1.87 -10.76 2.46
C ALA D 177 -2.10 -10.78 3.97
N CYS D 178 -3.36 -10.82 4.41
CA CYS D 178 -3.66 -10.73 5.84
C CYS D 178 -3.99 -12.08 6.46
N GLY D 179 -4.24 -13.10 5.65
CA GLY D 179 -4.56 -14.42 6.14
C GLY D 179 -6.07 -14.69 6.12
N SER D 180 -6.41 -15.97 6.16
CA SER D 180 -7.82 -16.34 6.19
C SER D 180 -8.49 -16.02 7.52
N ASP D 181 -7.71 -15.83 8.59
CA ASP D 181 -8.27 -15.45 9.88
C ASP D 181 -8.69 -13.98 9.91
N PHE D 182 -8.21 -13.18 8.98
CA PHE D 182 -8.60 -11.77 8.87
C PHE D 182 -10.07 -11.70 8.46
N ILE D 183 -10.87 -11.00 9.28
CA ILE D 183 -12.33 -10.99 9.13
C ILE D 183 -12.72 -9.92 8.11
N GLN D 184 -13.25 -10.35 6.96
CA GLN D 184 -13.57 -9.45 5.87
C GLN D 184 -15.10 -9.31 5.75
N LEU D 185 -15.57 -8.07 5.82
CA LEU D 185 -16.99 -7.73 5.74
C LEU D 185 -17.22 -6.74 4.62
N SER D 186 -18.19 -7.01 3.75
CA SER D 186 -18.53 -6.06 2.69
C SER D 186 -19.15 -4.79 3.27
N GLY D 187 -18.78 -3.65 2.70
CA GLY D 187 -19.47 -2.42 2.97
C GLY D 187 -20.24 -1.94 1.75
N ASP D 188 -20.50 -2.84 0.81
CA ASP D 188 -21.16 -2.50 -0.46
C ASP D 188 -22.23 -3.55 -0.71
N ASP D 189 -23.49 -3.20 -0.35
CA ASP D 189 -24.62 -4.11 -0.49
C ASP D 189 -24.65 -4.83 -1.84
N SER D 190 -24.49 -4.07 -2.93
CA SER D 190 -24.71 -4.65 -4.25
C SER D 190 -23.69 -5.70 -4.65
N SER D 191 -22.49 -5.70 -4.03
CA SER D 191 -21.45 -6.67 -4.35
C SER D 191 -21.18 -7.65 -3.22
N ALA D 192 -22.02 -7.63 -2.18
CA ALA D 192 -21.75 -8.45 -0.99
C ALA D 192 -21.76 -9.93 -1.31
N LEU D 193 -22.57 -10.35 -2.29
CA LEU D 193 -22.63 -11.76 -2.67
C LEU D 193 -21.27 -12.25 -3.17
N GLY D 194 -20.72 -11.56 -4.17
CA GLY D 194 -19.42 -11.94 -4.68
C GLY D 194 -18.33 -11.73 -3.65
N PHE D 195 -18.45 -10.69 -2.83
CA PHE D 195 -17.47 -10.44 -1.78
C PHE D 195 -17.30 -11.68 -0.90
N ASN D 196 -18.41 -12.29 -0.48
CA ASN D 196 -18.32 -13.42 0.44
C ASN D 196 -17.70 -14.65 -0.20
N VAL D 197 -17.88 -14.84 -1.52
CA VAL D 197 -17.30 -16.04 -2.14
C VAL D 197 -15.81 -15.86 -2.36
N HIS D 198 -15.32 -14.62 -2.42
CA HIS D 198 -13.88 -14.35 -2.43
C HIS D 198 -13.26 -14.43 -1.04
N GLY D 199 -14.07 -14.64 0.01
CA GLY D 199 -13.55 -14.83 1.36
C GLY D 199 -14.25 -14.03 2.43
N GLY D 200 -15.14 -13.11 2.04
CA GLY D 200 -15.92 -12.38 3.02
C GLY D 200 -16.87 -13.29 3.80
N VAL D 201 -17.27 -12.82 4.99
CA VAL D 201 -18.16 -13.59 5.84
C VAL D 201 -19.43 -12.82 6.19
N GLY D 202 -19.64 -11.65 5.61
CA GLY D 202 -20.80 -10.87 5.95
C GLY D 202 -20.77 -9.51 5.29
N CYS D 203 -21.76 -8.70 5.66
CA CYS D 203 -21.96 -7.38 5.08
C CYS D 203 -22.42 -6.43 6.16
N ILE D 204 -21.78 -5.27 6.24
CA ILE D 204 -22.27 -4.16 7.04
C ILE D 204 -23.07 -3.29 6.09
N SER D 205 -24.39 -3.28 6.29
CA SER D 205 -25.38 -3.06 5.25
C SER D 205 -26.21 -1.80 5.47
N VAL D 206 -26.41 -1.05 4.38
CA VAL D 206 -27.43 0.00 4.34
C VAL D 206 -28.82 -0.60 4.24
N THR D 207 -29.02 -1.48 3.24
CA THR D 207 -30.33 -2.00 2.92
C THR D 207 -30.96 -2.76 4.07
N ALA D 208 -30.17 -3.31 4.98
CA ALA D 208 -30.71 -4.09 6.08
C ALA D 208 -31.53 -3.23 7.04
N ASN D 209 -31.34 -1.91 7.02
CA ASN D 209 -32.19 -1.03 7.81
C ASN D 209 -33.64 -1.17 7.36
N VAL D 210 -33.85 -1.44 6.09
CA VAL D 210 -35.16 -1.42 5.45
C VAL D 210 -35.74 -2.82 5.33
N ALA D 211 -34.93 -3.78 4.89
CA ALA D 211 -35.36 -5.15 4.64
C ALA D 211 -34.49 -6.12 5.43
N PRO D 212 -34.52 -6.04 6.77
CA PRO D 212 -33.60 -6.87 7.56
C PRO D 212 -33.84 -8.34 7.40
N ARG D 213 -35.11 -8.75 7.35
CA ARG D 213 -35.47 -10.15 7.20
C ARG D 213 -34.82 -10.74 5.95
N ILE D 214 -34.99 -10.07 4.81
CA ILE D 214 -34.57 -10.64 3.53
C ILE D 214 -33.05 -10.60 3.39
N CYS D 215 -32.43 -9.53 3.88
CA CYS D 215 -30.96 -9.49 3.94
C CYS D 215 -30.41 -10.64 4.78
N ALA D 216 -31.03 -10.90 5.94
CA ALA D 216 -30.58 -12.00 6.79
C ALA D 216 -30.74 -13.34 6.08
N GLU D 217 -31.83 -13.52 5.33
CA GLU D 217 -32.02 -14.79 4.64
C GLU D 217 -31.02 -14.93 3.49
N PHE D 218 -30.71 -13.81 2.83
CA PHE D 218 -29.71 -13.78 1.77
C PHE D 218 -28.34 -14.20 2.29
N GLN D 219 -27.94 -13.64 3.44
CA GLN D 219 -26.65 -13.99 4.04
C GLN D 219 -26.67 -15.40 4.60
N LYS D 220 -27.76 -15.81 5.24
CA LYS D 220 -27.91 -17.19 5.70
C LYS D 220 -27.73 -18.16 4.54
N ALA D 221 -28.31 -17.83 3.38
CA ALA D 221 -28.15 -18.70 2.22
C ALA D 221 -26.69 -18.80 1.81
N ILE D 222 -25.94 -17.70 1.89
CA ILE D 222 -24.54 -17.75 1.50
C ILE D 222 -23.75 -18.65 2.45
N SER D 223 -23.94 -18.48 3.77
CA SER D 223 -23.11 -19.24 4.70
C SER D 223 -23.41 -20.73 4.67
N GLU D 224 -24.60 -21.13 4.20
CA GLU D 224 -24.91 -22.54 4.01
C GLU D 224 -24.50 -23.04 2.63
N GLY D 225 -23.80 -22.22 1.86
CA GLY D 225 -23.39 -22.64 0.53
C GLY D 225 -24.49 -22.71 -0.51
N ASP D 226 -25.71 -22.30 -0.17
CA ASP D 226 -26.81 -22.32 -1.14
C ASP D 226 -26.72 -21.03 -1.96
N TYR D 227 -26.00 -21.12 -3.07
CA TYR D 227 -25.60 -19.98 -3.88
C TYR D 227 -26.57 -19.73 -5.03
N ARG D 228 -27.36 -20.74 -5.41
CA ARG D 228 -28.50 -20.52 -6.30
C ARG D 228 -29.61 -19.75 -5.59
N GLN D 229 -29.90 -20.11 -4.33
CA GLN D 229 -30.85 -19.30 -3.57
C GLN D 229 -30.32 -17.89 -3.35
N ALA D 230 -29.02 -17.76 -3.06
CA ALA D 230 -28.43 -16.47 -2.81
C ALA D 230 -28.60 -15.54 -4.00
N LEU D 231 -28.46 -16.08 -5.21
CA LEU D 231 -28.65 -15.29 -6.41
C LEU D 231 -30.11 -14.88 -6.59
N GLU D 232 -31.06 -15.74 -6.20
CA GLU D 232 -32.46 -15.35 -6.26
C GLU D 232 -32.72 -14.19 -5.32
N TYR D 233 -32.15 -14.23 -4.12
CA TYR D 233 -32.31 -13.13 -3.17
C TYR D 233 -31.67 -11.87 -3.72
N GLN D 234 -30.49 -12.02 -4.33
CA GLN D 234 -29.79 -10.88 -4.91
C GLN D 234 -30.65 -10.20 -5.97
N ASP D 235 -31.25 -10.97 -6.87
CA ASP D 235 -32.06 -10.37 -7.93
C ASP D 235 -33.30 -9.67 -7.36
N LYS D 236 -33.82 -10.12 -6.20
CA LYS D 236 -34.91 -9.38 -5.56
C LYS D 236 -34.43 -8.11 -4.86
N LEU D 237 -33.25 -8.15 -4.22
CA LEU D 237 -32.79 -7.01 -3.44
C LEU D 237 -32.05 -5.97 -4.25
N PHE D 238 -31.41 -6.36 -5.35
CA PHE D 238 -30.55 -5.42 -6.07
C PHE D 238 -31.29 -4.13 -6.43
N PRO D 239 -32.51 -4.18 -6.98
CA PRO D 239 -33.21 -2.92 -7.26
C PRO D 239 -33.38 -2.04 -6.04
N LEU D 240 -33.63 -2.61 -4.86
CA LEU D 240 -33.66 -1.80 -3.63
C LEU D 240 -32.26 -1.29 -3.26
N HIS D 241 -31.24 -2.14 -3.38
CA HIS D 241 -29.88 -1.68 -3.10
C HIS D 241 -29.60 -0.41 -3.90
N GLN D 242 -29.93 -0.44 -5.20
CA GLN D 242 -29.59 0.65 -6.10
C GLN D 242 -30.50 1.84 -5.89
N ALA D 243 -31.80 1.59 -5.64
CA ALA D 243 -32.73 2.70 -5.41
C ALA D 243 -32.34 3.52 -4.19
N LEU D 244 -31.78 2.88 -3.17
CA LEU D 244 -31.52 3.58 -1.93
C LEU D 244 -30.34 4.54 -2.01
N PHE D 245 -29.57 4.55 -3.11
CA PHE D 245 -28.48 5.52 -3.22
C PHE D 245 -28.55 6.33 -4.52
N ILE D 246 -29.72 6.41 -5.14
CA ILE D 246 -29.96 7.44 -6.14
C ILE D 246 -29.70 8.82 -5.56
N GLU D 247 -30.26 9.08 -4.39
CA GLU D 247 -29.96 10.20 -3.54
C GLU D 247 -29.33 9.65 -2.26
N PRO D 248 -28.80 10.52 -1.39
CA PRO D 248 -28.10 10.01 -0.20
C PRO D 248 -28.88 8.92 0.51
N SER D 249 -28.20 7.79 0.76
CA SER D 249 -28.83 6.65 1.42
C SER D 249 -29.53 7.06 2.71
N ILE D 250 -28.97 8.05 3.40
CA ILE D 250 -29.44 8.46 4.71
C ILE D 250 -30.92 8.89 4.63
N SER D 251 -31.21 9.85 3.77
CA SER D 251 -32.60 10.31 3.62
C SER D 251 -33.45 9.26 2.92
N SER D 252 -32.88 8.54 1.95
CA SER D 252 -33.62 7.50 1.24
C SER D 252 -34.07 6.39 2.18
N VAL D 253 -33.22 6.00 3.13
CA VAL D 253 -33.55 4.89 4.02
C VAL D 253 -34.71 5.26 4.94
N LYS D 254 -34.70 6.48 5.46
CA LYS D 254 -35.75 6.92 6.38
C LYS D 254 -37.07 7.08 5.65
N TYR D 255 -37.03 7.55 4.41
CA TYR D 255 -38.21 7.52 3.56
C TYR D 255 -38.74 6.10 3.42
N ALA D 256 -37.87 5.15 3.02
CA ALA D 256 -38.35 3.79 2.82
C ALA D 256 -38.95 3.24 4.12
N LEU D 257 -38.40 3.63 5.26
CA LEU D 257 -38.94 3.16 6.52
C LEU D 257 -40.32 3.77 6.77
N SER D 258 -40.48 5.06 6.51
CA SER D 258 -41.81 5.69 6.56
C SER D 258 -42.79 4.95 5.67
N ARG D 259 -42.49 4.85 4.37
CA ARG D 259 -43.32 4.12 3.43
C ARG D 259 -43.68 2.73 3.92
N LEU D 260 -42.88 2.17 4.82
CA LEU D 260 -43.19 0.88 5.43
C LEU D 260 -44.08 1.01 6.66
N GLY D 261 -44.28 2.22 7.16
CA GLY D 261 -45.05 2.41 8.37
C GLY D 261 -44.31 2.15 9.66
N ARG D 262 -42.98 2.18 9.64
CA ARG D 262 -42.20 2.07 10.86
C ARG D 262 -42.21 3.43 11.58
N ASN D 263 -42.03 3.38 12.90
CA ASN D 263 -42.03 4.59 13.73
C ASN D 263 -40.69 5.30 13.55
N VAL D 264 -40.49 5.81 12.34
CA VAL D 264 -39.25 6.47 11.97
C VAL D 264 -39.57 7.79 11.28
N SER D 265 -39.11 8.89 11.87
CA SER D 265 -39.26 10.22 11.31
C SER D 265 -38.41 10.40 10.05
N LEU D 266 -38.84 11.35 9.21
CA LEU D 266 -38.13 11.68 7.98
C LEU D 266 -36.93 12.58 8.20
N VAL D 267 -36.75 13.09 9.43
CA VAL D 267 -35.81 14.17 9.67
C VAL D 267 -34.37 13.67 9.51
N VAL D 268 -33.53 14.52 8.90
CA VAL D 268 -32.10 14.28 8.73
C VAL D 268 -31.43 15.63 8.95
N ARG D 269 -30.14 15.60 9.32
CA ARG D 269 -29.44 16.84 9.64
C ARG D 269 -28.67 17.40 8.45
N ALA D 270 -28.76 18.72 8.27
CA ALA D 270 -28.03 19.37 7.21
C ALA D 270 -26.54 19.04 7.32
N PRO D 271 -25.84 18.87 6.20
CA PRO D 271 -26.29 19.10 4.83
C PRO D 271 -27.04 17.96 4.16
N MET D 272 -27.49 16.95 4.90
CA MET D 272 -28.45 16.01 4.34
C MET D 272 -29.84 16.64 4.39
N VAL D 273 -30.69 16.26 3.42
CA VAL D 273 -32.05 16.78 3.29
C VAL D 273 -33.01 15.61 3.14
N SER D 274 -34.23 15.76 3.68
CA SER D 274 -35.22 14.69 3.52
C SER D 274 -36.02 14.79 2.24
N ILE D 275 -35.94 15.91 1.52
CA ILE D 275 -36.72 16.08 0.29
C ILE D 275 -36.10 15.23 -0.81
N LEU D 276 -36.82 14.21 -1.27
CA LEU D 276 -36.40 13.40 -2.40
C LEU D 276 -37.20 13.76 -3.65
N GLU D 277 -36.55 13.66 -4.80
CA GLU D 277 -37.23 13.87 -6.07
C GLU D 277 -38.36 12.86 -6.24
N LYS D 278 -39.36 13.25 -7.05
CA LYS D 278 -40.48 12.33 -7.32
C LYS D 278 -39.96 11.01 -7.87
N GLU D 279 -39.05 11.08 -8.84
CA GLU D 279 -38.57 9.85 -9.48
C GLU D 279 -37.86 8.94 -8.49
N THR D 280 -37.22 9.54 -7.48
CA THR D 280 -36.47 8.77 -6.50
C THR D 280 -37.41 8.05 -5.56
N MET D 281 -38.40 8.78 -5.04
CA MET D 281 -39.43 8.15 -4.22
C MET D 281 -40.08 7.00 -4.97
N PHE D 282 -40.40 7.20 -6.25
CA PHE D 282 -41.07 6.13 -6.99
C PHE D 282 -40.13 4.94 -7.24
N ALA D 283 -38.85 5.22 -7.46
CA ALA D 283 -37.91 4.12 -7.63
C ALA D 283 -37.82 3.27 -6.36
N ILE D 284 -37.78 3.92 -5.19
CA ILE D 284 -37.82 3.17 -3.93
C ILE D 284 -39.13 2.43 -3.78
N ASP D 285 -40.26 3.15 -3.99
CA ASP D 285 -41.57 2.52 -3.87
C ASP D 285 -41.63 1.21 -4.66
N GLN D 286 -41.20 1.25 -5.92
CA GLN D 286 -41.29 0.04 -6.74
C GLN D 286 -40.36 -1.05 -6.26
N ALA D 287 -39.13 -0.68 -5.86
CA ALA D 287 -38.22 -1.69 -5.33
C ALA D 287 -38.83 -2.38 -4.11
N LEU D 288 -39.47 -1.59 -3.25
CA LEU D 288 -40.15 -2.14 -2.07
C LEU D 288 -41.31 -3.04 -2.49
N ASP D 289 -42.11 -2.61 -3.48
CA ASP D 289 -43.19 -3.45 -3.97
C ASP D 289 -42.67 -4.77 -4.50
N HIS D 290 -41.48 -4.74 -5.14
CA HIS D 290 -40.94 -5.93 -5.78
C HIS D 290 -40.49 -6.99 -4.77
N ILE D 291 -40.27 -6.63 -3.51
CA ILE D 291 -40.01 -7.61 -2.46
C ILE D 291 -41.23 -7.78 -1.56
N GLY D 292 -42.41 -7.35 -2.02
CA GLY D 292 -43.64 -7.57 -1.29
C GLY D 292 -43.81 -6.56 -0.17
N LEU D 293 -43.21 -6.84 0.99
CA LEU D 293 -43.11 -5.95 2.15
C LEU D 293 -44.21 -4.90 2.25
N CYS D 294 -44.59 -4.25 1.16
CA CYS D 294 -45.82 -3.47 1.09
C CYS D 294 -46.45 -3.66 -0.28
N ALA D 295 -47.79 -3.79 -0.30
CA ALA D 295 -48.55 -4.22 -1.46
C ALA D 295 -48.64 -5.75 -1.50
N GLY D 296 -49.49 -6.32 -0.65
CA GLY D 296 -49.71 -7.75 -0.60
C GLY D 296 -48.48 -8.60 -0.81
N MET E 1 7.35 28.43 -35.52
CA MET E 1 6.81 27.82 -36.77
C MET E 1 5.29 27.63 -36.62
N PHE E 2 4.88 27.03 -35.51
CA PHE E 2 3.47 26.81 -35.21
C PHE E 2 3.11 27.63 -33.98
N GLN E 3 2.04 28.41 -34.09
CA GLN E 3 1.63 29.32 -33.04
C GLN E 3 0.21 29.79 -33.35
N ARG E 4 -0.41 30.46 -32.39
CA ARG E 4 -1.72 31.13 -32.52
C ARG E 4 -2.78 30.05 -32.80
N SER E 5 -3.78 30.28 -33.67
CA SER E 5 -4.93 29.40 -33.85
C SER E 5 -4.70 28.45 -35.01
N ILE E 6 -4.85 27.15 -34.72
CA ILE E 6 -4.51 26.08 -35.65
C ILE E 6 -5.67 25.10 -35.69
N PRO E 7 -6.54 25.15 -36.70
CA PRO E 7 -7.68 24.22 -36.73
C PRO E 7 -7.22 22.77 -36.85
N ALA E 8 -7.78 21.92 -35.99
CA ALA E 8 -7.77 20.48 -36.24
C ALA E 8 -8.91 20.23 -37.22
N LEU E 9 -8.56 20.10 -38.50
CA LEU E 9 -9.58 20.20 -39.56
C LEU E 9 -10.54 19.02 -39.53
N ILE E 10 -11.82 19.31 -39.79
CA ILE E 10 -12.76 18.24 -40.09
C ILE E 10 -12.45 17.67 -41.47
N THR E 11 -12.85 16.42 -41.68
CA THR E 11 -12.84 15.78 -42.98
C THR E 11 -14.28 15.68 -43.47
N PRO E 12 -14.71 16.51 -44.42
CA PRO E 12 -16.08 16.40 -44.94
C PRO E 12 -16.23 15.17 -45.83
N PHE E 13 -17.43 14.59 -45.79
CA PHE E 13 -17.78 13.48 -46.64
C PHE E 13 -18.97 13.84 -47.53
N THR E 14 -19.14 13.08 -48.60
CA THR E 14 -20.26 13.24 -49.51
C THR E 14 -21.41 12.33 -49.08
N LYS E 15 -22.60 12.60 -49.66
CA LYS E 15 -23.79 11.83 -49.34
C LYS E 15 -23.53 10.32 -49.44
N ASP E 16 -22.81 9.88 -50.47
CA ASP E 16 -22.47 8.46 -50.59
C ASP E 16 -21.12 8.14 -49.95
N ASN E 17 -20.68 8.95 -48.99
CA ASN E 17 -19.64 8.58 -48.04
C ASN E 17 -18.26 8.48 -48.69
N LEU E 18 -17.99 9.39 -49.61
CA LEU E 18 -16.68 9.61 -50.20
C LEU E 18 -16.13 10.88 -49.57
N ILE E 19 -14.81 11.04 -49.62
CA ILE E 19 -14.24 12.32 -49.18
C ILE E 19 -14.76 13.41 -50.11
N ASP E 20 -15.21 14.52 -49.53
CA ASP E 20 -15.70 15.65 -50.30
C ASP E 20 -14.54 16.61 -50.54
N GLU E 21 -13.74 16.31 -51.57
CA GLU E 21 -12.50 17.03 -51.77
C GLU E 21 -12.74 18.52 -52.02
N ASP E 22 -13.79 18.86 -52.79
CA ASP E 22 -14.07 20.28 -53.02
C ASP E 22 -14.45 20.98 -51.72
N SER E 23 -15.25 20.31 -50.89
CA SER E 23 -15.62 20.87 -49.60
C SER E 23 -14.40 21.06 -48.70
N PHE E 24 -13.47 20.13 -48.76
CA PHE E 24 -12.26 20.19 -47.94
C PHE E 24 -11.37 21.35 -48.37
N VAL E 25 -11.16 21.49 -49.68
CA VAL E 25 -10.38 22.60 -50.22
C VAL E 25 -10.99 23.92 -49.77
N ASP E 26 -12.31 24.07 -49.97
CA ASP E 26 -13.01 25.30 -49.60
C ASP E 26 -12.83 25.61 -48.12
N HIS E 27 -12.87 24.57 -47.27
CA HIS E 27 -12.72 24.79 -45.85
C HIS E 27 -11.32 25.30 -45.52
N ILE E 28 -10.30 24.73 -46.17
CA ILE E 28 -8.92 25.16 -45.93
C ILE E 28 -8.73 26.59 -46.40
N GLU E 29 -9.17 26.87 -47.63
CA GLU E 29 -9.13 28.24 -48.16
C GLU E 29 -9.73 29.23 -47.18
N TRP E 30 -10.89 28.88 -46.63
CA TRP E 30 -11.63 29.79 -45.75
C TRP E 30 -10.91 29.96 -44.42
N GLN E 31 -10.33 28.89 -43.91
CA GLN E 31 -9.52 28.98 -42.68
C GLN E 31 -8.36 29.95 -42.87
N ILE E 32 -7.64 29.81 -43.98
CA ILE E 32 -6.49 30.69 -44.23
C ILE E 32 -6.95 32.13 -44.40
N SER E 33 -7.97 32.34 -45.23
CA SER E 33 -8.45 33.69 -45.47
C SER E 33 -8.92 34.36 -44.19
N GLU E 34 -9.41 33.58 -43.23
CA GLU E 34 -9.93 34.14 -41.99
C GLU E 34 -8.86 34.32 -40.92
N GLY E 35 -7.66 33.79 -41.13
CA GLY E 35 -6.54 34.09 -40.25
C GLY E 35 -5.94 32.95 -39.47
N SER E 36 -6.38 31.71 -39.73
CA SER E 36 -5.75 30.57 -39.08
C SER E 36 -4.28 30.46 -39.48
N SER E 37 -3.41 30.18 -38.51
CA SER E 37 -1.98 30.26 -38.71
C SER E 37 -1.34 28.93 -39.14
N GLY E 38 -2.06 27.83 -39.08
CA GLY E 38 -1.55 26.55 -39.53
C GLY E 38 -2.68 25.55 -39.52
N LEU E 39 -2.39 24.35 -40.02
CA LEU E 39 -3.41 23.35 -40.28
C LEU E 39 -3.00 21.99 -39.73
N VAL E 40 -3.95 21.28 -39.12
CA VAL E 40 -3.79 19.89 -38.73
C VAL E 40 -4.83 19.07 -39.48
N PRO E 41 -4.44 18.41 -40.57
CA PRO E 41 -5.33 17.44 -41.22
C PRO E 41 -5.25 16.03 -40.67
N ALA E 42 -6.40 15.35 -40.73
CA ALA E 42 -6.53 13.95 -40.33
C ALA E 42 -6.08 13.73 -38.88
N GLY E 43 -6.47 14.65 -38.01
CA GLY E 43 -6.39 14.45 -36.57
C GLY E 43 -7.65 13.80 -36.04
N THR E 44 -7.86 13.95 -34.73
CA THR E 44 -9.07 13.41 -34.11
C THR E 44 -10.32 14.07 -34.68
N THR E 45 -10.36 15.40 -34.68
CA THR E 45 -11.48 16.14 -35.26
C THR E 45 -11.63 15.87 -36.75
N GLY E 46 -10.58 15.39 -37.40
CA GLY E 46 -10.60 14.96 -38.78
C GLY E 46 -11.02 13.52 -38.99
N GLU E 47 -11.54 12.85 -37.97
CA GLU E 47 -12.10 11.50 -38.09
C GLU E 47 -11.07 10.51 -38.61
N SER E 48 -9.80 10.71 -38.23
CA SER E 48 -8.73 9.80 -38.64
C SER E 48 -9.10 8.33 -38.44
N SER E 49 -9.70 8.01 -37.29
CA SER E 49 -9.99 6.63 -36.94
C SER E 49 -10.86 5.93 -37.98
N THR E 50 -11.69 6.66 -38.72
CA THR E 50 -12.63 6.04 -39.66
C THR E 50 -12.20 6.22 -41.11
N LEU E 51 -10.99 6.72 -41.33
CA LEU E 51 -10.40 6.83 -42.66
C LEU E 51 -9.57 5.59 -42.98
N SER E 52 -9.68 5.11 -44.21
CA SER E 52 -8.73 4.14 -44.71
C SER E 52 -7.33 4.76 -44.78
N TYR E 53 -6.31 3.90 -44.84
CA TYR E 53 -4.95 4.39 -44.96
C TYR E 53 -4.82 5.29 -46.18
N GLU E 54 -5.35 4.82 -47.31
CA GLU E 54 -5.31 5.59 -48.55
C GLU E 54 -6.00 6.93 -48.38
N GLU E 55 -7.18 6.95 -47.74
CA GLU E 55 -7.90 8.19 -47.56
C GLU E 55 -7.16 9.13 -46.62
N HIS E 56 -6.61 8.59 -45.53
CA HIS E 56 -5.77 9.39 -44.64
C HIS E 56 -4.70 10.13 -45.44
N CYS E 57 -3.92 9.37 -46.21
CA CYS E 57 -2.88 9.97 -47.05
C CYS E 57 -3.48 11.00 -48.01
N ARG E 58 -4.63 10.68 -48.60
CA ARG E 58 -5.27 11.59 -49.54
C ARG E 58 -5.62 12.92 -48.87
N VAL E 59 -6.09 12.87 -47.63
CA VAL E 59 -6.44 14.09 -46.91
C VAL E 59 -5.20 14.91 -46.59
N VAL E 60 -4.10 14.24 -46.20
CA VAL E 60 -2.86 14.97 -45.95
C VAL E 60 -2.34 15.59 -47.24
N GLU E 61 -2.27 14.79 -48.31
CA GLU E 61 -1.86 15.29 -49.61
C GLU E 61 -2.61 16.56 -49.97
N LEU E 62 -3.93 16.49 -49.87
CA LEU E 62 -4.79 17.59 -50.30
C LEU E 62 -4.56 18.83 -49.45
N CYS E 63 -4.39 18.64 -48.14
CA CYS E 63 -4.17 19.79 -47.26
C CYS E 63 -2.86 20.48 -47.59
N VAL E 64 -1.83 19.73 -48.01
CA VAL E 64 -0.57 20.35 -48.38
C VAL E 64 -0.69 21.07 -49.72
N LYS E 65 -1.20 20.39 -50.75
CA LYS E 65 -1.43 21.08 -52.02
C LYS E 65 -2.23 22.37 -51.80
N THR E 66 -3.36 22.27 -51.10
CA THR E 66 -4.26 23.41 -50.98
C THR E 66 -3.61 24.56 -50.24
N ALA E 67 -2.92 24.27 -49.13
CA ALA E 67 -2.25 25.34 -48.38
C ALA E 67 -1.16 25.99 -49.22
N ALA E 68 -0.46 25.19 -50.03
CA ALA E 68 0.56 25.70 -50.95
C ALA E 68 1.63 26.52 -50.23
N GLY E 69 1.96 26.12 -49.01
CA GLY E 69 3.01 26.79 -48.27
C GLY E 69 2.65 28.15 -47.71
N ARG E 70 1.39 28.53 -47.72
CA ARG E 70 0.98 29.81 -47.13
C ARG E 70 0.92 29.73 -45.61
N VAL E 71 0.63 28.53 -45.09
CA VAL E 71 0.69 28.26 -43.65
C VAL E 71 1.23 26.86 -43.44
N PRO E 72 1.88 26.64 -42.30
CA PRO E 72 2.47 25.32 -42.05
C PRO E 72 1.43 24.25 -41.74
N VAL E 73 1.77 23.02 -42.09
CA VAL E 73 0.84 21.90 -42.12
C VAL E 73 1.39 20.78 -41.22
N MET E 74 0.66 20.46 -40.15
CA MET E 74 1.05 19.42 -39.21
C MET E 74 0.13 18.21 -39.45
N ALA E 75 0.64 17.26 -40.24
CA ALA E 75 -0.13 16.08 -40.58
C ALA E 75 -0.33 15.16 -39.38
N GLY E 76 -1.56 14.69 -39.21
CA GLY E 76 -1.82 13.59 -38.31
C GLY E 76 -1.10 12.34 -38.77
N ALA E 77 -0.33 11.73 -37.86
CA ALA E 77 0.32 10.45 -38.11
C ALA E 77 0.19 9.56 -36.88
N GLY E 78 -0.90 9.71 -36.15
CA GLY E 78 -1.08 9.05 -34.88
C GLY E 78 -1.96 7.82 -34.94
N SER E 79 -1.33 6.67 -34.74
CA SER E 79 -2.02 5.39 -34.60
C SER E 79 -1.54 4.76 -33.30
N ASN E 80 -2.23 3.71 -32.87
CA ASN E 80 -1.73 2.88 -31.78
C ASN E 80 -0.91 1.69 -32.29
N ASN E 81 -0.51 1.73 -33.55
CA ASN E 81 0.31 0.71 -34.20
C ASN E 81 1.55 1.46 -34.72
N THR E 82 2.71 1.18 -34.12
CA THR E 82 3.90 1.97 -34.44
C THR E 82 4.27 1.84 -35.91
N LYS E 83 4.21 0.62 -36.46
CA LYS E 83 4.58 0.42 -37.85
C LYS E 83 3.67 1.25 -38.77
N GLU E 84 2.36 1.28 -38.50
CA GLU E 84 1.45 2.07 -39.32
C GLU E 84 1.67 3.57 -39.09
N SER E 85 2.00 3.98 -37.87
CA SER E 85 2.34 5.39 -37.63
C SER E 85 3.55 5.81 -38.45
N ILE E 86 4.51 4.89 -38.62
CA ILE E 86 5.72 5.20 -39.38
C ILE E 86 5.38 5.38 -40.86
N GLU E 87 4.60 4.45 -41.42
CA GLU E 87 4.19 4.61 -42.82
C GLU E 87 3.38 5.89 -43.02
N LEU E 88 2.54 6.26 -42.05
CA LEU E 88 1.81 7.53 -42.16
C LEU E 88 2.75 8.72 -42.09
N ALA E 89 3.72 8.67 -41.17
CA ALA E 89 4.67 9.77 -41.04
C ALA E 89 5.54 9.88 -42.29
N GLN E 90 5.96 8.75 -42.86
CA GLN E 90 6.78 8.83 -44.07
C GLN E 90 5.98 9.38 -45.24
N TYR E 91 4.73 8.96 -45.40
CA TYR E 91 3.91 9.55 -46.44
C TYR E 91 3.83 11.07 -46.28
N ALA E 92 3.61 11.53 -45.04
CA ALA E 92 3.42 12.96 -44.80
C ALA E 92 4.68 13.75 -45.12
N GLN E 93 5.84 13.26 -44.70
CA GLN E 93 7.09 13.89 -45.10
C GLN E 93 7.24 13.88 -46.62
N ASN E 94 6.98 12.72 -47.24
CA ASN E 94 7.18 12.60 -48.68
C ASN E 94 6.22 13.48 -49.47
N THR E 95 5.01 13.71 -48.97
CA THR E 95 4.08 14.58 -49.69
C THR E 95 4.24 16.05 -49.32
N GLY E 96 5.07 16.38 -48.35
CA GLY E 96 5.44 17.75 -48.10
C GLY E 96 4.91 18.40 -46.84
N ALA E 97 4.43 17.63 -45.88
CA ALA E 97 4.05 18.21 -44.60
C ALA E 97 5.26 18.85 -43.92
N ASP E 98 5.00 19.86 -43.09
CA ASP E 98 6.05 20.54 -42.35
C ASP E 98 6.32 19.90 -40.99
N ALA E 99 5.40 19.08 -40.48
CA ALA E 99 5.49 18.59 -39.12
C ALA E 99 4.51 17.44 -38.96
N LEU E 100 4.62 16.75 -37.82
CA LEU E 100 3.83 15.57 -37.53
C LEU E 100 3.18 15.70 -36.15
N LEU E 101 1.90 15.35 -36.08
CA LEU E 101 1.18 15.19 -34.83
C LEU E 101 1.06 13.70 -34.55
N VAL E 102 1.55 13.26 -33.39
CA VAL E 102 1.64 11.84 -33.08
C VAL E 102 1.05 11.63 -31.69
N VAL E 103 -0.08 10.92 -31.62
CA VAL E 103 -0.80 10.76 -30.36
C VAL E 103 -0.15 9.66 -29.55
N VAL E 104 -0.13 9.83 -28.24
CA VAL E 104 0.14 8.72 -27.31
C VAL E 104 -0.77 7.57 -27.71
N PRO E 105 -0.23 6.37 -27.95
CA PRO E 105 -1.09 5.25 -28.36
C PRO E 105 -2.28 5.03 -27.42
N TYR E 106 -3.45 4.79 -28.04
CA TYR E 106 -4.69 4.50 -27.34
C TYR E 106 -4.98 3.00 -27.32
N TYR E 107 -5.87 2.63 -26.41
CA TYR E 107 -6.39 1.27 -26.28
C TYR E 107 -5.40 0.22 -25.79
N ASN E 108 -4.25 0.04 -26.44
CA ASN E 108 -3.38 -1.04 -26.02
C ASN E 108 -2.48 -0.66 -24.84
N LYS E 109 -2.49 0.61 -24.40
CA LYS E 109 -1.89 1.09 -23.16
C LYS E 109 -0.47 0.60 -22.96
N PRO E 110 0.46 1.12 -23.74
CA PRO E 110 1.90 0.85 -23.50
C PRO E 110 2.38 1.51 -22.22
N ASN E 111 3.48 0.96 -21.68
CA ASN E 111 4.09 1.58 -20.51
C ASN E 111 5.13 2.60 -21.00
N LYS E 112 5.87 3.19 -20.05
CA LYS E 112 6.89 4.18 -20.37
C LYS E 112 7.84 3.66 -21.45
N LYS E 113 8.34 2.44 -21.28
CA LYS E 113 9.25 1.87 -22.27
C LYS E 113 8.56 1.79 -23.63
N GLY E 114 7.28 1.43 -23.65
CA GLY E 114 6.56 1.41 -24.91
C GLY E 114 6.48 2.77 -25.56
N LEU E 115 6.24 3.81 -24.76
CA LEU E 115 6.19 5.17 -25.31
C LEU E 115 7.54 5.58 -25.89
N LEU E 116 8.64 5.29 -25.18
CA LEU E 116 9.95 5.62 -25.73
C LEU E 116 10.18 4.87 -27.04
N ALA E 117 9.77 3.60 -27.10
CA ALA E 117 9.94 2.84 -28.34
C ALA E 117 9.06 3.38 -29.46
N HIS E 118 7.82 3.79 -29.16
CA HIS E 118 6.93 4.32 -30.18
C HIS E 118 7.44 5.63 -30.75
N PHE E 119 7.63 6.62 -29.87
CA PHE E 119 8.05 7.94 -30.34
C PHE E 119 9.50 7.91 -30.82
N GLY E 120 10.31 7.00 -30.25
CA GLY E 120 11.67 6.83 -30.75
C GLY E 120 11.68 6.28 -32.17
N SER E 121 10.93 5.22 -32.42
CA SER E 121 10.93 4.62 -33.76
C SER E 121 10.47 5.63 -34.82
N ILE E 122 9.45 6.43 -34.50
CA ILE E 122 8.95 7.40 -35.46
C ILE E 122 9.97 8.51 -35.68
N ALA E 123 10.55 9.02 -34.60
CA ALA E 123 11.56 10.07 -34.73
C ALA E 123 12.75 9.62 -35.58
N ASN E 124 13.16 8.35 -35.46
CA ASN E 124 14.27 7.87 -36.26
C ASN E 124 13.89 7.53 -37.69
N ALA E 125 12.58 7.43 -37.98
CA ALA E 125 12.11 7.07 -39.31
C ALA E 125 11.85 8.27 -40.21
N VAL E 126 11.91 9.50 -39.68
CA VAL E 126 11.66 10.70 -40.46
C VAL E 126 12.55 11.81 -39.94
N SER E 127 12.74 12.84 -40.77
CA SER E 127 13.46 14.04 -40.36
C SER E 127 12.52 15.15 -39.92
N LEU E 128 11.22 14.99 -40.12
CA LEU E 128 10.27 16.06 -39.83
C LEU E 128 10.15 16.28 -38.33
N PRO E 129 9.86 17.51 -37.90
CA PRO E 129 9.57 17.75 -36.48
C PRO E 129 8.33 17.01 -36.01
N ILE E 130 8.35 16.60 -34.75
CA ILE E 130 7.30 15.80 -34.13
C ILE E 130 6.68 16.58 -32.97
N TYR E 131 5.35 16.62 -32.92
CA TYR E 131 4.63 17.09 -31.75
C TYR E 131 3.98 15.91 -31.04
N ILE E 132 4.22 15.81 -29.74
CA ILE E 132 3.56 14.79 -28.92
C ILE E 132 2.15 15.27 -28.61
N TYR E 133 1.18 14.43 -28.86
CA TYR E 133 -0.25 14.75 -28.64
C TYR E 133 -0.68 13.92 -27.44
N ASN E 134 -0.81 14.60 -26.31
CA ASN E 134 -1.16 14.00 -25.02
C ASN E 134 -2.64 14.28 -24.75
N ASN E 135 -3.44 13.23 -24.71
CA ASN E 135 -4.89 13.36 -24.52
C ASN E 135 -5.41 12.15 -23.75
N PRO E 136 -5.13 12.09 -22.45
CA PRO E 136 -5.54 10.92 -21.65
C PRO E 136 -7.05 10.73 -21.59
N SER E 137 -7.84 11.78 -21.84
CA SER E 137 -9.29 11.60 -21.85
C SER E 137 -9.73 10.69 -22.99
N ARG E 138 -8.90 10.51 -24.01
CA ARG E 138 -9.15 9.50 -25.05
C ARG E 138 -8.20 8.32 -24.99
N THR E 139 -6.98 8.49 -24.46
CA THR E 139 -5.97 7.43 -24.50
C THR E 139 -5.85 6.65 -23.20
N VAL E 140 -6.45 7.14 -22.13
CA VAL E 140 -6.30 6.63 -20.77
C VAL E 140 -4.92 6.99 -20.22
N ILE E 141 -3.88 6.39 -20.79
CA ILE E 141 -2.52 6.66 -20.32
C ILE E 141 -2.13 8.10 -20.64
N GLU E 142 -1.30 8.69 -19.79
CA GLU E 142 -0.78 10.04 -19.94
C GLU E 142 0.74 9.97 -19.95
N MET E 143 1.36 10.54 -20.99
CA MET E 143 2.81 10.69 -20.97
C MET E 143 3.19 11.66 -19.86
N ASP E 144 4.04 11.22 -18.93
CA ASP E 144 4.43 12.10 -17.84
C ASP E 144 5.58 13.00 -18.26
N VAL E 145 5.93 13.93 -17.39
CA VAL E 145 6.87 14.97 -17.83
C VAL E 145 8.29 14.41 -17.92
N ASP E 146 8.66 13.42 -17.09
CA ASP E 146 9.97 12.81 -17.25
C ASP E 146 10.11 12.14 -18.61
N THR E 147 9.08 11.43 -19.06
CA THR E 147 9.18 10.74 -20.34
C THR E 147 9.35 11.76 -21.46
N MET E 148 8.51 12.79 -21.44
CA MET E 148 8.53 13.83 -22.47
C MET E 148 9.87 14.54 -22.49
N ALA E 149 10.44 14.85 -21.32
CA ALA E 149 11.78 15.44 -21.27
C ALA E 149 12.82 14.50 -21.88
N GLU E 150 12.75 13.20 -21.55
CA GLU E 150 13.73 12.27 -22.12
C GLU E 150 13.63 12.21 -23.64
N LEU E 151 12.39 12.17 -24.19
CA LEU E 151 12.26 12.14 -25.64
C LEU E 151 12.86 13.40 -26.28
N VAL E 152 12.58 14.57 -25.70
CA VAL E 152 13.15 15.82 -26.17
C VAL E 152 14.68 15.76 -26.23
N LYS E 153 15.32 15.28 -25.15
CA LYS E 153 16.78 15.26 -25.13
C LYS E 153 17.35 14.24 -26.12
N THR E 154 16.72 13.07 -26.24
CA THR E 154 17.26 11.98 -27.06
C THR E 154 17.06 12.23 -28.55
N TYR E 155 15.96 12.87 -28.94
CA TYR E 155 15.61 13.04 -30.35
C TYR E 155 15.39 14.52 -30.63
N SER E 156 16.19 15.09 -31.52
CA SER E 156 16.11 16.54 -31.73
C SER E 156 14.97 16.96 -32.63
N ASN E 157 14.30 16.02 -33.31
CA ASN E 157 13.12 16.34 -34.10
C ASN E 157 11.82 16.07 -33.33
N ILE E 158 11.89 15.87 -32.02
CA ILE E 158 10.75 15.94 -31.11
C ILE E 158 10.80 17.34 -30.50
N VAL E 159 9.93 18.21 -30.99
CA VAL E 159 10.04 19.65 -30.78
C VAL E 159 8.97 20.22 -29.85
N GLY E 160 7.84 19.55 -29.67
CA GLY E 160 6.77 20.18 -28.93
C GLY E 160 5.69 19.21 -28.52
N VAL E 161 4.61 19.77 -27.97
CA VAL E 161 3.51 19.00 -27.42
C VAL E 161 2.18 19.68 -27.79
N ASP E 163 -1.05 19.56 -25.94
CA ASP E 163 -1.44 19.20 -24.58
C ASP E 163 -2.94 19.40 -24.37
N ALA E 164 -3.69 18.30 -24.51
CA ALA E 164 -5.14 18.32 -24.40
C ALA E 164 -5.63 17.93 -23.01
N THR E 165 -4.78 18.01 -21.99
CA THR E 165 -5.22 17.66 -20.64
C THR E 165 -6.12 18.72 -20.02
N GLY E 166 -5.95 19.98 -20.40
CA GLY E 166 -6.64 21.06 -19.72
C GLY E 166 -6.24 21.27 -18.28
N ARG E 167 -5.11 20.66 -17.85
CA ARG E 167 -4.52 20.85 -16.53
C ARG E 167 -3.24 21.67 -16.73
N ILE E 168 -3.36 22.99 -16.62
CA ILE E 168 -2.29 23.87 -17.08
C ILE E 168 -1.10 23.88 -16.14
N GLU E 169 -1.23 23.32 -14.93
CA GLU E 169 -0.04 23.07 -14.13
C GLU E 169 0.98 22.28 -14.92
N LEU E 170 0.51 21.42 -15.85
CA LEU E 170 1.44 20.65 -16.66
C LEU E 170 2.21 21.48 -17.67
N ALA E 171 1.65 22.62 -18.09
CA ALA E 171 2.39 23.48 -19.01
C ALA E 171 3.63 24.06 -18.33
N SER E 172 3.56 24.29 -17.02
CA SER E 172 4.70 24.80 -16.28
C SER E 172 5.74 23.71 -16.05
N GLY E 173 5.30 22.51 -15.68
CA GLY E 173 6.24 21.41 -15.51
C GLY E 173 6.93 21.07 -16.82
N GLN E 174 6.19 21.15 -17.92
CA GLN E 174 6.77 20.84 -19.23
C GLN E 174 7.71 21.94 -19.70
N ARG E 175 7.43 23.19 -19.32
CA ARG E 175 8.34 24.28 -19.62
C ARG E 175 9.68 24.10 -18.92
N ILE E 176 9.64 23.83 -17.62
CA ILE E 176 10.84 23.68 -16.82
C ILE E 176 11.61 22.44 -17.23
N ALA E 177 10.92 21.33 -17.47
CA ALA E 177 11.61 20.06 -17.69
C ALA E 177 12.13 19.91 -19.12
N CYS E 178 11.46 20.48 -20.11
CA CYS E 178 11.87 20.34 -21.51
C CYS E 178 12.53 21.59 -22.08
N GLY E 179 12.53 22.69 -21.34
CA GLY E 179 13.10 23.94 -21.80
C GLY E 179 12.04 24.87 -22.34
N SER E 180 12.33 26.17 -22.27
CA SER E 180 11.42 27.13 -22.89
C SER E 180 11.54 27.14 -24.42
N ASP E 181 12.51 26.41 -24.97
CA ASP E 181 12.55 26.16 -26.41
C ASP E 181 11.49 25.17 -26.86
N PHE E 182 10.99 24.35 -25.94
CA PHE E 182 9.96 23.36 -26.24
C PHE E 182 8.67 24.08 -26.64
N ILE E 183 8.08 23.64 -27.75
CA ILE E 183 6.91 24.30 -28.33
C ILE E 183 5.66 23.67 -27.76
N GLN E 184 4.94 24.41 -26.92
CA GLN E 184 3.72 23.92 -26.28
C GLN E 184 2.49 24.54 -26.93
N LEU E 185 1.59 23.67 -27.40
CA LEU E 185 0.32 24.05 -28.02
C LEU E 185 -0.83 23.42 -27.24
N SER E 186 -1.82 24.24 -26.85
CA SER E 186 -2.99 23.71 -26.18
C SER E 186 -3.83 22.84 -27.13
N GLY E 187 -4.35 21.74 -26.59
CA GLY E 187 -5.32 20.92 -27.29
C GLY E 187 -6.70 20.98 -26.64
N ASP E 188 -6.94 22.05 -25.86
CA ASP E 188 -8.18 22.22 -25.11
C ASP E 188 -8.59 23.69 -25.25
N ASP E 189 -9.58 23.93 -26.11
CA ASP E 189 -9.98 25.30 -26.42
C ASP E 189 -10.32 26.07 -25.16
N SER E 190 -11.02 25.44 -24.23
CA SER E 190 -11.57 26.18 -23.10
C SER E 190 -10.52 26.62 -22.10
N SER E 191 -9.30 26.07 -22.16
CA SER E 191 -8.22 26.51 -21.27
C SER E 191 -7.01 27.08 -22.04
N ALA E 192 -7.14 27.29 -23.34
CA ALA E 192 -6.00 27.73 -24.14
C ALA E 192 -5.46 29.09 -23.69
N LEU E 193 -6.29 29.92 -23.07
CA LEU E 193 -5.84 31.21 -22.56
C LEU E 193 -4.86 31.03 -21.41
N GLY E 194 -5.27 30.32 -20.36
CA GLY E 194 -4.36 30.05 -19.27
C GLY E 194 -3.14 29.25 -19.70
N PHE E 195 -3.32 28.35 -20.66
CA PHE E 195 -2.21 27.57 -21.17
C PHE E 195 -1.11 28.46 -21.73
N ASN E 196 -1.48 29.50 -22.48
CA ASN E 196 -0.44 30.34 -23.08
C ASN E 196 0.29 31.17 -22.03
N VAL E 197 -0.42 31.71 -21.03
CA VAL E 197 0.28 32.51 -20.03
C VAL E 197 1.24 31.65 -19.21
N HIS E 198 1.05 30.33 -19.21
CA HIS E 198 2.00 29.40 -18.58
C HIS E 198 3.10 28.95 -19.52
N GLY E 199 3.17 29.49 -20.74
CA GLY E 199 4.24 29.14 -21.64
C GLY E 199 3.84 28.72 -23.03
N GLY E 200 2.55 28.40 -23.22
CA GLY E 200 2.07 28.00 -24.52
C GLY E 200 2.15 29.12 -25.53
N VAL E 201 2.09 28.74 -26.82
CA VAL E 201 2.20 29.72 -27.90
C VAL E 201 1.12 29.51 -28.95
N GLY E 202 0.09 28.73 -28.64
CA GLY E 202 -0.92 28.42 -29.62
C GLY E 202 -1.86 27.34 -29.13
N CYS E 203 -2.83 27.03 -29.99
CA CYS E 203 -3.84 26.03 -29.68
C CYS E 203 -4.25 25.34 -30.97
N ILE E 204 -4.15 24.00 -30.99
CA ILE E 204 -4.75 23.21 -32.07
C ILE E 204 -6.20 22.96 -31.67
N SER E 205 -7.12 23.50 -32.47
CA SER E 205 -8.43 23.91 -32.00
C SER E 205 -9.55 23.20 -32.74
N VAL E 206 -10.59 22.84 -31.98
CA VAL E 206 -11.85 22.37 -32.56
C VAL E 206 -12.68 23.55 -33.02
N THR E 207 -12.88 24.52 -32.12
CA THR E 207 -13.76 25.65 -32.36
C THR E 207 -13.34 26.44 -33.59
N ALA E 208 -12.03 26.48 -33.89
CA ALA E 208 -11.56 27.24 -35.04
C ALA E 208 -12.15 26.75 -36.36
N ASN E 209 -12.56 25.48 -36.44
CA ASN E 209 -13.28 25.03 -37.63
C ASN E 209 -14.54 25.87 -37.88
N VAL E 210 -15.11 26.39 -36.82
CA VAL E 210 -16.42 27.03 -36.85
C VAL E 210 -16.33 28.54 -36.81
N ALA E 211 -15.33 29.09 -36.15
CA ALA E 211 -15.20 30.52 -35.93
C ALA E 211 -13.73 30.91 -36.08
N PRO E 212 -13.15 30.69 -37.25
CA PRO E 212 -11.70 30.91 -37.38
C PRO E 212 -11.27 32.34 -37.10
N ARG E 213 -12.02 33.34 -37.56
CA ARG E 213 -11.53 34.71 -37.44
C ARG E 213 -11.45 35.15 -35.97
N ILE E 214 -12.47 34.81 -35.18
CA ILE E 214 -12.45 35.24 -33.78
C ILE E 214 -11.46 34.43 -32.96
N CYS E 215 -11.24 33.16 -33.33
CA CYS E 215 -10.20 32.37 -32.68
C CYS E 215 -8.82 32.97 -32.96
N ALA E 216 -8.56 33.35 -34.22
CA ALA E 216 -7.32 34.03 -34.56
C ALA E 216 -7.20 35.36 -33.83
N GLU E 217 -8.30 36.11 -33.73
CA GLU E 217 -8.25 37.38 -33.01
C GLU E 217 -7.94 37.17 -31.53
N PHE E 218 -8.43 36.07 -30.95
CA PHE E 218 -8.20 35.76 -29.54
C PHE E 218 -6.74 35.39 -29.29
N GLN E 219 -6.18 34.53 -30.14
CA GLN E 219 -4.76 34.19 -30.06
C GLN E 219 -3.89 35.43 -30.29
N LYS E 220 -4.26 36.29 -31.26
CA LYS E 220 -3.47 37.50 -31.49
C LYS E 220 -3.42 38.36 -30.22
N ALA E 221 -4.59 38.64 -29.64
CA ALA E 221 -4.64 39.39 -28.39
C ALA E 221 -3.66 38.85 -27.36
N ILE E 222 -3.60 37.52 -27.21
CA ILE E 222 -2.65 36.93 -26.27
C ILE E 222 -1.23 37.22 -26.71
N SER E 223 -0.94 36.97 -27.99
CA SER E 223 0.41 37.18 -28.51
C SER E 223 0.90 38.59 -28.23
N GLU E 224 0.03 39.59 -28.39
CA GLU E 224 0.39 40.97 -28.13
C GLU E 224 0.25 41.36 -26.67
N GLY E 225 0.02 40.38 -25.80
CA GLY E 225 -0.08 40.66 -24.39
C GLY E 225 -1.25 41.53 -23.98
N ASP E 226 -2.28 41.65 -24.82
CA ASP E 226 -3.51 42.33 -24.42
C ASP E 226 -4.39 41.27 -23.75
N TYR E 227 -4.16 41.09 -22.44
CA TYR E 227 -4.82 40.03 -21.69
C TYR E 227 -6.20 40.47 -21.21
N ARG E 228 -6.43 41.78 -21.10
CA ARG E 228 -7.79 42.30 -20.92
C ARG E 228 -8.67 41.91 -22.10
N GLN E 229 -8.18 42.11 -23.33
CA GLN E 229 -8.98 41.81 -24.51
C GLN E 229 -9.15 40.31 -24.70
N ALA E 230 -8.08 39.55 -24.44
CA ALA E 230 -8.17 38.09 -24.53
C ALA E 230 -9.30 37.56 -23.65
N LEU E 231 -9.45 38.12 -22.44
CA LEU E 231 -10.51 37.70 -21.54
C LEU E 231 -11.88 38.06 -22.10
N GLU E 232 -11.96 39.20 -22.79
CA GLU E 232 -13.21 39.61 -23.43
C GLU E 232 -13.58 38.67 -24.57
N TYR E 233 -12.57 38.15 -25.30
CA TYR E 233 -12.84 37.12 -26.30
C TYR E 233 -13.14 35.78 -25.65
N GLN E 234 -12.39 35.41 -24.61
CA GLN E 234 -12.64 34.15 -23.91
C GLN E 234 -14.11 34.05 -23.50
N ASP E 235 -14.63 35.14 -22.91
CA ASP E 235 -16.01 35.14 -22.45
C ASP E 235 -17.00 35.01 -23.61
N LYS E 236 -16.66 35.51 -24.80
CA LYS E 236 -17.53 35.32 -25.96
C LYS E 236 -17.43 33.90 -26.50
N LEU E 237 -16.22 33.32 -26.53
CA LEU E 237 -16.01 32.02 -27.16
C LEU E 237 -16.35 30.85 -26.25
N PHE E 238 -16.22 31.00 -24.93
CA PHE E 238 -16.36 29.86 -24.03
C PHE E 238 -17.66 29.10 -24.23
N PRO E 239 -18.83 29.75 -24.32
CA PRO E 239 -20.07 28.97 -24.52
C PRO E 239 -20.03 28.12 -25.78
N LEU E 240 -19.44 28.63 -26.86
CA LEU E 240 -19.34 27.83 -28.08
C LEU E 240 -18.38 26.65 -27.91
N HIS E 241 -17.21 26.89 -27.31
CA HIS E 241 -16.30 25.78 -27.02
C HIS E 241 -17.06 24.67 -26.31
N GLN E 242 -17.80 25.04 -25.26
CA GLN E 242 -18.48 24.08 -24.41
C GLN E 242 -19.63 23.41 -25.18
N ALA E 243 -20.38 24.19 -25.96
CA ALA E 243 -21.53 23.62 -26.66
C ALA E 243 -21.09 22.62 -27.73
N LEU E 244 -19.90 22.80 -28.29
CA LEU E 244 -19.44 21.97 -29.39
C LEU E 244 -19.00 20.58 -28.94
N PHE E 245 -18.92 20.31 -27.64
CA PHE E 245 -18.63 18.96 -27.17
C PHE E 245 -19.65 18.48 -26.14
N ILE E 246 -20.87 19.03 -26.16
CA ILE E 246 -21.98 18.37 -25.49
C ILE E 246 -22.18 16.96 -26.04
N GLU E 247 -22.12 16.82 -27.36
CA GLU E 247 -22.09 15.56 -28.06
C GLU E 247 -20.78 15.55 -28.84
N PRO E 248 -20.39 14.46 -29.48
CA PRO E 248 -19.07 14.44 -30.15
C PRO E 248 -18.89 15.64 -31.08
N SER E 249 -17.75 16.31 -30.90
CA SER E 249 -17.47 17.56 -31.60
C SER E 249 -17.47 17.40 -33.11
N ILE E 250 -17.13 16.21 -33.60
CA ILE E 250 -17.12 15.96 -35.04
C ILE E 250 -18.48 16.32 -35.62
N SER E 251 -19.52 15.70 -35.08
CA SER E 251 -20.89 15.95 -35.51
C SER E 251 -21.29 17.40 -35.28
N SER E 252 -20.91 17.95 -34.12
CA SER E 252 -21.37 19.28 -33.75
C SER E 252 -20.74 20.35 -34.63
N VAL E 253 -19.46 20.19 -34.95
CA VAL E 253 -18.80 21.15 -35.82
C VAL E 253 -19.47 21.17 -37.20
N LYS E 254 -19.79 19.98 -37.72
CA LYS E 254 -20.40 19.89 -39.05
C LYS E 254 -21.83 20.43 -39.05
N TYR E 255 -22.59 20.16 -37.98
CA TYR E 255 -23.89 20.82 -37.83
C TYR E 255 -23.73 22.34 -37.89
N ALA E 256 -22.82 22.87 -37.06
CA ALA E 256 -22.61 24.31 -37.02
C ALA E 256 -22.21 24.85 -38.38
N LEU E 257 -21.35 24.14 -39.10
CA LEU E 257 -20.88 24.65 -40.39
C LEU E 257 -22.02 24.67 -41.40
N SER E 258 -22.83 23.61 -41.42
CA SER E 258 -24.02 23.55 -42.28
C SER E 258 -24.93 24.74 -42.02
N ARG E 259 -25.30 24.95 -40.74
CA ARG E 259 -26.14 26.08 -40.38
C ARG E 259 -25.58 27.39 -40.92
N LEU E 260 -24.27 27.60 -40.80
CA LEU E 260 -23.66 28.85 -41.24
C LEU E 260 -23.60 28.98 -42.76
N GLY E 261 -24.00 27.95 -43.50
CA GLY E 261 -24.01 28.04 -44.94
C GLY E 261 -22.73 27.61 -45.61
N ARG E 262 -21.74 27.14 -44.84
CA ARG E 262 -20.58 26.51 -45.43
C ARG E 262 -21.00 25.29 -46.24
N ASN E 263 -20.26 25.02 -47.30
CA ASN E 263 -20.52 23.88 -48.18
C ASN E 263 -19.91 22.63 -47.53
N VAL E 264 -20.53 22.23 -46.42
CA VAL E 264 -20.13 21.01 -45.70
C VAL E 264 -21.37 20.17 -45.44
N SER E 265 -21.29 18.88 -45.77
CA SER E 265 -22.40 17.98 -45.48
C SER E 265 -22.37 17.55 -44.01
N LEU E 266 -23.53 17.11 -43.53
CA LEU E 266 -23.69 16.63 -42.16
C LEU E 266 -23.05 15.27 -41.94
N VAL E 267 -22.61 14.61 -43.01
CA VAL E 267 -22.28 13.19 -42.97
C VAL E 267 -21.05 12.96 -42.09
N VAL E 268 -21.12 11.90 -41.28
CA VAL E 268 -20.01 11.43 -40.46
C VAL E 268 -19.99 9.92 -40.59
N ARG E 269 -18.95 9.30 -40.02
CA ARG E 269 -18.75 7.87 -40.17
C ARG E 269 -18.98 7.16 -38.85
N ALA E 270 -19.71 6.05 -38.92
CA ALA E 270 -19.94 5.20 -37.76
C ALA E 270 -18.60 4.86 -37.10
N PRO E 271 -18.52 4.87 -35.78
CA PRO E 271 -19.60 5.05 -34.80
C PRO E 271 -19.97 6.49 -34.44
N MET E 272 -19.49 7.53 -35.12
CA MET E 272 -20.11 8.84 -34.98
C MET E 272 -21.47 8.82 -35.68
N VAL E 273 -22.41 9.62 -35.19
CA VAL E 273 -23.68 9.83 -35.87
C VAL E 273 -23.91 11.33 -35.99
N SER E 274 -24.61 11.75 -37.04
CA SER E 274 -24.89 13.16 -37.23
C SER E 274 -26.16 13.62 -36.51
N ILE E 275 -27.04 12.69 -36.14
CA ILE E 275 -28.28 13.05 -35.43
C ILE E 275 -27.89 13.59 -34.06
N LEU E 276 -28.14 14.89 -33.85
CA LEU E 276 -27.90 15.58 -32.58
C LEU E 276 -29.24 15.86 -31.89
N GLU E 277 -29.22 15.90 -30.56
CA GLU E 277 -30.42 16.23 -29.82
C GLU E 277 -30.82 17.68 -30.06
N LYS E 278 -32.13 17.91 -29.95
CA LYS E 278 -32.68 19.25 -30.08
C LYS E 278 -31.97 20.23 -29.15
N GLU E 279 -31.80 19.84 -27.90
CA GLU E 279 -31.22 20.70 -26.89
C GLU E 279 -29.76 21.01 -27.19
N THR E 280 -29.04 20.05 -27.77
CA THR E 280 -27.66 20.27 -28.21
C THR E 280 -27.62 21.31 -29.32
N MET E 281 -28.51 21.18 -30.31
CA MET E 281 -28.51 22.12 -31.42
C MET E 281 -28.89 23.52 -30.96
N PHE E 282 -29.83 23.62 -30.02
CA PHE E 282 -30.18 24.93 -29.46
C PHE E 282 -28.96 25.57 -28.81
N ALA E 283 -28.23 24.82 -27.97
CA ALA E 283 -27.06 25.36 -27.31
C ALA E 283 -26.03 25.89 -28.30
N ILE E 284 -25.79 25.13 -29.38
CA ILE E 284 -24.86 25.58 -30.41
C ILE E 284 -25.34 26.86 -31.06
N ASP E 285 -26.64 26.91 -31.41
CA ASP E 285 -27.19 28.09 -32.08
C ASP E 285 -27.11 29.32 -31.18
N GLN E 286 -27.47 29.17 -29.90
CA GLN E 286 -27.41 30.29 -28.98
C GLN E 286 -25.97 30.81 -28.84
N ALA E 287 -25.00 29.89 -28.80
CA ALA E 287 -23.61 30.30 -28.68
C ALA E 287 -23.07 30.88 -29.99
N LEU E 288 -23.54 30.35 -31.12
CA LEU E 288 -23.15 30.92 -32.42
C LEU E 288 -23.65 32.35 -32.57
N ASP E 289 -24.82 32.66 -32.02
CA ASP E 289 -25.43 33.97 -32.22
C ASP E 289 -24.97 35.00 -31.20
N HIS E 290 -24.65 34.58 -29.98
CA HIS E 290 -23.97 35.47 -29.04
C HIS E 290 -22.65 35.99 -29.62
N ILE E 291 -22.03 35.22 -30.51
CA ILE E 291 -20.84 35.68 -31.19
C ILE E 291 -21.20 36.47 -32.44
N GLY E 292 -22.36 36.15 -33.05
CA GLY E 292 -22.88 36.89 -34.18
C GLY E 292 -22.32 36.42 -35.50
N LEU E 293 -22.22 35.10 -35.66
CA LEU E 293 -21.58 34.53 -36.85
C LEU E 293 -22.56 34.24 -37.96
N CYS E 294 -23.86 34.22 -37.67
CA CYS E 294 -24.88 33.86 -38.64
C CYS E 294 -25.22 35.09 -39.47
N ALA E 295 -24.53 35.23 -40.60
CA ALA E 295 -24.74 36.33 -41.52
C ALA E 295 -26.10 36.21 -42.21
N GLY E 296 -27.12 36.86 -41.65
CA GLY E 296 -28.44 36.86 -42.25
C GLY E 296 -29.51 37.37 -41.32
N MET F 1 -11.29 43.37 -2.39
CA MET F 1 -11.13 43.31 -0.90
C MET F 1 -10.14 42.19 -0.54
N PHE F 2 -10.43 40.97 -0.98
CA PHE F 2 -9.46 39.88 -0.97
C PHE F 2 -8.90 39.74 -2.37
N GLN F 3 -7.60 39.91 -2.50
CA GLN F 3 -6.92 39.79 -3.79
C GLN F 3 -5.45 39.47 -3.54
N ARG F 4 -4.76 39.12 -4.63
CA ARG F 4 -3.31 38.84 -4.60
C ARG F 4 -3.06 37.69 -3.62
N SER F 5 -1.94 37.71 -2.87
CA SER F 5 -1.45 36.55 -2.15
C SER F 5 -2.04 36.50 -0.74
N ILE F 6 -2.67 35.39 -0.40
CA ILE F 6 -3.45 35.23 0.83
C ILE F 6 -3.11 33.87 1.41
N PRO F 7 -2.28 33.77 2.44
CA PRO F 7 -1.91 32.45 2.95
C PRO F 7 -3.09 31.76 3.65
N ALA F 8 -3.22 30.46 3.38
CA ALA F 8 -3.96 29.56 4.25
C ALA F 8 -3.01 29.20 5.38
N LEU F 9 -3.17 29.85 6.52
CA LEU F 9 -2.13 29.88 7.54
C LEU F 9 -1.98 28.54 8.24
N ILE F 10 -0.72 28.17 8.54
CA ILE F 10 -0.50 27.01 9.41
C ILE F 10 -0.90 27.39 10.83
N THR F 11 -1.24 26.37 11.62
CA THR F 11 -1.40 26.50 13.07
C THR F 11 -0.20 25.83 13.74
N PRO F 12 0.79 26.58 14.21
CA PRO F 12 1.92 25.95 14.90
C PRO F 12 1.52 25.42 16.27
N PHE F 13 2.14 24.30 16.64
CA PHE F 13 1.93 23.70 17.96
C PHE F 13 3.23 23.68 18.74
N THR F 14 3.10 23.64 20.07
CA THR F 14 4.25 23.42 20.93
C THR F 14 4.60 21.92 20.96
N LYS F 15 5.74 21.59 21.57
CA LYS F 15 6.07 20.18 21.76
C LYS F 15 5.16 19.56 22.81
N ASP F 16 4.43 20.36 23.56
CA ASP F 16 3.33 19.88 24.40
C ASP F 16 2.00 19.78 23.65
N ASN F 17 2.02 19.95 22.33
CA ASN F 17 0.81 19.86 21.48
C ASN F 17 -0.28 20.85 21.90
N LEU F 18 0.13 22.02 22.35
CA LEU F 18 -0.77 23.16 22.55
C LEU F 18 -0.59 24.12 21.38
N ILE F 19 -1.57 25.01 21.20
CA ILE F 19 -1.39 26.08 20.23
C ILE F 19 -0.16 26.88 20.64
N ASP F 20 0.71 27.16 19.69
CA ASP F 20 1.90 27.99 19.93
C ASP F 20 1.54 29.40 19.47
N GLU F 21 0.88 30.15 20.37
CA GLU F 21 0.31 31.43 19.97
C GLU F 21 1.38 32.43 19.57
N ASP F 22 2.50 32.48 20.30
CA ASP F 22 3.55 33.42 19.95
C ASP F 22 4.07 33.16 18.55
N SER F 23 4.28 31.88 18.23
CA SER F 23 4.71 31.52 16.88
C SER F 23 3.68 31.93 15.85
N PHE F 24 2.40 31.73 16.16
CA PHE F 24 1.33 32.09 15.24
C PHE F 24 1.27 33.61 15.03
N VAL F 25 1.35 34.38 16.12
CA VAL F 25 1.39 35.84 15.97
C VAL F 25 2.60 36.25 15.14
N ASP F 26 3.77 35.67 15.44
CA ASP F 26 5.00 36.04 14.74
C ASP F 26 4.88 35.71 13.26
N HIS F 27 4.30 34.56 12.96
CA HIS F 27 4.04 34.18 11.57
C HIS F 27 3.12 35.19 10.89
N ILE F 28 2.01 35.54 11.54
CA ILE F 28 1.10 36.53 10.97
C ILE F 28 1.82 37.86 10.74
N GLU F 29 2.60 38.31 11.73
CA GLU F 29 3.29 39.60 11.58
C GLU F 29 4.26 39.55 10.40
N TRP F 30 5.08 38.49 10.35
CA TRP F 30 5.98 38.29 9.23
C TRP F 30 5.23 38.24 7.90
N GLN F 31 4.07 37.57 7.87
CA GLN F 31 3.32 37.48 6.62
C GLN F 31 2.92 38.87 6.13
N ILE F 32 2.41 39.71 7.03
CA ILE F 32 1.99 41.07 6.63
C ILE F 32 3.19 41.87 6.19
N SER F 33 4.24 41.88 7.02
CA SER F 33 5.48 42.56 6.69
C SER F 33 5.98 42.19 5.29
N GLU F 34 5.88 40.90 4.92
CA GLU F 34 6.44 40.46 3.66
C GLU F 34 5.51 40.72 2.47
N GLY F 35 4.26 41.11 2.71
CA GLY F 35 3.39 41.59 1.66
C GLY F 35 2.17 40.75 1.33
N SER F 36 1.82 39.78 2.16
CA SER F 36 0.58 39.06 1.98
C SER F 36 -0.59 40.03 2.20
N SER F 37 -1.65 39.87 1.39
CA SER F 37 -2.73 40.86 1.34
C SER F 37 -3.95 40.47 2.15
N GLY F 38 -3.95 39.32 2.78
CA GLY F 38 -5.06 38.87 3.59
C GLY F 38 -4.67 37.57 4.23
N LEU F 39 -5.54 37.07 5.11
CA LEU F 39 -5.20 35.92 5.93
C LEU F 39 -6.37 34.96 6.03
N VAL F 40 -6.07 33.66 5.95
CA VAL F 40 -7.09 32.64 6.17
C VAL F 40 -6.68 31.77 7.35
N PRO F 41 -7.13 32.10 8.55
CA PRO F 41 -6.87 31.22 9.70
C PRO F 41 -7.81 30.02 9.76
N ALA F 42 -7.27 28.93 10.29
CA ALA F 42 -8.06 27.72 10.58
C ALA F 42 -8.74 27.16 9.34
N GLY F 43 -8.01 27.11 8.22
CA GLY F 43 -8.42 26.38 7.03
C GLY F 43 -7.83 24.99 6.99
N THR F 44 -7.68 24.47 5.77
CA THR F 44 -7.12 23.12 5.60
C THR F 44 -5.65 23.08 5.99
N THR F 45 -4.85 23.98 5.43
CA THR F 45 -3.43 24.09 5.80
C THR F 45 -3.25 24.43 7.27
N GLY F 46 -4.29 24.92 7.95
CA GLY F 46 -4.30 25.22 9.35
C GLY F 46 -4.73 24.10 10.24
N GLU F 47 -4.99 22.93 9.66
CA GLU F 47 -5.33 21.70 10.39
C GLU F 47 -6.67 21.84 11.13
N SER F 48 -7.60 22.58 10.56
CA SER F 48 -8.95 22.70 11.09
C SER F 48 -9.46 21.36 11.61
N SER F 49 -9.23 20.30 10.83
CA SER F 49 -9.78 18.99 11.15
C SER F 49 -9.33 18.47 12.50
N THR F 50 -8.15 18.89 12.99
CA THR F 50 -7.60 18.36 14.22
C THR F 50 -7.63 19.35 15.38
N LEU F 51 -8.20 20.53 15.17
CA LEU F 51 -8.47 21.49 16.24
C LEU F 51 -9.81 21.18 16.90
N SER F 52 -9.87 21.40 18.22
CA SER F 52 -11.16 21.39 18.89
C SER F 52 -11.91 22.69 18.54
N TYR F 53 -13.22 22.69 18.81
CA TYR F 53 -13.99 23.91 18.61
C TYR F 53 -13.31 25.10 19.29
N GLU F 54 -12.90 24.92 20.55
CA GLU F 54 -12.29 26.01 21.30
C GLU F 54 -11.00 26.49 20.63
N GLU F 55 -10.14 25.55 20.22
CA GLU F 55 -8.89 25.95 19.57
C GLU F 55 -9.15 26.67 18.27
N HIS F 56 -10.10 26.16 17.46
CA HIS F 56 -10.45 26.81 16.21
C HIS F 56 -10.88 28.25 16.43
N CYS F 57 -11.78 28.47 17.41
CA CYS F 57 -12.20 29.83 17.71
C CYS F 57 -11.01 30.68 18.13
N ARG F 58 -10.13 30.12 18.96
CA ARG F 58 -8.97 30.85 19.45
C ARG F 58 -8.03 31.24 18.31
N VAL F 59 -7.76 30.30 17.39
CA VAL F 59 -6.92 30.63 16.24
C VAL F 59 -7.52 31.78 15.46
N VAL F 60 -8.83 31.75 15.28
CA VAL F 60 -9.52 32.79 14.52
C VAL F 60 -9.43 34.12 15.26
N GLU F 61 -9.81 34.11 16.54
CA GLU F 61 -9.71 35.32 17.36
C GLU F 61 -8.32 35.91 17.29
N LEU F 62 -7.31 35.05 17.45
CA LEU F 62 -5.94 35.51 17.54
C LEU F 62 -5.44 36.04 16.20
N CYS F 63 -5.95 35.51 15.09
CA CYS F 63 -5.57 36.03 13.79
C CYS F 63 -6.20 37.40 13.56
N VAL F 64 -7.47 37.56 13.93
CA VAL F 64 -8.14 38.86 13.75
C VAL F 64 -7.45 39.91 14.60
N LYS F 65 -7.17 39.58 15.87
CA LYS F 65 -6.56 40.52 16.79
C LYS F 65 -5.17 40.96 16.33
N THR F 66 -4.36 40.01 15.84
CA THR F 66 -3.00 40.37 15.40
C THR F 66 -3.05 41.19 14.11
N ALA F 67 -3.93 40.84 13.19
CA ALA F 67 -4.03 41.61 11.94
C ALA F 67 -4.39 43.06 12.22
N ALA F 68 -5.27 43.27 13.21
CA ALA F 68 -5.61 44.61 13.70
C ALA F 68 -5.95 45.55 12.56
N GLY F 69 -6.79 45.07 11.63
CA GLY F 69 -7.29 45.88 10.54
C GLY F 69 -6.35 46.13 9.40
N ARG F 70 -5.07 45.74 9.52
CA ARG F 70 -4.11 46.06 8.46
C ARG F 70 -4.41 45.28 7.18
N VAL F 71 -4.85 44.02 7.32
CA VAL F 71 -5.27 43.20 6.19
C VAL F 71 -6.53 42.47 6.55
N PRO F 72 -7.35 42.14 5.55
CA PRO F 72 -8.62 41.44 5.82
C PRO F 72 -8.40 39.98 6.23
N VAL F 73 -9.24 39.52 7.15
CA VAL F 73 -9.18 38.17 7.70
C VAL F 73 -10.40 37.40 7.22
N MET F 74 -10.16 36.28 6.51
CA MET F 74 -11.19 35.35 6.08
C MET F 74 -11.10 34.08 6.93
N ALA F 75 -11.95 34.00 7.95
CA ALA F 75 -11.93 32.86 8.86
C ALA F 75 -12.47 31.61 8.19
N GLY F 76 -11.84 30.47 8.48
CA GLY F 76 -12.41 29.20 8.10
C GLY F 76 -13.61 28.87 8.99
N ALA F 77 -14.75 28.60 8.35
CA ALA F 77 -15.91 28.09 9.05
C ALA F 77 -16.44 26.85 8.33
N GLY F 78 -15.57 26.16 7.59
CA GLY F 78 -15.95 24.95 6.92
C GLY F 78 -16.06 23.77 7.88
N SER F 79 -17.07 22.95 7.66
CA SER F 79 -17.32 21.72 8.39
C SER F 79 -18.22 20.90 7.48
N ASN F 80 -18.32 19.61 7.76
CA ASN F 80 -19.33 18.80 7.07
C ASN F 80 -20.62 18.71 7.91
N ASN F 81 -20.71 19.55 8.93
CA ASN F 81 -21.83 19.64 9.87
C ASN F 81 -22.36 21.07 9.77
N THR F 82 -23.56 21.22 9.19
CA THR F 82 -24.11 22.57 9.01
C THR F 82 -24.27 23.30 10.33
N LYS F 83 -24.81 22.62 11.35
CA LYS F 83 -24.97 23.25 12.65
C LYS F 83 -23.63 23.75 13.19
N GLU F 84 -22.57 22.93 13.06
CA GLU F 84 -21.27 23.37 13.55
C GLU F 84 -20.71 24.50 12.69
N SER F 85 -20.93 24.46 11.37
CA SER F 85 -20.40 25.54 10.53
C SER F 85 -21.08 26.86 10.85
N ILE F 86 -22.35 26.83 11.23
CA ILE F 86 -23.01 28.07 11.67
C ILE F 86 -22.36 28.57 12.95
N GLU F 87 -22.16 27.68 13.93
CA GLU F 87 -21.54 28.08 15.19
C GLU F 87 -20.15 28.66 14.96
N LEU F 88 -19.36 28.10 14.03
CA LEU F 88 -18.06 28.69 13.75
C LEU F 88 -18.20 30.03 13.03
N ALA F 89 -19.13 30.11 12.08
CA ALA F 89 -19.32 31.35 11.33
C ALA F 89 -19.79 32.48 12.24
N GLN F 90 -20.68 32.17 13.19
CA GLN F 90 -21.17 33.21 14.08
C GLN F 90 -20.08 33.65 15.06
N TYR F 91 -19.30 32.70 15.60
CA TYR F 91 -18.17 33.12 16.42
C TYR F 91 -17.24 34.03 15.61
N ALA F 92 -16.88 33.60 14.41
CA ALA F 92 -15.97 34.41 13.60
C ALA F 92 -16.50 35.81 13.42
N GLN F 93 -17.81 35.95 13.13
CA GLN F 93 -18.36 37.29 12.97
C GLN F 93 -18.22 38.10 14.25
N ASN F 94 -18.64 37.51 15.38
CA ASN F 94 -18.61 38.21 16.66
C ASN F 94 -17.19 38.64 17.03
N THR F 95 -16.21 37.74 16.87
CA THR F 95 -14.84 38.13 17.17
C THR F 95 -14.28 39.12 16.15
N GLY F 96 -14.97 39.33 15.03
CA GLY F 96 -14.61 40.41 14.14
C GLY F 96 -13.92 40.04 12.84
N ALA F 97 -14.13 38.83 12.36
CA ALA F 97 -13.58 38.48 11.05
C ALA F 97 -14.24 39.33 9.97
N ASP F 98 -13.57 39.44 8.83
CA ASP F 98 -14.08 40.22 7.72
C ASP F 98 -14.83 39.39 6.69
N ALA F 99 -14.66 38.06 6.69
CA ALA F 99 -15.34 37.19 5.74
C ALA F 99 -15.23 35.76 6.25
N LEU F 100 -15.89 34.84 5.53
CA LEU F 100 -15.91 33.43 5.87
C LEU F 100 -15.50 32.60 4.66
N LEU F 101 -14.75 31.53 4.93
CA LEU F 101 -14.41 30.51 3.95
C LEU F 101 -15.18 29.24 4.32
N VAL F 102 -16.06 28.78 3.44
CA VAL F 102 -16.93 27.66 3.76
C VAL F 102 -16.74 26.57 2.71
N VAL F 103 -16.13 25.47 3.13
CA VAL F 103 -15.86 24.37 2.24
C VAL F 103 -17.16 23.62 1.94
N VAL F 104 -17.24 23.10 0.72
CA VAL F 104 -18.21 22.08 0.34
C VAL F 104 -18.08 20.91 1.31
N PRO F 105 -19.15 20.46 1.94
CA PRO F 105 -19.03 19.36 2.91
C PRO F 105 -18.34 18.12 2.35
N TYR F 106 -17.49 17.53 3.18
CA TYR F 106 -16.69 16.37 2.83
C TYR F 106 -17.27 15.13 3.51
N TYR F 107 -16.93 13.98 2.96
CA TYR F 107 -17.25 12.67 3.49
C TYR F 107 -18.73 12.29 3.41
N ASN F 108 -19.64 13.14 3.87
CA ASN F 108 -21.06 12.72 3.86
C ASN F 108 -21.76 12.99 2.53
N LYS F 109 -21.08 13.64 1.59
CA LYS F 109 -21.47 13.79 0.20
C LYS F 109 -22.95 14.17 0.05
N PRO F 110 -23.32 15.38 0.43
CA PRO F 110 -24.67 15.89 0.10
C PRO F 110 -24.85 16.08 -1.39
N ASN F 111 -26.13 16.03 -1.82
CA ASN F 111 -26.43 16.33 -3.22
C ASN F 111 -26.61 17.84 -3.38
N LYS F 112 -27.08 18.27 -4.56
CA LYS F 112 -27.19 19.68 -4.86
C LYS F 112 -28.14 20.38 -3.89
N LYS F 113 -29.22 19.70 -3.49
CA LYS F 113 -30.16 20.31 -2.54
C LYS F 113 -29.54 20.44 -1.15
N GLY F 114 -28.74 19.46 -0.74
CA GLY F 114 -27.99 19.60 0.50
C GLY F 114 -27.02 20.77 0.46
N LEU F 115 -26.38 21.00 -0.68
CA LEU F 115 -25.47 22.15 -0.79
C LEU F 115 -26.22 23.46 -0.63
N LEU F 116 -27.36 23.59 -1.33
CA LEU F 116 -28.18 24.79 -1.15
C LEU F 116 -28.63 24.93 0.30
N ALA F 117 -29.00 23.82 0.94
CA ALA F 117 -29.35 23.88 2.36
C ALA F 117 -28.15 24.31 3.20
N HIS F 118 -26.97 23.73 2.94
CA HIS F 118 -25.80 24.01 3.75
C HIS F 118 -25.40 25.47 3.62
N PHE F 119 -25.12 25.93 2.40
CA PHE F 119 -24.64 27.28 2.19
C PHE F 119 -25.73 28.32 2.41
N GLY F 120 -27.00 27.93 2.27
CA GLY F 120 -28.09 28.84 2.54
C GLY F 120 -28.30 29.00 4.02
N SER F 121 -28.31 27.89 4.75
CA SER F 121 -28.40 27.95 6.21
C SER F 121 -27.37 28.92 6.78
N ILE F 122 -26.16 28.91 6.21
CA ILE F 122 -25.06 29.69 6.78
C ILE F 122 -25.16 31.14 6.33
N ALA F 123 -25.52 31.36 5.08
CA ALA F 123 -25.67 32.72 4.57
C ALA F 123 -26.74 33.49 5.35
N ASN F 124 -27.81 32.79 5.76
CA ASN F 124 -28.87 33.43 6.53
C ASN F 124 -28.53 33.61 8.01
N ALA F 125 -27.48 32.96 8.51
CA ALA F 125 -27.16 33.02 9.93
C ALA F 125 -26.08 34.04 10.27
N VAL F 126 -25.47 34.68 9.28
CA VAL F 126 -24.48 35.73 9.49
C VAL F 126 -24.67 36.79 8.42
N SER F 127 -24.04 37.94 8.63
CA SER F 127 -24.07 39.03 7.66
C SER F 127 -22.77 39.13 6.87
N LEU F 128 -21.71 38.45 7.31
CA LEU F 128 -20.41 38.53 6.67
C LEU F 128 -20.44 37.98 5.24
N PRO F 129 -19.55 38.47 4.36
CA PRO F 129 -19.38 37.83 3.05
C PRO F 129 -18.91 36.39 3.21
N ILE F 130 -19.34 35.54 2.29
CA ILE F 130 -19.01 34.11 2.32
C ILE F 130 -18.34 33.72 1.01
N TYR F 131 -17.23 32.99 1.11
CA TYR F 131 -16.51 32.43 -0.03
C TYR F 131 -16.69 30.91 -0.04
N ILE F 132 -17.15 30.40 -1.17
CA ILE F 132 -17.36 28.96 -1.35
C ILE F 132 -16.02 28.32 -1.65
N TYR F 133 -15.67 27.29 -0.90
CA TYR F 133 -14.38 26.60 -1.04
C TYR F 133 -14.66 25.25 -1.72
N ASN F 134 -14.33 25.18 -3.02
CA ASN F 134 -14.56 24.00 -3.85
C ASN F 134 -13.23 23.26 -3.98
N ASN F 135 -13.13 22.10 -3.33
CA ASN F 135 -11.92 21.28 -3.36
C ASN F 135 -12.30 19.82 -3.49
N PRO F 136 -12.68 19.40 -4.70
CA PRO F 136 -13.14 18.00 -4.89
C PRO F 136 -12.04 16.97 -4.65
N SER F 137 -10.78 17.34 -4.89
CA SER F 137 -9.68 16.46 -4.54
C SER F 137 -9.78 15.99 -3.09
N ARG F 138 -10.42 16.76 -2.23
CA ARG F 138 -10.61 16.40 -0.84
C ARG F 138 -12.05 16.03 -0.48
N THR F 139 -13.04 16.62 -1.18
CA THR F 139 -14.45 16.42 -0.83
C THR F 139 -15.17 15.37 -1.66
N VAL F 140 -14.57 14.92 -2.77
CA VAL F 140 -15.16 14.00 -3.75
C VAL F 140 -16.18 14.76 -4.58
N ILE F 141 -17.25 15.24 -3.93
CA ILE F 141 -18.28 15.99 -4.67
C ILE F 141 -17.70 17.35 -5.08
N GLU F 142 -18.33 17.94 -6.10
CA GLU F 142 -17.91 19.22 -6.67
C GLU F 142 -19.15 20.07 -6.89
N MET F 143 -19.19 21.26 -6.29
CA MET F 143 -20.25 22.20 -6.63
C MET F 143 -20.18 22.53 -8.12
N ASP F 144 -21.29 22.38 -8.83
CA ASP F 144 -21.27 22.77 -10.23
C ASP F 144 -21.61 24.26 -10.37
N VAL F 145 -21.43 24.75 -11.58
CA VAL F 145 -21.57 26.18 -11.84
C VAL F 145 -23.02 26.64 -11.65
N ASP F 146 -23.99 25.78 -11.96
CA ASP F 146 -25.39 26.15 -11.77
C ASP F 146 -25.72 26.34 -10.29
N THR F 147 -25.21 25.45 -9.44
CA THR F 147 -25.44 25.58 -8.00
C THR F 147 -24.80 26.85 -7.47
N MET F 148 -23.54 27.11 -7.87
CA MET F 148 -22.86 28.33 -7.48
C MET F 148 -23.64 29.56 -7.92
N ALA F 149 -24.05 29.61 -9.19
CA ALA F 149 -24.78 30.76 -9.69
C ALA F 149 -26.10 30.96 -8.92
N GLU F 150 -26.83 29.88 -8.68
CA GLU F 150 -28.04 29.98 -7.87
C GLU F 150 -27.74 30.59 -6.50
N LEU F 151 -26.71 30.07 -5.83
CA LEU F 151 -26.41 30.59 -4.49
C LEU F 151 -26.03 32.06 -4.57
N VAL F 152 -25.33 32.46 -5.64
CA VAL F 152 -24.95 33.87 -5.79
C VAL F 152 -26.20 34.73 -5.99
N LYS F 153 -27.09 34.32 -6.88
CA LYS F 153 -28.31 35.11 -7.11
C LYS F 153 -29.20 35.16 -5.86
N THR F 154 -29.24 34.08 -5.09
CA THR F 154 -30.17 34.00 -3.98
C THR F 154 -29.70 34.76 -2.75
N TYR F 155 -28.40 34.71 -2.43
CA TYR F 155 -27.89 35.30 -1.20
C TYR F 155 -26.82 36.34 -1.51
N SER F 156 -27.05 37.56 -1.04
CA SER F 156 -26.16 38.66 -1.40
C SER F 156 -24.79 38.52 -0.76
N ASN F 157 -24.71 37.86 0.41
CA ASN F 157 -23.44 37.72 1.11
C ASN F 157 -22.67 36.47 0.71
N ILE F 158 -23.05 35.79 -0.37
CA ILE F 158 -22.22 34.79 -1.02
C ILE F 158 -21.53 35.50 -2.19
N VAL F 159 -20.27 35.88 -1.99
CA VAL F 159 -19.61 36.84 -2.87
C VAL F 159 -18.55 36.22 -3.77
N GLY F 160 -18.10 35.00 -3.50
CA GLY F 160 -16.97 34.49 -4.28
C GLY F 160 -16.69 33.02 -4.02
N VAL F 161 -15.62 32.55 -4.66
CA VAL F 161 -15.22 31.15 -4.56
C VAL F 161 -13.73 31.08 -4.27
N ASP F 163 -11.46 28.38 -5.53
CA ASP F 163 -11.52 27.31 -6.52
C ASP F 163 -10.18 26.55 -6.54
N ALA F 164 -10.18 25.37 -5.91
CA ALA F 164 -8.99 24.55 -5.79
C ALA F 164 -9.00 23.35 -6.72
N THR F 165 -9.80 23.39 -7.80
CA THR F 165 -9.86 22.26 -8.71
C THR F 165 -8.62 22.17 -9.58
N GLY F 166 -7.99 23.31 -9.89
CA GLY F 166 -6.94 23.32 -10.88
C GLY F 166 -7.41 23.14 -12.30
N ARG F 167 -8.72 23.11 -12.53
CA ARG F 167 -9.29 23.06 -13.88
C ARG F 167 -9.75 24.46 -14.25
N ILE F 168 -8.95 25.13 -15.07
CA ILE F 168 -9.03 26.57 -15.29
C ILE F 168 -10.29 26.95 -16.07
N GLU F 169 -10.76 26.05 -16.94
CA GLU F 169 -12.03 26.28 -17.63
C GLU F 169 -13.13 26.67 -16.66
N LEU F 170 -13.14 26.08 -15.46
CA LEU F 170 -14.19 26.39 -14.49
C LEU F 170 -14.18 27.84 -14.09
N ALA F 171 -13.04 28.52 -14.23
CA ALA F 171 -12.98 29.95 -13.92
C ALA F 171 -13.82 30.74 -14.92
N SER F 172 -13.67 30.43 -16.21
CA SER F 172 -14.51 31.02 -17.23
C SER F 172 -15.99 30.72 -16.97
N GLY F 173 -16.33 29.44 -16.81
CA GLY F 173 -17.71 29.09 -16.56
C GLY F 173 -18.30 29.81 -15.36
N GLN F 174 -17.50 29.94 -14.30
CA GLN F 174 -17.98 30.57 -13.08
C GLN F 174 -18.15 32.07 -13.26
N ARG F 175 -17.37 32.67 -14.15
CA ARG F 175 -17.42 34.10 -14.38
C ARG F 175 -18.63 34.48 -15.24
N ILE F 176 -18.90 33.68 -16.26
CA ILE F 176 -20.05 33.90 -17.13
C ILE F 176 -21.35 33.67 -16.37
N ALA F 177 -21.41 32.59 -15.60
CA ALA F 177 -22.63 32.24 -14.90
C ALA F 177 -22.90 33.17 -13.72
N CYS F 178 -21.86 33.57 -12.99
CA CYS F 178 -22.03 34.27 -11.73
C CYS F 178 -21.86 35.78 -11.85
N GLY F 179 -21.29 36.26 -12.94
CA GLY F 179 -20.94 37.65 -13.07
C GLY F 179 -19.45 37.89 -12.82
N SER F 180 -18.90 38.87 -13.53
CA SER F 180 -17.54 39.33 -13.27
C SER F 180 -17.40 40.08 -11.95
N ASP F 181 -18.49 40.27 -11.20
CA ASP F 181 -18.44 40.80 -9.85
C ASP F 181 -18.22 39.71 -8.80
N PHE F 182 -18.55 38.47 -9.14
CA PHE F 182 -18.18 37.29 -8.35
C PHE F 182 -16.67 37.22 -8.21
N ILE F 183 -16.19 37.17 -6.96
CA ILE F 183 -14.77 37.23 -6.67
C ILE F 183 -14.20 35.81 -6.66
N GLN F 184 -13.29 35.53 -7.58
CA GLN F 184 -12.68 34.21 -7.72
C GLN F 184 -11.24 34.22 -7.23
N LEU F 185 -10.95 33.36 -6.26
CA LEU F 185 -9.59 33.16 -5.75
C LEU F 185 -9.16 31.72 -6.03
N SER F 186 -7.97 31.57 -6.64
CA SER F 186 -7.36 30.26 -6.77
C SER F 186 -7.15 29.59 -5.42
N GLY F 187 -7.43 28.30 -5.36
CA GLY F 187 -7.04 27.48 -4.24
C GLY F 187 -5.91 26.52 -4.61
N ASP F 188 -5.27 26.76 -5.75
CA ASP F 188 -4.26 25.84 -6.30
C ASP F 188 -3.04 26.65 -6.76
N ASP F 189 -2.00 26.65 -5.92
CA ASP F 189 -0.83 27.49 -6.16
C ASP F 189 -0.28 27.31 -7.57
N SER F 190 -0.25 26.07 -8.06
CA SER F 190 0.46 25.76 -9.30
C SER F 190 -0.26 26.27 -10.55
N SER F 191 -1.58 26.50 -10.48
CA SER F 191 -2.32 27.05 -11.60
C SER F 191 -2.86 28.44 -11.30
N ALA F 192 -2.43 29.04 -10.18
CA ALA F 192 -2.93 30.36 -9.81
C ALA F 192 -2.69 31.38 -10.92
N LEU F 193 -1.63 31.20 -11.71
CA LEU F 193 -1.32 32.14 -12.78
C LEU F 193 -2.42 32.15 -13.84
N GLY F 194 -2.65 31.01 -14.49
CA GLY F 194 -3.71 30.93 -15.49
C GLY F 194 -5.08 31.25 -14.94
N PHE F 195 -5.32 30.92 -13.68
CA PHE F 195 -6.60 31.23 -13.04
C PHE F 195 -6.88 32.73 -13.05
N ASN F 196 -5.84 33.55 -12.87
CA ASN F 196 -6.10 35.00 -12.82
C ASN F 196 -6.35 35.56 -14.21
N VAL F 197 -5.67 35.06 -15.24
CA VAL F 197 -5.93 35.57 -16.58
C VAL F 197 -7.32 35.16 -17.05
N HIS F 198 -7.91 34.10 -16.48
CA HIS F 198 -9.30 33.75 -16.77
C HIS F 198 -10.29 34.53 -15.92
N GLY F 199 -9.82 35.39 -15.02
CA GLY F 199 -10.70 36.27 -14.27
C GLY F 199 -10.56 36.20 -12.77
N GLY F 200 -9.65 35.35 -12.28
CA GLY F 200 -9.33 35.37 -10.86
C GLY F 200 -8.56 36.62 -10.48
N VAL F 201 -8.61 36.94 -9.18
CA VAL F 201 -7.91 38.12 -8.68
C VAL F 201 -6.99 37.79 -7.51
N GLY F 202 -6.69 36.52 -7.30
CA GLY F 202 -5.72 36.18 -6.27
C GLY F 202 -5.71 34.69 -5.98
N CYS F 203 -4.99 34.34 -4.90
CA CYS F 203 -4.81 32.94 -4.54
C CYS F 203 -4.77 32.79 -3.03
N ILE F 204 -5.60 31.90 -2.49
CA ILE F 204 -5.46 31.43 -1.12
C ILE F 204 -4.47 30.27 -1.17
N SER F 205 -3.32 30.46 -0.54
CA SER F 205 -2.07 29.82 -0.96
C SER F 205 -1.44 29.02 0.17
N VAL F 206 -0.89 27.85 -0.19
CA VAL F 206 -0.07 27.10 0.74
C VAL F 206 1.34 27.66 0.76
N THR F 207 1.93 27.83 -0.44
CA THR F 207 3.32 28.22 -0.56
C THR F 207 3.59 29.58 0.06
N ALA F 208 2.58 30.44 0.16
CA ALA F 208 2.77 31.74 0.79
C ALA F 208 3.20 31.62 2.24
N ASN F 209 2.89 30.49 2.90
CA ASN F 209 3.38 30.30 4.26
C ASN F 209 4.90 30.32 4.29
N VAL F 210 5.53 29.79 3.25
CA VAL F 210 6.96 29.58 3.21
C VAL F 210 7.69 30.74 2.55
N ALA F 211 7.13 31.26 1.45
CA ALA F 211 7.80 32.25 0.63
C ALA F 211 6.90 33.47 0.43
N PRO F 212 6.47 34.10 1.52
CA PRO F 212 5.42 35.13 1.36
C PRO F 212 5.84 36.30 0.47
N ARG F 213 7.11 36.72 0.48
CA ARG F 213 7.45 37.90 -0.31
C ARG F 213 7.38 37.59 -1.81
N ILE F 214 7.95 36.47 -2.24
CA ILE F 214 7.98 36.18 -3.67
C ILE F 214 6.56 35.94 -4.18
N CYS F 215 5.74 35.25 -3.38
CA CYS F 215 4.36 35.01 -3.78
C CYS F 215 3.60 36.32 -3.93
N ALA F 216 3.86 37.27 -3.04
CA ALA F 216 3.27 38.61 -3.17
C ALA F 216 3.81 39.31 -4.41
N GLU F 217 5.10 39.14 -4.73
CA GLU F 217 5.63 39.77 -5.92
C GLU F 217 5.04 39.14 -7.18
N PHE F 218 4.86 37.82 -7.16
CA PHE F 218 4.18 37.10 -8.23
C PHE F 218 2.78 37.68 -8.50
N GLN F 219 1.96 37.77 -7.46
CA GLN F 219 0.59 38.25 -7.62
C GLN F 219 0.56 39.72 -8.02
N LYS F 220 1.51 40.52 -7.51
CA LYS F 220 1.62 41.91 -7.94
C LYS F 220 1.87 42.00 -9.44
N ALA F 221 2.89 41.27 -9.93
CA ALA F 221 3.18 41.31 -11.36
C ALA F 221 1.95 40.95 -12.19
N ILE F 222 1.17 39.96 -11.73
CA ILE F 222 -0.06 39.61 -12.43
C ILE F 222 -1.03 40.79 -12.40
N SER F 223 -1.33 41.25 -11.18
CA SER F 223 -2.28 42.33 -10.98
C SER F 223 -1.96 43.55 -11.84
N GLU F 224 -0.67 43.84 -12.03
CA GLU F 224 -0.26 44.94 -12.89
C GLU F 224 -0.15 44.54 -14.35
N GLY F 225 -0.62 43.34 -14.71
CA GLY F 225 -0.65 42.89 -16.08
C GLY F 225 0.69 42.69 -16.74
N ASP F 226 1.75 42.50 -15.96
CA ASP F 226 3.09 42.22 -16.50
C ASP F 226 3.25 40.71 -16.51
N TYR F 227 2.78 40.08 -17.59
CA TYR F 227 2.58 38.64 -17.61
C TYR F 227 3.85 37.88 -17.97
N ARG F 228 4.74 38.51 -18.73
CA ARG F 228 6.07 37.94 -18.94
C ARG F 228 6.82 37.77 -17.62
N GLN F 229 6.66 38.70 -16.67
CA GLN F 229 7.41 38.59 -15.42
C GLN F 229 6.73 37.67 -14.43
N ALA F 230 5.39 37.63 -14.42
CA ALA F 230 4.68 36.61 -13.66
C ALA F 230 5.08 35.21 -14.09
N LEU F 231 5.44 35.03 -15.37
CA LEU F 231 5.90 33.73 -15.85
C LEU F 231 7.31 33.41 -15.33
N GLU F 232 8.20 34.40 -15.29
CA GLU F 232 9.50 34.19 -14.66
C GLU F 232 9.32 33.77 -13.20
N TYR F 233 8.40 34.43 -12.49
CA TYR F 233 8.14 34.09 -11.09
C TYR F 233 7.54 32.69 -10.98
N GLN F 234 6.61 32.35 -11.88
CA GLN F 234 6.03 31.00 -11.90
C GLN F 234 7.13 29.95 -12.01
N ASP F 235 8.07 30.16 -12.93
CA ASP F 235 9.13 29.16 -13.13
C ASP F 235 10.01 29.03 -11.89
N LYS F 236 10.19 30.11 -11.12
CA LYS F 236 10.94 29.99 -9.87
C LYS F 236 10.12 29.28 -8.80
N LEU F 237 8.81 29.56 -8.75
CA LEU F 237 7.99 29.05 -7.66
C LEU F 237 7.43 27.66 -7.92
N PHE F 238 7.20 27.29 -9.18
CA PHE F 238 6.60 25.99 -9.47
C PHE F 238 7.26 24.84 -8.72
N PRO F 239 8.60 24.65 -8.78
CA PRO F 239 9.17 23.48 -8.09
C PRO F 239 8.91 23.51 -6.60
N LEU F 240 8.83 24.69 -5.98
CA LEU F 240 8.50 24.73 -4.55
C LEU F 240 7.04 24.34 -4.32
N HIS F 241 6.12 24.96 -5.07
CA HIS F 241 4.73 24.52 -5.09
C HIS F 241 4.64 22.99 -5.08
N GLN F 242 5.25 22.39 -6.10
CA GLN F 242 5.14 20.95 -6.29
C GLN F 242 5.76 20.19 -5.11
N ALA F 243 6.92 20.65 -4.64
CA ALA F 243 7.64 19.89 -3.63
C ALA F 243 6.90 19.88 -2.30
N LEU F 244 6.11 20.91 -2.03
CA LEU F 244 5.41 21.02 -0.76
C LEU F 244 4.20 20.09 -0.66
N PHE F 245 3.80 19.40 -1.74
CA PHE F 245 2.73 18.42 -1.62
C PHE F 245 3.15 17.03 -2.14
N ILE F 246 4.45 16.76 -2.22
CA ILE F 246 4.88 15.36 -2.37
C ILE F 246 4.34 14.53 -1.22
N GLU F 247 4.43 15.06 -0.02
CA GLU F 247 3.82 14.51 1.18
C GLU F 247 2.83 15.57 1.67
N PRO F 248 1.96 15.28 2.62
CA PRO F 248 1.01 16.30 3.09
C PRO F 248 1.69 17.65 3.36
N SER F 249 1.12 18.70 2.77
CA SER F 249 1.79 20.00 2.78
C SER F 249 1.82 20.65 4.15
N ILE F 250 0.90 20.28 5.05
CA ILE F 250 0.99 20.73 6.43
C ILE F 250 2.37 20.38 7.01
N SER F 251 2.72 19.10 6.95
CA SER F 251 4.02 18.65 7.42
C SER F 251 5.15 19.34 6.67
N SER F 252 5.03 19.43 5.35
CA SER F 252 6.10 19.96 4.53
C SER F 252 6.34 21.43 4.80
N VAL F 253 5.26 22.21 4.93
CA VAL F 253 5.40 23.64 5.17
C VAL F 253 6.15 23.89 6.49
N LYS F 254 5.79 23.16 7.55
CA LYS F 254 6.44 23.37 8.83
C LYS F 254 7.90 22.91 8.79
N TYR F 255 8.21 21.87 8.01
CA TYR F 255 9.61 21.52 7.78
C TYR F 255 10.35 22.68 7.13
N ALA F 256 9.80 23.23 6.05
CA ALA F 256 10.47 24.31 5.34
C ALA F 256 10.66 25.53 6.26
N LEU F 257 9.60 25.89 7.00
CA LEU F 257 9.68 27.07 7.88
C LEU F 257 10.75 26.87 8.95
N SER F 258 10.80 25.67 9.54
CA SER F 258 11.84 25.37 10.53
C SER F 258 13.21 25.48 9.90
N ARG F 259 13.39 24.90 8.69
CA ARG F 259 14.68 24.96 8.02
C ARG F 259 15.14 26.40 7.82
N LEU F 260 14.22 27.28 7.42
CA LEU F 260 14.55 28.68 7.16
C LEU F 260 14.85 29.47 8.43
N GLY F 261 14.57 28.90 9.59
CA GLY F 261 14.88 29.56 10.85
C GLY F 261 13.71 30.22 11.54
N ARG F 262 12.51 30.10 11.00
CA ARG F 262 11.33 30.65 11.64
C ARG F 262 11.04 29.86 12.92
N ASN F 263 10.51 30.56 13.93
CA ASN F 263 10.23 29.91 15.22
C ASN F 263 8.94 29.10 15.08
N VAL F 264 9.05 27.95 14.40
CA VAL F 264 7.92 27.06 14.13
C VAL F 264 8.37 25.63 14.39
N SER F 265 7.70 24.94 15.32
CA SER F 265 8.03 23.54 15.53
C SER F 265 7.49 22.66 14.40
N LEU F 266 8.05 21.46 14.30
CA LEU F 266 7.64 20.47 13.33
C LEU F 266 6.34 19.77 13.71
N VAL F 267 5.82 20.01 14.91
CA VAL F 267 4.73 19.20 15.46
C VAL F 267 3.48 19.43 14.63
N VAL F 268 2.82 18.34 14.26
CA VAL F 268 1.52 18.32 13.60
C VAL F 268 0.66 17.33 14.38
N ARG F 269 -0.61 17.25 14.02
CA ARG F 269 -1.53 16.38 14.75
C ARG F 269 -1.93 15.19 13.89
N ALA F 270 -1.90 14.00 14.50
CA ALA F 270 -2.28 12.79 13.80
C ALA F 270 -3.70 12.98 13.29
N PRO F 271 -4.02 12.51 12.09
CA PRO F 271 -3.23 11.58 11.25
C PRO F 271 -2.14 12.23 10.40
N MET F 272 -1.86 13.53 10.54
CA MET F 272 -0.66 14.09 9.98
C MET F 272 0.55 13.63 10.79
N VAL F 273 1.68 13.45 10.14
CA VAL F 273 2.94 13.11 10.81
C VAL F 273 4.05 14.01 10.28
N SER F 274 4.97 14.40 11.15
CA SER F 274 6.01 15.35 10.70
C SER F 274 7.15 14.65 9.97
N ILE F 275 7.40 13.38 10.25
CA ILE F 275 8.53 12.69 9.61
C ILE F 275 8.32 12.66 8.11
N LEU F 276 9.26 13.22 7.36
CA LEU F 276 9.26 13.25 5.91
C LEU F 276 10.35 12.32 5.37
N GLU F 277 10.14 11.79 4.16
CA GLU F 277 11.20 11.00 3.53
C GLU F 277 12.36 11.91 3.14
N LYS F 278 13.58 11.34 3.17
CA LYS F 278 14.75 12.13 2.79
C LYS F 278 14.59 12.72 1.39
N GLU F 279 14.04 11.93 0.46
CA GLU F 279 13.88 12.41 -0.90
C GLU F 279 12.93 13.62 -0.95
N THR F 280 11.93 13.63 -0.09
CA THR F 280 11.02 14.78 0.01
C THR F 280 11.75 16.01 0.56
N MET F 281 12.45 15.86 1.69
CA MET F 281 13.22 16.98 2.24
C MET F 281 14.19 17.52 1.20
N PHE F 282 14.86 16.63 0.46
CA PHE F 282 15.79 17.05 -0.56
C PHE F 282 15.10 17.90 -1.63
N ALA F 283 13.95 17.43 -2.15
CA ALA F 283 13.25 18.22 -3.15
C ALA F 283 12.89 19.59 -2.60
N ILE F 284 12.41 19.64 -1.37
CA ILE F 284 12.03 20.92 -0.77
C ILE F 284 13.27 21.81 -0.65
N ASP F 285 14.36 21.25 -0.11
CA ASP F 285 15.59 22.02 0.04
C ASP F 285 16.05 22.60 -1.30
N GLN F 286 16.06 21.78 -2.35
CA GLN F 286 16.54 22.25 -3.64
C GLN F 286 15.66 23.38 -4.17
N ALA F 287 14.33 23.26 -4.01
CA ALA F 287 13.44 24.31 -4.48
C ALA F 287 13.62 25.58 -3.65
N LEU F 288 13.79 25.44 -2.33
CA LEU F 288 14.05 26.62 -1.51
C LEU F 288 15.33 27.32 -1.96
N ASP F 289 16.38 26.55 -2.22
CA ASP F 289 17.68 27.12 -2.56
C ASP F 289 17.67 27.72 -3.96
N HIS F 290 16.92 27.12 -4.89
CA HIS F 290 16.79 27.69 -6.24
C HIS F 290 16.22 29.11 -6.22
N ILE F 291 15.37 29.41 -5.22
CA ILE F 291 14.76 30.72 -5.13
C ILE F 291 15.69 31.68 -4.40
N GLY F 292 16.36 31.19 -3.36
CA GLY F 292 17.33 31.95 -2.61
C GLY F 292 16.85 32.31 -1.22
N LEU F 293 16.06 31.44 -0.59
CA LEU F 293 15.37 31.79 0.64
C LEU F 293 16.18 31.55 1.92
N CYS F 294 17.30 30.85 1.87
CA CYS F 294 18.10 30.60 3.06
C CYS F 294 18.93 31.82 3.44
N ALA F 295 18.90 32.19 4.72
CA ALA F 295 19.62 33.38 5.16
C ALA F 295 21.13 33.16 5.09
N GLY F 296 21.63 32.15 5.78
CA GLY F 296 23.04 31.81 5.71
C GLY F 296 23.38 30.98 4.49
#